data_7Z9C
#
_entry.id   7Z9C
#
_cell.length_a   1.00
_cell.length_b   1.00
_cell.length_c   1.00
_cell.angle_alpha   90.00
_cell.angle_beta   90.00
_cell.angle_gamma   90.00
#
_symmetry.space_group_name_H-M   'P 1'
#
loop_
_entity.id
_entity.type
_entity.pdbx_description
1 polymer 'DNA gyrase subunit A'
2 polymer 'DNA gyrase subunit B'
3 polymer "DNA (5'-D(P*AP*AP*AP*TP*CP*TP*GP*TP*GP*CP*GP*GP*GP*T)-3')"
4 polymer "DNA (5'-D(P*AP*GP*AP*AP*TP*CP*AP*GP*GP*CP*AP*TP*AP*A)-3')"
5 polymer "DNA (5'-D(*AP*AP*TP*CP*AP*CP*CP*CP*GP*CP*AP*CP*AP*GP*AP*TP*TP*T)-3')"
6 polymer "DNA (5'-D(*GP*AP*TP*TP*TP*TP*AP*TP*GP*CP*CP*TP*GP*AP*TP*TP*CP*T)-3')"
7 non-polymer 'MAGNESIUM ION'
8 non-polymer albicidin
9 water water
#
loop_
_entity_poly.entity_id
_entity_poly.type
_entity_poly.pdbx_seq_one_letter_code
_entity_poly.pdbx_strand_id
1 'polypeptide(L)'
;SSDLAREITPVNIEEELKSSYLDYAMSVIVGRALPDVRDGLKPVHRRVLYAMNVLGNDWNKAYKKSARVVGDVIGKYHPH
GDSAVYDTIVRMAQPFSLRYMLVDGQGNFGSIDGDSAAAMR(PTR)TEIRLAKIAHELMADLEKETVDFVDNYDGTEKIP
DVMPTKIPNLLVNGSSGIAVGMATNIPPHNLTEVINGCLAYIDDEDISIEGLMEHIPGPDFPTAAIINGRRGIEEAYRTG
RGKVYIRARAEVEVDAKTGRETIIVHEIPYQVNKARLIEKIAELVKEKRVEGISALRDESDKDGMRIVIEVKRDAVGEVV
LNNLYSQTQLQVSFGINMVALHHGQPKIMNLKDIIAAFVRHRREVVTRRTIFELRKARDRAHILEALAVALANIDPIIEL
IRHAPTPAEAKTALVANPWQLGNVAAMLERAGDDAARPEWLEPEFGVRDGLYYLTEQQAQAILDLRLQKLTGLEHEKLLD
EYKELLDQIAELLRILGSADRLMEVIREELELVREQFGDKRRTEITANSADINLEDLITQEDVVVTLSHQGYVKYQPLSE
YEAQRRGGKGKSAARIKEEDFIDRLLVANTHDHILCFSSRGRVYSMKVYQLPEATRGARGRPIVNLLPLEQDERITAILP
VTEFEEGVKVFMATANGTVKKTVLTEFNRLRTAGKVAIKLVDGDELIGVDLTSGEDEVMLFSAEGKVVRFKESSVRAMGC
NTTGVRGIRLGEGDKVVSLIVPRGDGAILTATQNGYGKRTAVAEYPTKSRATKGVISIKVTERNGLVVGAVQVDDCDQIM
MITDAGTLVRTRVSEISIVGRNTQGVILIRTAEDENVVGLQRVAEPVDEEDLDTIDGSAAEGDDEIAPEVDVDDEPEEEL
EVLFQ
;
A,C
2 'polypeptide(L)'
;GPSNSYDSSSIKVLKGLDAVRKRPGMYIGDTDDGTGLHHMVFEVVDNAIDEALAGHCKEIIVTIHADNSVSVQDDGRGIP
TGIHPEEGVSAAEVIMTVLHAGGKFDDNSYKVSGGLHGVGVSVVNALSQKLELVIQREGKIHRQIYEHGVPQAPLAVTGE
TEKTGTMVRFWPSLETFTNVTEFEYEILAKRLRELSFLNSGVSIRLRDKRDGKEDHFHYEGGIKAFVEYLNKNKTPIHPN
IFYFSTEKDGIGVEVALQWNDGFQENIYCFTNNIPQRDGGTHLAGFRAAMTRTLNAYMDKEGYSKKAKVSATGDDAREGL
IAVVSVKVPDPKFSSQTKDKLVSSEVKSAVEQQMNELLAEYLLENPTDAKIVVGKIIDAARAREAARRAREMTRRKGALD
LAGLPGKLADCQERDPALSELYLVEGDSAGGSAKQGRNRKNQAILPLKGKILNVEKARFDKMLSSQEVATLITALGCGIG
RDEYNPDKLRYHSIIIMTDADVDGSHIRTLLLTFFYRQMPEIVERGHVYIAQPPLYKVKKGKQEQYIKDDEAMDQYQISI
ALDGATLHTNASAPALAGEALEKLVSEYNATQKMINRMERRYPKAMLKELIYQPTLTEADLSDEQTVTRWVNALVSELND
KEQHGSQWKFDVHTNAEQNLFEPIVRVRTHGVDTDYPLDHEFITGGEYRRICTLGEKLRGLLEEDAFIERGERRQPVASF
EQALDWLVKESRRGLSIQRYKGLGEMNPEQLWETTMDPESRRMLRVTVKDAIAADQLFTTLMGDAVEPRRAFIEENALKA
ANIDIENLYFQ
;
B,D
3 'polydeoxyribonucleotide' (DA)(DA)(DA)(DT)(DC)(DT)(DG)(DT)(DG)(DC)(DG)(DG)(DG)(DT) E
4 'polydeoxyribonucleotide' (DA)(DG)(DA)(DA)(DT)(DC)(DA)(DG)(DG)(DC)(DA)(DT)(DA)(DA) F
5 'polydeoxyribonucleotide' (DA)(DA)(DT)(DC)(DA)(DC)(DC)(DC)(DG)(DC)(DA)(DC)(DA)(DG)(DA)(DT)(DT)(DT) G
6 'polydeoxyribonucleotide' (DG)(DA)(DT)(DT)(DT)(DT)(DA)(DT)(DG)(DC)(DC)(DT)(DG)(DA)(DT)(DT)(DC)(DT) H
#
# COMPACT_ATOMS: atom_id res chain seq x y z
N ILE A 8 -30.62 13.48 -34.00
CA ILE A 8 -31.39 12.24 -34.00
C ILE A 8 -31.16 11.51 -35.31
N THR A 9 -30.71 10.25 -35.20
CA THR A 9 -30.42 9.40 -36.34
C THR A 9 -31.05 8.03 -36.09
N PRO A 10 -31.79 7.46 -37.04
CA PRO A 10 -32.49 6.20 -36.74
C PRO A 10 -31.54 5.03 -36.69
N VAL A 11 -32.00 3.95 -36.05
CA VAL A 11 -31.24 2.71 -35.97
C VAL A 11 -32.21 1.55 -35.78
N ASN A 12 -32.04 0.49 -36.56
CA ASN A 12 -32.88 -0.68 -36.42
C ASN A 12 -32.53 -1.44 -35.15
N ILE A 13 -33.54 -2.06 -34.54
CA ILE A 13 -33.34 -2.74 -33.26
C ILE A 13 -32.47 -3.99 -33.44
N GLU A 14 -32.61 -4.69 -34.56
CA GLU A 14 -31.91 -5.96 -34.75
C GLU A 14 -30.40 -5.76 -34.76
N GLU A 15 -29.93 -4.74 -35.48
CA GLU A 15 -28.49 -4.49 -35.55
C GLU A 15 -27.93 -4.12 -34.18
N GLU A 16 -28.64 -3.28 -33.43
CA GLU A 16 -28.17 -2.89 -32.11
C GLU A 16 -28.08 -4.09 -31.19
N LEU A 17 -29.14 -4.92 -31.16
CA LEU A 17 -29.13 -6.11 -30.32
C LEU A 17 -27.98 -7.04 -30.69
N LYS A 18 -27.82 -7.30 -31.99
CA LYS A 18 -26.79 -8.23 -32.43
C LYS A 18 -25.39 -7.73 -32.04
N SER A 19 -25.10 -6.46 -32.34
CA SER A 19 -23.78 -5.93 -32.05
C SER A 19 -23.48 -5.94 -30.56
N SER A 20 -24.43 -5.46 -29.74
CA SER A 20 -24.18 -5.40 -28.31
C SER A 20 -23.99 -6.78 -27.70
N TYR A 21 -24.87 -7.74 -28.05
CA TYR A 21 -24.78 -9.06 -27.44
C TYR A 21 -23.53 -9.79 -27.89
N LEU A 22 -23.16 -9.68 -29.17
CA LEU A 22 -21.94 -10.33 -29.64
C LEU A 22 -20.71 -9.74 -28.95
N ASP A 23 -20.69 -8.41 -28.79
CA ASP A 23 -19.57 -7.77 -28.09
C ASP A 23 -19.43 -8.31 -26.67
N TYR A 24 -20.54 -8.34 -25.92
CA TYR A 24 -20.50 -8.82 -24.56
C TYR A 24 -20.05 -10.28 -24.49
N ALA A 25 -20.62 -11.14 -25.34
CA ALA A 25 -20.32 -12.56 -25.28
C ALA A 25 -18.86 -12.82 -25.62
N MET A 26 -18.37 -12.23 -26.70
CA MET A 26 -16.98 -12.46 -27.09
C MET A 26 -16.01 -11.89 -26.06
N SER A 27 -16.37 -10.80 -25.39
CA SER A 27 -15.49 -10.28 -24.35
C SER A 27 -15.47 -11.19 -23.13
N VAL A 28 -16.62 -11.78 -22.77
CA VAL A 28 -16.68 -12.64 -21.59
C VAL A 28 -15.98 -13.97 -21.84
N ILE A 29 -16.05 -14.50 -23.07
CA ILE A 29 -15.49 -15.83 -23.33
C ILE A 29 -13.97 -15.82 -23.12
N VAL A 30 -13.28 -14.82 -23.66
CA VAL A 30 -11.82 -14.75 -23.60
C VAL A 30 -11.33 -13.70 -22.62
N GLY A 31 -12.20 -13.21 -21.73
CA GLY A 31 -11.85 -12.13 -20.81
C GLY A 31 -12.07 -12.43 -19.35
N ARG A 32 -13.03 -13.32 -19.02
CA ARG A 32 -13.38 -13.61 -17.63
C ARG A 32 -13.17 -15.07 -17.24
N ALA A 33 -13.76 -16.00 -18.00
CA ALA A 33 -14.11 -17.32 -17.46
C ALA A 33 -13.10 -18.41 -17.79
N LEU A 34 -12.85 -18.65 -19.07
CA LEU A 34 -12.06 -19.81 -19.45
C LEU A 34 -10.58 -19.60 -19.08
N PRO A 35 -9.85 -20.67 -18.74
CA PRO A 35 -8.43 -20.52 -18.42
C PRO A 35 -7.54 -20.71 -19.64
N ASP A 36 -6.26 -20.37 -19.46
CA ASP A 36 -5.24 -20.56 -20.49
C ASP A 36 -4.60 -21.93 -20.29
N VAL A 37 -4.44 -22.65 -21.40
CA VAL A 37 -3.96 -24.03 -21.31
C VAL A 37 -2.51 -24.08 -20.82
N ARG A 38 -1.70 -23.08 -21.16
CA ARG A 38 -0.28 -23.17 -20.87
C ARG A 38 0.01 -23.11 -19.37
N ASP A 39 -0.69 -22.24 -18.63
CA ASP A 39 -0.49 -22.09 -17.20
C ASP A 39 -1.76 -22.23 -16.36
N GLY A 40 -2.93 -22.36 -16.98
CA GLY A 40 -4.13 -22.65 -16.22
C GLY A 40 -4.56 -21.57 -15.25
N LEU A 41 -4.45 -20.31 -15.65
CA LEU A 41 -4.83 -19.17 -14.83
C LEU A 41 -5.75 -18.24 -15.61
N LYS A 42 -6.78 -17.74 -14.94
CA LYS A 42 -7.60 -16.69 -15.50
C LYS A 42 -6.89 -15.35 -15.35
N PRO A 43 -7.34 -14.30 -16.08
CA PRO A 43 -6.62 -13.01 -16.00
C PRO A 43 -6.53 -12.43 -14.60
N VAL A 44 -7.57 -12.58 -13.77
CA VAL A 44 -7.55 -11.99 -12.45
C VAL A 44 -6.49 -12.64 -11.57
N HIS A 45 -6.35 -13.96 -11.65
CA HIS A 45 -5.31 -14.65 -10.87
C HIS A 45 -3.92 -14.17 -11.28
N ARG A 46 -3.70 -14.07 -12.60
CA ARG A 46 -2.40 -13.64 -13.10
C ARG A 46 -2.08 -12.23 -12.63
N ARG A 47 -3.06 -11.31 -12.72
CA ARG A 47 -2.82 -9.94 -12.29
C ARG A 47 -2.56 -9.85 -10.79
N VAL A 48 -3.30 -10.62 -9.99
CA VAL A 48 -3.10 -10.58 -8.54
C VAL A 48 -1.71 -11.09 -8.18
N LEU A 49 -1.30 -12.21 -8.78
CA LEU A 49 0.03 -12.75 -8.48
C LEU A 49 1.13 -11.81 -8.93
N TYR A 50 0.97 -11.21 -10.11
CA TYR A 50 1.98 -10.26 -10.59
C TYR A 50 2.09 -9.04 -9.67
N ALA A 51 0.94 -8.52 -9.23
CA ALA A 51 0.97 -7.36 -8.34
C ALA A 51 1.64 -7.71 -7.01
N MET A 52 1.34 -8.89 -6.47
CA MET A 52 2.02 -9.30 -5.24
C MET A 52 3.51 -9.48 -5.45
N ASN A 53 3.91 -9.95 -6.64
CA ASN A 53 5.34 -10.11 -6.91
C ASN A 53 6.04 -8.76 -7.00
N VAL A 54 5.41 -7.76 -7.61
CA VAL A 54 6.06 -6.46 -7.79
C VAL A 54 6.27 -5.78 -6.45
N LEU A 55 5.34 -5.95 -5.51
CA LEU A 55 5.48 -5.34 -4.19
C LEU A 55 6.59 -5.95 -3.35
N GLY A 56 7.18 -7.06 -3.77
CA GLY A 56 8.17 -7.72 -2.94
C GLY A 56 7.58 -8.40 -1.72
N ASN A 57 6.43 -9.06 -1.88
CA ASN A 57 5.73 -9.72 -0.79
C ASN A 57 6.09 -11.20 -0.80
N ASP A 58 7.36 -11.49 -0.48
CA ASP A 58 7.92 -12.82 -0.63
C ASP A 58 7.39 -13.75 0.46
N TRP A 59 7.85 -15.00 0.41
CA TRP A 59 7.37 -16.06 1.30
C TRP A 59 8.13 -16.13 2.63
N ASN A 60 9.17 -15.32 2.82
CA ASN A 60 9.97 -15.31 4.04
C ASN A 60 10.19 -13.88 4.51
N LYS A 61 9.12 -13.09 4.52
CA LYS A 61 9.14 -11.73 5.01
C LYS A 61 7.85 -11.47 5.78
N ALA A 62 7.72 -10.26 6.31
CA ALA A 62 6.56 -9.91 7.11
C ALA A 62 5.29 -9.91 6.26
N TYR A 63 4.16 -10.14 6.92
CA TYR A 63 2.87 -10.13 6.24
C TYR A 63 2.49 -8.70 5.84
N LYS A 64 1.48 -8.60 4.98
CA LYS A 64 0.89 -7.32 4.58
C LYS A 64 -0.62 -7.42 4.66
N LYS A 65 -1.26 -6.29 4.92
CA LYS A 65 -2.72 -6.24 4.99
C LYS A 65 -3.33 -6.56 3.63
N SER A 66 -4.54 -7.12 3.66
CA SER A 66 -5.24 -7.42 2.42
C SER A 66 -5.64 -6.16 1.66
N ALA A 67 -5.98 -5.09 2.39
CA ALA A 67 -6.42 -3.86 1.75
C ALA A 67 -5.30 -3.25 0.90
N ARG A 68 -4.05 -3.38 1.34
CA ARG A 68 -2.92 -2.91 0.54
C ARG A 68 -2.90 -3.56 -0.84
N VAL A 69 -2.97 -4.89 -0.87
CA VAL A 69 -2.89 -5.61 -2.14
C VAL A 69 -4.12 -5.33 -2.99
N VAL A 70 -5.31 -5.32 -2.37
CA VAL A 70 -6.53 -5.11 -3.15
C VAL A 70 -6.53 -3.71 -3.77
N GLY A 71 -6.15 -2.69 -2.99
CA GLY A 71 -6.08 -1.36 -3.54
C GLY A 71 -5.05 -1.22 -4.65
N ASP A 72 -3.88 -1.86 -4.47
CA ASP A 72 -2.85 -1.81 -5.51
C ASP A 72 -3.36 -2.44 -6.80
N VAL A 73 -3.98 -3.61 -6.70
CA VAL A 73 -4.46 -4.30 -7.89
C VAL A 73 -5.54 -3.50 -8.59
N ILE A 74 -6.50 -2.97 -7.83
CA ILE A 74 -7.60 -2.24 -8.46
C ILE A 74 -7.10 -0.95 -9.09
N GLY A 75 -6.20 -0.24 -8.41
CA GLY A 75 -5.71 1.01 -8.96
C GLY A 75 -4.85 0.81 -10.20
N LYS A 76 -4.05 -0.26 -10.23
CA LYS A 76 -3.03 -0.41 -11.26
C LYS A 76 -3.49 -1.23 -12.47
N TYR A 77 -4.08 -2.40 -12.25
CA TYR A 77 -4.26 -3.40 -13.30
C TYR A 77 -5.71 -3.78 -13.58
N HIS A 78 -6.54 -3.94 -12.56
CA HIS A 78 -7.86 -4.56 -12.69
C HIS A 78 -8.97 -3.56 -12.41
N PRO A 79 -9.64 -2.98 -13.44
CA PRO A 79 -10.69 -1.97 -13.15
C PRO A 79 -12.08 -2.58 -12.97
N HIS A 80 -12.30 -3.23 -11.84
CA HIS A 80 -13.58 -3.86 -11.52
C HIS A 80 -13.85 -3.68 -10.03
N GLY A 81 -14.89 -4.36 -9.53
CA GLY A 81 -15.25 -4.22 -8.14
C GLY A 81 -14.26 -4.90 -7.22
N ASP A 82 -14.29 -4.50 -5.95
CA ASP A 82 -13.33 -4.98 -4.96
C ASP A 82 -13.79 -6.25 -4.26
N SER A 83 -15.10 -6.49 -4.18
CA SER A 83 -15.59 -7.73 -3.58
C SER A 83 -15.10 -8.94 -4.37
N ALA A 84 -15.15 -8.87 -5.70
CA ALA A 84 -14.68 -9.97 -6.52
C ALA A 84 -13.19 -10.22 -6.31
N VAL A 85 -12.39 -9.16 -6.24
CA VAL A 85 -10.96 -9.32 -6.05
C VAL A 85 -10.67 -9.96 -4.69
N TYR A 86 -11.35 -9.49 -3.65
CA TYR A 86 -11.09 -10.05 -2.32
C TYR A 86 -11.54 -11.49 -2.22
N ASP A 87 -12.67 -11.84 -2.84
CA ASP A 87 -13.11 -13.23 -2.83
C ASP A 87 -12.14 -14.12 -3.60
N THR A 88 -11.61 -13.63 -4.72
CA THR A 88 -10.60 -14.38 -5.46
C THR A 88 -9.36 -14.61 -4.61
N ILE A 89 -8.92 -13.59 -3.87
CA ILE A 89 -7.75 -13.75 -3.01
C ILE A 89 -8.05 -14.76 -1.90
N VAL A 90 -9.25 -14.71 -1.33
CA VAL A 90 -9.58 -15.58 -0.21
C VAL A 90 -9.66 -17.03 -0.64
N ARG A 91 -10.19 -17.29 -1.83
CA ARG A 91 -10.37 -18.68 -2.26
C ARG A 91 -9.04 -19.41 -2.43
N MET A 92 -7.98 -18.68 -2.80
CA MET A 92 -6.70 -19.33 -3.08
C MET A 92 -5.92 -19.69 -1.82
N ALA A 93 -6.38 -19.28 -0.63
CA ALA A 93 -5.68 -19.52 0.62
C ALA A 93 -6.31 -20.59 1.49
N GLN A 94 -7.35 -21.29 1.00
CA GLN A 94 -8.10 -22.26 1.80
C GLN A 94 -7.59 -23.67 1.55
N PRO A 95 -7.18 -24.45 2.57
CA PRO A 95 -6.67 -25.80 2.27
C PRO A 95 -7.69 -26.75 1.70
N PHE A 96 -8.99 -26.46 1.82
CA PHE A 96 -10.05 -27.35 1.36
C PHE A 96 -10.65 -26.94 0.03
N SER A 97 -10.00 -26.04 -0.71
CA SER A 97 -10.41 -25.60 -2.04
C SER A 97 -9.38 -25.89 -3.11
N LEU A 98 -8.10 -25.65 -2.82
CA LEU A 98 -7.01 -25.89 -3.76
C LEU A 98 -6.12 -27.02 -3.24
N ARG A 99 -5.66 -27.86 -4.16
CA ARG A 99 -4.78 -28.96 -3.77
C ARG A 99 -3.43 -28.43 -3.29
N TYR A 100 -2.91 -27.39 -3.93
CA TYR A 100 -1.66 -26.74 -3.55
C TYR A 100 -1.93 -25.24 -3.45
N MET A 101 -2.02 -24.72 -2.23
CA MET A 101 -2.40 -23.33 -2.03
C MET A 101 -1.32 -22.40 -2.57
N LEU A 102 -1.75 -21.28 -3.15
CA LEU A 102 -0.86 -20.28 -3.72
C LEU A 102 -0.71 -19.03 -2.86
N VAL A 103 -1.38 -18.97 -1.71
CA VAL A 103 -1.32 -17.82 -0.82
C VAL A 103 -1.24 -18.33 0.62
N ASP A 104 -0.43 -17.66 1.43
CA ASP A 104 -0.27 -17.97 2.85
C ASP A 104 -0.98 -16.88 3.64
N GLY A 105 -2.11 -17.24 4.26
CA GLY A 105 -2.96 -16.26 4.94
C GLY A 105 -2.89 -16.35 6.45
N GLN A 106 -3.23 -15.26 7.12
CA GLN A 106 -3.25 -15.18 8.58
C GLN A 106 -4.49 -14.40 8.99
N GLY A 107 -5.30 -15.01 9.86
CA GLY A 107 -6.56 -14.44 10.28
C GLY A 107 -7.67 -15.47 10.21
N ASN A 108 -8.89 -15.03 9.89
CA ASN A 108 -10.06 -15.90 9.78
C ASN A 108 -10.43 -15.98 8.30
N PHE A 109 -10.12 -17.12 7.67
CA PHE A 109 -10.38 -17.36 6.26
C PHE A 109 -11.47 -18.41 6.04
N GLY A 110 -12.27 -18.72 7.06
CA GLY A 110 -13.35 -19.68 6.92
C GLY A 110 -12.92 -21.10 7.22
N SER A 111 -13.93 -21.97 7.33
CA SER A 111 -13.76 -23.37 7.69
C SER A 111 -14.50 -24.24 6.69
N ILE A 112 -14.38 -25.56 6.87
CA ILE A 112 -15.01 -26.50 5.96
C ILE A 112 -16.53 -26.48 6.05
N ASP A 113 -17.08 -25.89 7.12
CA ASP A 113 -18.53 -25.74 7.25
C ASP A 113 -19.09 -24.58 6.44
N GLY A 114 -18.25 -23.86 5.70
CA GLY A 114 -18.73 -22.73 4.92
C GLY A 114 -19.29 -21.62 5.78
N ASP A 115 -18.50 -21.19 6.77
CA ASP A 115 -19.01 -20.21 7.74
C ASP A 115 -18.95 -18.79 7.17
N SER A 116 -17.73 -18.27 6.98
CA SER A 116 -17.54 -16.90 6.54
C SER A 116 -16.07 -16.55 6.48
N ALA A 117 -15.75 -15.35 6.00
CA ALA A 117 -14.41 -14.79 6.07
C ALA A 117 -14.51 -13.35 6.53
N ALA A 118 -13.58 -12.93 7.39
CA ALA A 118 -13.61 -11.58 7.91
C ALA A 118 -13.32 -10.57 6.81
N ALA A 119 -13.57 -9.29 7.11
CA ALA A 119 -13.42 -8.23 6.13
C ALA A 119 -11.93 -8.03 5.79
N MET A 120 -11.68 -7.06 4.91
CA MET A 120 -10.30 -6.81 4.48
C MET A 120 -9.43 -6.31 5.63
N ARG A 121 -9.99 -5.50 6.52
CA ARG A 121 -9.21 -4.84 7.56
C ARG A 121 -8.86 -5.75 8.74
N THR A 123 -7.49 -9.13 8.24
CA THR A 123 -6.72 -10.29 7.74
C THR A 123 -5.41 -9.87 7.07
N GLU A 124 -4.50 -10.83 6.91
CA GLU A 124 -3.19 -10.59 6.30
C GLU A 124 -2.84 -11.74 5.37
N ILE A 125 -1.95 -11.46 4.40
CA ILE A 125 -1.62 -12.44 3.37
C ILE A 125 -0.17 -12.23 2.93
N ARG A 126 0.42 -13.30 2.38
CA ARG A 126 1.68 -13.21 1.64
C ARG A 126 1.74 -14.37 0.65
N LEU A 127 2.79 -14.38 -0.15
CA LEU A 127 2.96 -15.41 -1.17
C LEU A 127 3.40 -16.73 -0.55
N ALA A 128 3.08 -17.82 -1.24
CA ALA A 128 3.50 -19.16 -0.84
C ALA A 128 4.79 -19.53 -1.55
N LYS A 129 5.44 -20.59 -1.04
CA LYS A 129 6.72 -21.00 -1.61
C LYS A 129 6.55 -21.57 -3.01
N ILE A 130 5.50 -22.35 -3.24
CA ILE A 130 5.29 -22.93 -4.55
C ILE A 130 4.94 -21.87 -5.57
N ALA A 131 4.31 -20.77 -5.14
CA ALA A 131 3.93 -19.70 -6.06
C ALA A 131 5.12 -19.03 -6.69
N HIS A 132 6.32 -19.15 -6.10
CA HIS A 132 7.53 -18.62 -6.72
C HIS A 132 8.02 -19.49 -7.86
N GLU A 133 7.53 -20.72 -8.00
CA GLU A 133 7.91 -21.55 -9.14
C GLU A 133 7.17 -21.15 -10.40
N LEU A 134 5.95 -20.62 -10.27
CA LEU A 134 5.20 -20.18 -11.44
C LEU A 134 5.89 -19.00 -12.13
N MET A 135 6.45 -18.09 -11.34
CA MET A 135 7.04 -16.84 -11.85
C MET A 135 8.56 -16.90 -11.85
N ALA A 136 9.14 -18.06 -12.16
CA ALA A 136 10.59 -18.20 -12.19
C ALA A 136 11.16 -17.66 -13.49
N ASP A 137 12.30 -16.98 -13.39
CA ASP A 137 13.01 -16.42 -14.54
C ASP A 137 12.13 -15.43 -15.30
N LEU A 138 11.36 -14.62 -14.57
CA LEU A 138 10.51 -13.62 -15.19
C LEU A 138 11.28 -12.40 -15.68
N GLU A 139 12.48 -12.16 -15.17
CA GLU A 139 13.23 -10.95 -15.48
C GLU A 139 14.20 -11.12 -16.66
N LYS A 140 14.27 -12.30 -17.26
CA LYS A 140 15.24 -12.60 -18.31
C LYS A 140 14.63 -12.58 -19.70
N GLU A 141 13.51 -11.87 -19.89
CA GLU A 141 12.87 -11.71 -21.19
C GLU A 141 12.47 -13.08 -21.77
N THR A 142 11.60 -13.77 -21.03
CA THR A 142 11.10 -15.08 -21.42
C THR A 142 9.65 -15.08 -21.89
N VAL A 143 8.93 -13.97 -21.75
CA VAL A 143 7.53 -13.86 -22.18
C VAL A 143 7.29 -12.44 -22.68
N ASP A 144 6.10 -12.22 -23.24
CA ASP A 144 5.71 -10.95 -23.83
C ASP A 144 4.82 -10.16 -22.88
N PHE A 145 4.97 -8.84 -22.91
CA PHE A 145 4.19 -7.92 -22.09
C PHE A 145 3.21 -7.15 -22.96
N VAL A 146 2.08 -6.77 -22.37
CA VAL A 146 1.01 -6.07 -23.07
C VAL A 146 0.55 -4.89 -22.22
N ASP A 147 -0.12 -3.95 -22.88
CA ASP A 147 -0.59 -2.74 -22.23
C ASP A 147 -1.76 -3.05 -21.29
N ASN A 148 -1.96 -2.17 -20.32
CA ASN A 148 -3.09 -2.26 -19.40
C ASN A 148 -4.28 -1.48 -19.99
N TYR A 149 -5.30 -1.24 -19.17
CA TYR A 149 -6.57 -0.72 -19.68
C TYR A 149 -6.47 0.72 -20.17
N ASP A 150 -5.39 1.45 -19.88
CA ASP A 150 -5.25 2.82 -20.37
C ASP A 150 -3.83 3.15 -20.83
N GLY A 151 -3.03 2.14 -21.17
CA GLY A 151 -1.72 2.38 -21.75
C GLY A 151 -0.76 3.12 -20.85
N THR A 152 -0.66 2.71 -19.58
CA THR A 152 0.26 3.29 -18.62
C THR A 152 1.17 2.28 -17.95
N GLU A 153 0.78 1.00 -17.87
CA GLU A 153 1.55 -0.05 -17.23
C GLU A 153 1.73 -1.20 -18.22
N LYS A 154 2.46 -2.23 -17.81
CA LYS A 154 2.69 -3.43 -18.60
C LYS A 154 2.36 -4.65 -17.76
N ILE A 155 1.72 -5.63 -18.38
CA ILE A 155 1.26 -6.85 -17.72
C ILE A 155 1.82 -8.04 -18.51
N PRO A 156 2.28 -9.12 -17.88
CA PRO A 156 2.72 -10.27 -18.66
C PRO A 156 1.57 -10.90 -19.45
N ASP A 157 1.92 -11.44 -20.62
CA ASP A 157 0.94 -12.14 -21.44
C ASP A 157 0.65 -13.53 -20.90
N VAL A 158 1.64 -14.18 -20.30
CA VAL A 158 1.48 -15.50 -19.70
C VAL A 158 2.67 -15.74 -18.79
N MET A 159 2.43 -16.43 -17.68
CA MET A 159 3.51 -16.63 -16.73
C MET A 159 4.46 -17.73 -17.23
N PRO A 160 5.78 -17.62 -16.97
CA PRO A 160 6.69 -18.71 -17.38
C PRO A 160 6.66 -19.85 -16.38
N THR A 161 5.54 -20.56 -16.34
CA THR A 161 5.30 -21.55 -15.30
C THR A 161 6.28 -22.70 -15.39
N LYS A 162 6.53 -23.33 -14.24
CA LYS A 162 7.37 -24.52 -14.13
C LYS A 162 6.62 -25.73 -13.59
N ILE A 163 5.42 -25.54 -13.04
CA ILE A 163 4.58 -26.61 -12.51
C ILE A 163 3.46 -26.88 -13.50
N PRO A 164 2.97 -28.12 -13.66
CA PRO A 164 1.75 -28.31 -14.49
C PRO A 164 0.49 -27.87 -13.74
N ASN A 165 0.23 -26.57 -13.78
CA ASN A 165 -0.75 -25.99 -12.87
C ASN A 165 -2.18 -26.41 -13.20
N LEU A 166 -2.50 -26.49 -14.49
CA LEU A 166 -3.89 -26.75 -14.90
C LEU A 166 -4.37 -28.11 -14.41
N LEU A 167 -3.54 -29.14 -14.56
CA LEU A 167 -3.96 -30.47 -14.13
C LEU A 167 -3.97 -30.60 -12.62
N VAL A 168 -2.95 -30.08 -11.94
CA VAL A 168 -2.83 -30.32 -10.51
C VAL A 168 -3.89 -29.54 -9.73
N ASN A 169 -4.19 -28.30 -10.13
CA ASN A 169 -5.12 -27.47 -9.37
C ASN A 169 -6.55 -27.55 -9.88
N GLY A 170 -6.76 -27.86 -11.16
CA GLY A 170 -8.10 -27.94 -11.71
C GLY A 170 -8.65 -26.56 -12.06
N SER A 171 -9.93 -26.55 -12.43
CA SER A 171 -10.55 -25.29 -12.83
C SER A 171 -12.07 -25.46 -12.89
N SER A 172 -12.76 -24.32 -12.89
CA SER A 172 -14.22 -24.29 -12.95
C SER A 172 -14.65 -22.91 -13.41
N GLY A 173 -15.48 -22.85 -14.45
CA GLY A 173 -15.88 -21.58 -15.00
C GLY A 173 -17.13 -21.67 -15.84
N ILE A 174 -17.87 -20.57 -15.89
CA ILE A 174 -19.11 -20.44 -16.65
C ILE A 174 -18.97 -19.25 -17.59
N ALA A 175 -19.40 -19.41 -18.84
CA ALA A 175 -19.34 -18.36 -19.85
C ALA A 175 -20.64 -18.38 -20.64
N VAL A 176 -20.69 -17.65 -21.73
CA VAL A 176 -21.87 -17.57 -22.59
C VAL A 176 -21.72 -18.62 -23.68
N GLY A 177 -22.60 -19.63 -23.66
CA GLY A 177 -22.60 -20.68 -24.64
C GLY A 177 -21.76 -21.90 -24.30
N MET A 178 -21.00 -21.87 -23.21
CA MET A 178 -20.12 -22.98 -22.87
C MET A 178 -19.69 -22.83 -21.41
N ALA A 179 -18.95 -23.82 -20.91
CA ALA A 179 -18.47 -23.83 -19.54
C ALA A 179 -17.27 -24.78 -19.47
N THR A 180 -16.65 -24.85 -18.29
CA THR A 180 -15.49 -25.72 -18.09
C THR A 180 -15.46 -26.21 -16.66
N ASN A 181 -14.97 -27.44 -16.48
CA ASN A 181 -14.92 -28.08 -15.16
C ASN A 181 -13.87 -29.19 -15.22
N ILE A 182 -12.76 -28.99 -14.51
CA ILE A 182 -11.61 -29.91 -14.53
C ILE A 182 -11.22 -30.21 -13.08
N PRO A 183 -11.00 -31.47 -12.68
CA PRO A 183 -10.73 -31.76 -11.27
C PRO A 183 -9.24 -31.70 -10.96
N PRO A 184 -8.85 -31.84 -9.69
CA PRO A 184 -7.42 -31.81 -9.35
C PRO A 184 -6.73 -33.14 -9.63
N HIS A 185 -5.40 -33.12 -9.46
CA HIS A 185 -4.58 -34.31 -9.66
C HIS A 185 -3.41 -34.26 -8.68
N ASN A 186 -2.60 -35.33 -8.71
CA ASN A 186 -1.42 -35.45 -7.85
C ASN A 186 -0.17 -35.06 -8.64
N LEU A 187 0.77 -34.39 -7.97
CA LEU A 187 1.90 -33.78 -8.67
C LEU A 187 2.90 -34.82 -9.16
N THR A 188 3.25 -35.79 -8.31
CA THR A 188 4.26 -36.77 -8.68
C THR A 188 3.81 -37.61 -9.87
N GLU A 189 2.55 -38.03 -9.88
CA GLU A 189 2.03 -38.81 -10.99
C GLU A 189 2.08 -38.03 -12.30
N VAL A 190 1.72 -36.75 -12.25
CA VAL A 190 1.72 -35.94 -13.46
C VAL A 190 3.14 -35.73 -13.96
N ILE A 191 4.10 -35.56 -13.04
CA ILE A 191 5.49 -35.40 -13.48
C ILE A 191 6.00 -36.69 -14.11
N ASN A 192 5.62 -37.84 -13.55
CA ASN A 192 6.00 -39.11 -14.17
C ASN A 192 5.40 -39.25 -15.55
N GLY A 193 4.14 -38.84 -15.72
CA GLY A 193 3.54 -38.88 -17.04
C GLY A 193 4.25 -37.98 -18.03
N CYS A 194 4.64 -36.78 -17.59
CA CYS A 194 5.38 -35.88 -18.48
C CYS A 194 6.71 -36.47 -18.89
N LEU A 195 7.44 -37.09 -17.95
CA LEU A 195 8.71 -37.71 -18.29
C LEU A 195 8.51 -38.86 -19.28
N ALA A 196 7.46 -39.66 -19.07
CA ALA A 196 7.16 -40.74 -19.99
C ALA A 196 6.85 -40.22 -21.39
N TYR A 197 6.12 -39.11 -21.48
CA TYR A 197 5.86 -38.51 -22.78
C TYR A 197 7.15 -38.03 -23.43
N ILE A 198 8.03 -37.40 -22.66
CA ILE A 198 9.28 -36.89 -23.22
C ILE A 198 10.11 -38.03 -23.78
N ASP A 199 10.14 -39.17 -23.08
CA ASP A 199 10.91 -40.30 -23.57
C ASP A 199 10.32 -40.93 -24.82
N ASP A 200 9.03 -40.72 -25.10
CA ASP A 200 8.39 -41.33 -26.26
C ASP A 200 7.17 -40.51 -26.64
N GLU A 201 7.20 -39.87 -27.81
CA GLU A 201 6.09 -39.03 -28.24
C GLU A 201 4.88 -39.81 -28.74
N ASP A 202 5.08 -41.04 -29.21
CA ASP A 202 3.99 -41.84 -29.76
C ASP A 202 3.27 -42.67 -28.69
N ILE A 203 3.37 -42.27 -27.43
CA ILE A 203 2.69 -43.01 -26.36
C ILE A 203 1.19 -42.88 -26.51
N SER A 204 0.48 -43.93 -26.11
CA SER A 204 -0.98 -43.99 -26.19
C SER A 204 -1.61 -43.63 -24.85
N ILE A 205 -2.93 -43.48 -24.86
CA ILE A 205 -3.66 -43.10 -23.64
C ILE A 205 -3.55 -44.22 -22.62
N GLU A 206 -3.59 -45.47 -23.05
CA GLU A 206 -3.46 -46.59 -22.12
C GLU A 206 -2.09 -46.58 -21.45
N GLY A 207 -1.04 -46.20 -22.19
CA GLY A 207 0.27 -46.07 -21.59
C GLY A 207 0.34 -44.94 -20.58
N LEU A 208 -0.30 -43.82 -20.89
CA LEU A 208 -0.31 -42.69 -19.96
C LEU A 208 -1.05 -43.03 -18.67
N MET A 209 -2.14 -43.79 -18.77
CA MET A 209 -2.93 -44.10 -17.59
C MET A 209 -2.23 -45.05 -16.64
N GLU A 210 -1.11 -45.65 -17.03
CA GLU A 210 -0.31 -46.41 -16.06
C GLU A 210 0.30 -45.51 -15.00
N HIS A 211 0.63 -44.27 -15.37
CA HIS A 211 1.24 -43.32 -14.44
C HIS A 211 0.24 -42.41 -13.76
N ILE A 212 -0.95 -42.22 -14.35
CA ILE A 212 -1.96 -41.29 -13.84
C ILE A 212 -3.28 -42.05 -13.68
N PRO A 213 -3.47 -42.76 -12.57
CA PRO A 213 -4.74 -43.51 -12.40
C PRO A 213 -5.99 -42.65 -12.43
N GLY A 214 -5.97 -41.46 -11.85
CA GLY A 214 -7.15 -40.64 -11.77
C GLY A 214 -6.97 -39.40 -10.92
N PRO A 215 -8.06 -38.67 -10.68
CA PRO A 215 -7.97 -37.45 -9.87
C PRO A 215 -7.57 -37.74 -8.43
N ASP A 216 -7.33 -36.66 -7.69
CA ASP A 216 -6.95 -36.76 -6.28
C ASP A 216 -7.43 -35.49 -5.58
N PHE A 217 -8.60 -35.59 -4.94
CA PHE A 217 -9.23 -34.42 -4.34
C PHE A 217 -8.59 -34.07 -3.00
N PRO A 218 -8.68 -32.81 -2.56
CA PRO A 218 -8.09 -32.46 -1.25
C PRO A 218 -8.73 -33.17 -0.07
N THR A 219 -10.02 -33.50 -0.14
CA THR A 219 -10.77 -33.98 1.00
C THR A 219 -10.68 -35.49 1.22
N ALA A 220 -10.12 -36.24 0.27
CA ALA A 220 -9.83 -37.66 0.45
C ALA A 220 -11.11 -38.48 0.64
N ALA A 221 -11.96 -38.45 -0.39
CA ALA A 221 -13.16 -39.28 -0.43
C ALA A 221 -12.82 -40.59 -1.13
N ILE A 222 -13.84 -41.36 -1.55
CA ILE A 222 -13.68 -42.59 -2.29
C ILE A 222 -14.38 -42.42 -3.63
N ILE A 223 -13.69 -42.78 -4.71
CA ILE A 223 -14.25 -42.74 -6.06
C ILE A 223 -14.87 -44.09 -6.37
N ASN A 224 -16.17 -44.10 -6.65
CA ASN A 224 -16.95 -45.33 -6.83
C ASN A 224 -17.17 -45.55 -8.32
N GLY A 225 -16.21 -46.19 -8.97
CA GLY A 225 -16.29 -46.49 -10.39
C GLY A 225 -14.99 -46.21 -11.13
N ARG A 226 -14.83 -46.80 -12.31
CA ARG A 226 -13.62 -46.64 -13.09
C ARG A 226 -13.87 -46.48 -14.59
N ARG A 227 -15.12 -46.41 -15.02
CA ARG A 227 -15.44 -46.38 -16.45
C ARG A 227 -15.56 -44.97 -16.99
N GLY A 228 -15.94 -44.00 -16.16
CA GLY A 228 -16.04 -42.62 -16.63
C GLY A 228 -14.71 -41.93 -16.77
N ILE A 229 -13.72 -42.35 -15.98
CA ILE A 229 -12.39 -41.75 -16.06
C ILE A 229 -11.78 -42.00 -17.43
N GLU A 230 -11.91 -43.23 -17.93
CA GLU A 230 -11.36 -43.57 -19.25
C GLU A 230 -12.01 -42.73 -20.34
N GLU A 231 -13.33 -42.59 -20.30
CA GLU A 231 -14.03 -41.80 -21.31
C GLU A 231 -13.62 -40.34 -21.23
N ALA A 232 -13.49 -39.80 -20.02
CA ALA A 232 -13.10 -38.40 -19.87
C ALA A 232 -11.69 -38.16 -20.42
N TYR A 233 -10.76 -39.06 -20.12
CA TYR A 233 -9.39 -38.89 -20.59
C TYR A 233 -9.26 -39.18 -22.09
N ARG A 234 -10.16 -39.96 -22.67
CA ARG A 234 -10.06 -40.31 -24.08
C ARG A 234 -10.80 -39.35 -25.00
N THR A 235 -11.84 -38.67 -24.50
CA THR A 235 -12.65 -37.76 -25.31
C THR A 235 -12.79 -36.36 -24.72
N GLY A 236 -12.57 -36.17 -23.43
CA GLY A 236 -12.72 -34.88 -22.79
C GLY A 236 -14.05 -34.66 -22.08
N ARG A 237 -14.93 -35.66 -22.05
CA ARG A 237 -16.19 -35.56 -21.34
C ARG A 237 -16.50 -36.88 -20.65
N GLY A 238 -16.97 -36.81 -19.42
CA GLY A 238 -17.27 -38.01 -18.67
C GLY A 238 -18.04 -37.70 -17.40
N LYS A 239 -18.28 -38.74 -16.61
CA LYS A 239 -19.05 -38.59 -15.38
C LYS A 239 -18.56 -39.60 -14.35
N VAL A 240 -18.35 -39.15 -13.11
CA VAL A 240 -17.87 -40.00 -12.03
C VAL A 240 -18.71 -39.76 -10.78
N TYR A 241 -18.61 -40.70 -9.84
CA TYR A 241 -19.33 -40.65 -8.57
C TYR A 241 -18.33 -40.59 -7.42
N ILE A 242 -18.58 -39.68 -6.49
CA ILE A 242 -17.75 -39.50 -5.30
C ILE A 242 -18.58 -39.92 -4.09
N ARG A 243 -18.00 -40.79 -3.27
CA ARG A 243 -18.68 -41.39 -2.12
C ARG A 243 -17.90 -41.09 -0.84
N ALA A 244 -18.63 -40.87 0.24
CA ALA A 244 -18.02 -40.58 1.53
C ALA A 244 -17.39 -41.85 2.11
N ARG A 245 -16.68 -41.68 3.22
CA ARG A 245 -16.09 -42.79 3.97
C ARG A 245 -16.87 -42.97 5.27
N ALA A 246 -17.44 -44.16 5.46
CA ALA A 246 -18.26 -44.44 6.63
C ALA A 246 -18.21 -45.94 6.90
N GLU A 247 -18.65 -46.31 8.10
CA GLU A 247 -18.59 -47.71 8.52
C GLU A 247 -19.57 -47.90 9.69
N VAL A 248 -19.65 -49.14 10.17
CA VAL A 248 -20.50 -49.51 11.29
C VAL A 248 -19.66 -50.31 12.27
N GLU A 249 -19.79 -49.99 13.56
CA GLU A 249 -19.08 -50.68 14.64
C GLU A 249 -20.08 -51.18 15.66
N VAL A 250 -19.80 -52.34 16.24
CA VAL A 250 -20.65 -52.99 17.22
C VAL A 250 -19.87 -53.17 18.51
N ASP A 251 -20.44 -52.69 19.61
CA ASP A 251 -19.78 -52.73 20.91
C ASP A 251 -20.16 -53.97 21.74
N ALA A 252 -20.91 -54.90 21.17
CA ALA A 252 -21.37 -56.10 21.87
C ALA A 252 -22.28 -55.63 23.03
N LYS A 253 -22.19 -56.25 24.21
CA LYS A 253 -23.06 -55.92 25.34
C LYS A 253 -24.53 -56.09 24.96
N THR A 254 -25.20 -55.02 24.54
CA THR A 254 -26.62 -55.05 24.22
C THR A 254 -26.87 -55.08 22.71
N GLY A 255 -25.86 -55.41 21.91
CA GLY A 255 -26.02 -55.44 20.47
C GLY A 255 -26.30 -54.07 19.88
N ARG A 256 -25.55 -53.06 20.29
CA ARG A 256 -25.72 -51.71 19.77
C ARG A 256 -25.01 -51.56 18.45
N GLU A 257 -25.57 -50.72 17.58
CA GLU A 257 -24.99 -50.37 16.29
C GLU A 257 -24.87 -48.86 16.19
N THR A 258 -23.75 -48.39 15.66
CA THR A 258 -23.49 -46.97 15.46
C THR A 258 -22.77 -46.78 14.14
N ILE A 259 -23.02 -45.63 13.51
CA ILE A 259 -22.43 -45.26 12.23
C ILE A 259 -21.52 -44.06 12.45
N ILE A 260 -20.28 -44.17 11.98
CA ILE A 260 -19.28 -43.12 12.11
C ILE A 260 -18.93 -42.63 10.72
N VAL A 261 -18.99 -41.31 10.52
CA VAL A 261 -18.62 -40.67 9.26
C VAL A 261 -17.33 -39.92 9.48
N HIS A 262 -16.33 -40.22 8.63
CA HIS A 262 -14.99 -39.63 8.71
C HIS A 262 -14.77 -38.57 7.64
N GLU A 263 -14.97 -38.92 6.37
CA GLU A 263 -14.61 -38.08 5.24
C GLU A 263 -15.81 -37.92 4.31
N ILE A 264 -15.98 -36.70 3.79
CA ILE A 264 -17.14 -36.34 2.99
C ILE A 264 -16.71 -36.02 1.57
N PRO A 265 -17.64 -35.91 0.59
CA PRO A 265 -17.23 -35.61 -0.79
C PRO A 265 -16.68 -34.20 -0.97
N TYR A 266 -16.39 -33.85 -2.22
CA TYR A 266 -15.76 -32.58 -2.56
C TYR A 266 -16.81 -31.50 -2.78
N GLN A 267 -16.54 -30.31 -2.24
CA GLN A 267 -17.45 -29.15 -2.33
C GLN A 267 -18.81 -29.46 -1.69
N VAL A 268 -18.76 -29.86 -0.42
CA VAL A 268 -19.95 -30.15 0.37
C VAL A 268 -19.80 -29.51 1.74
N ASN A 269 -20.86 -28.85 2.20
CA ASN A 269 -20.88 -28.24 3.53
C ASN A 269 -21.37 -29.25 4.56
N LYS A 270 -20.70 -29.27 5.71
CA LYS A 270 -21.05 -30.23 6.75
C LYS A 270 -22.33 -29.82 7.47
N ALA A 271 -22.49 -28.53 7.75
CA ALA A 271 -23.67 -28.06 8.47
C ALA A 271 -24.95 -28.32 7.69
N ARG A 272 -24.93 -28.06 6.38
CA ARG A 272 -26.10 -28.33 5.56
C ARG A 272 -26.43 -29.81 5.53
N LEU A 273 -25.41 -30.66 5.46
CA LEU A 273 -25.64 -32.10 5.48
C LEU A 273 -26.30 -32.53 6.80
N ILE A 274 -25.81 -32.01 7.92
CA ILE A 274 -26.35 -32.40 9.21
C ILE A 274 -27.80 -31.94 9.35
N GLU A 275 -28.08 -30.69 8.97
CA GLU A 275 -29.45 -30.20 9.12
C GLU A 275 -30.40 -30.88 8.15
N LYS A 276 -29.94 -31.24 6.95
CA LYS A 276 -30.77 -31.99 6.03
C LYS A 276 -31.10 -33.37 6.58
N ILE A 277 -30.13 -34.04 7.20
CA ILE A 277 -30.40 -35.35 7.80
C ILE A 277 -31.40 -35.20 8.93
N ALA A 278 -31.26 -34.14 9.73
CA ALA A 278 -32.22 -33.89 10.82
C ALA A 278 -33.62 -33.68 10.27
N GLU A 279 -33.74 -32.89 9.19
CA GLU A 279 -35.04 -32.67 8.59
C GLU A 279 -35.63 -33.97 8.05
N LEU A 280 -34.81 -34.79 7.39
CA LEU A 280 -35.32 -36.03 6.83
C LEU A 280 -35.82 -36.98 7.91
N VAL A 281 -35.07 -37.11 9.01
CA VAL A 281 -35.55 -38.00 10.08
C VAL A 281 -36.78 -37.41 10.74
N LYS A 282 -36.88 -36.08 10.81
CA LYS A 282 -38.07 -35.48 11.42
C LYS A 282 -39.32 -35.73 10.59
N GLU A 283 -39.18 -35.83 9.26
CA GLU A 283 -40.32 -36.01 8.36
C GLU A 283 -40.68 -37.47 8.13
N LYS A 284 -40.03 -38.40 8.83
CA LYS A 284 -40.31 -39.83 8.73
C LYS A 284 -39.96 -40.41 7.36
N ARG A 285 -39.17 -39.70 6.55
CA ARG A 285 -38.74 -40.22 5.26
C ARG A 285 -37.56 -41.18 5.36
N VAL A 286 -36.88 -41.22 6.51
CA VAL A 286 -35.83 -42.18 6.79
C VAL A 286 -36.14 -42.82 8.14
N GLU A 287 -36.11 -44.14 8.19
CA GLU A 287 -36.52 -44.91 9.36
C GLU A 287 -35.31 -45.61 9.98
N GLY A 288 -35.31 -45.69 11.30
CA GLY A 288 -34.30 -46.43 12.04
C GLY A 288 -33.19 -45.61 12.65
N ILE A 289 -33.27 -44.29 12.62
CA ILE A 289 -32.23 -43.41 13.16
C ILE A 289 -32.71 -42.86 14.50
N SER A 290 -31.84 -42.92 15.50
CA SER A 290 -32.17 -42.51 16.87
C SER A 290 -31.66 -41.11 17.19
N ALA A 291 -30.36 -40.86 17.02
CA ALA A 291 -29.77 -39.58 17.38
C ALA A 291 -28.59 -39.30 16.45
N LEU A 292 -28.24 -38.01 16.38
CA LEU A 292 -27.20 -37.50 15.49
C LEU A 292 -26.34 -36.52 16.28
N ARG A 293 -25.03 -36.65 16.17
CA ARG A 293 -24.10 -35.79 16.90
C ARG A 293 -22.87 -35.52 16.05
N ASP A 294 -22.20 -34.41 16.35
CA ASP A 294 -20.93 -34.02 15.74
C ASP A 294 -19.90 -33.83 16.85
N GLU A 295 -18.72 -34.43 16.66
CA GLU A 295 -17.70 -34.47 17.71
C GLU A 295 -16.30 -34.19 17.15
N SER A 296 -16.20 -33.39 16.10
CA SER A 296 -14.91 -33.06 15.51
C SER A 296 -14.25 -31.93 16.30
N ASP A 297 -13.01 -32.15 16.74
CA ASP A 297 -12.30 -31.13 17.51
C ASP A 297 -10.80 -31.25 17.25
N LYS A 298 -10.32 -30.48 16.26
CA LYS A 298 -8.91 -30.12 16.14
C LYS A 298 -7.99 -31.28 15.70
N ASP A 299 -8.50 -32.50 15.63
CA ASP A 299 -7.69 -33.69 15.35
C ASP A 299 -8.25 -34.52 14.22
N GLY A 300 -9.57 -34.61 14.09
CA GLY A 300 -10.18 -35.37 13.01
C GLY A 300 -11.65 -35.05 12.93
N MET A 301 -12.26 -35.58 11.88
CA MET A 301 -13.69 -35.41 11.62
C MET A 301 -14.43 -36.64 12.09
N ARG A 302 -15.54 -36.42 12.81
CA ARG A 302 -16.37 -37.50 13.32
C ARG A 302 -17.82 -37.03 13.32
N ILE A 303 -18.69 -37.77 12.65
CA ILE A 303 -20.13 -37.60 12.78
C ILE A 303 -20.72 -38.93 13.25
N VAL A 304 -21.48 -38.88 14.35
CA VAL A 304 -21.99 -40.07 15.01
C VAL A 304 -23.48 -40.16 14.76
N ILE A 305 -23.94 -41.33 14.30
CA ILE A 305 -25.36 -41.59 14.09
C ILE A 305 -25.71 -42.88 14.83
N GLU A 306 -26.80 -42.85 15.59
CA GLU A 306 -27.27 -43.99 16.36
C GLU A 306 -28.50 -44.60 15.70
N VAL A 307 -28.50 -45.93 15.60
CA VAL A 307 -29.58 -46.67 14.95
C VAL A 307 -30.36 -47.44 16.00
N LYS A 308 -31.64 -47.65 15.72
CA LYS A 308 -32.53 -48.29 16.67
C LYS A 308 -32.17 -49.76 16.84
N ARG A 309 -32.63 -50.35 17.95
CA ARG A 309 -32.35 -51.75 18.26
C ARG A 309 -33.14 -52.72 17.39
N ASP A 310 -34.10 -52.25 16.60
CA ASP A 310 -34.91 -53.08 15.71
C ASP A 310 -34.67 -52.70 14.26
N ALA A 311 -33.40 -52.48 13.89
CA ALA A 311 -33.04 -52.12 12.53
C ALA A 311 -31.62 -52.58 12.26
N VAL A 312 -31.28 -52.62 10.98
CA VAL A 312 -29.97 -53.09 10.51
C VAL A 312 -29.23 -51.90 9.91
N GLY A 313 -27.93 -51.82 10.20
CA GLY A 313 -27.15 -50.65 9.80
C GLY A 313 -26.99 -50.53 8.29
N GLU A 314 -26.84 -51.67 7.60
CA GLU A 314 -26.53 -51.62 6.17
C GLU A 314 -27.67 -51.00 5.37
N VAL A 315 -28.91 -51.35 5.70
CA VAL A 315 -30.06 -50.84 4.94
C VAL A 315 -30.17 -49.33 5.12
N VAL A 316 -30.05 -48.84 6.36
CA VAL A 316 -30.17 -47.41 6.59
C VAL A 316 -29.00 -46.67 5.96
N LEU A 317 -27.81 -47.26 5.97
CA LEU A 317 -26.65 -46.63 5.35
C LEU A 317 -26.85 -46.51 3.84
N ASN A 318 -27.36 -47.56 3.20
CA ASN A 318 -27.61 -47.50 1.76
C ASN A 318 -28.72 -46.49 1.45
N ASN A 319 -29.75 -46.42 2.29
CA ASN A 319 -30.79 -45.43 2.08
C ASN A 319 -30.23 -44.01 2.20
N LEU A 320 -29.33 -43.79 3.15
CA LEU A 320 -28.67 -42.49 3.25
C LEU A 320 -27.85 -42.19 2.00
N TYR A 321 -27.09 -43.17 1.52
CA TYR A 321 -26.31 -42.98 0.30
C TYR A 321 -27.20 -42.61 -0.87
N SER A 322 -28.39 -43.23 -0.96
CA SER A 322 -29.27 -42.98 -2.08
C SER A 322 -30.00 -41.64 -1.96
N GLN A 323 -30.31 -41.19 -0.73
CA GLN A 323 -31.15 -40.02 -0.53
C GLN A 323 -30.34 -38.74 -0.28
N THR A 324 -29.50 -38.73 0.74
CA THR A 324 -28.84 -37.50 1.16
C THR A 324 -27.62 -37.25 0.29
N GLN A 325 -26.84 -36.22 0.63
CA GLN A 325 -25.70 -35.78 -0.17
C GLN A 325 -24.40 -36.47 0.24
N LEU A 326 -24.47 -37.67 0.81
CA LEU A 326 -23.26 -38.41 1.15
C LEU A 326 -22.58 -39.01 -0.09
N GLN A 327 -23.31 -39.11 -1.21
CA GLN A 327 -22.71 -39.44 -2.51
C GLN A 327 -23.15 -38.38 -3.50
N VAL A 328 -22.20 -37.96 -4.34
CA VAL A 328 -22.43 -36.90 -5.32
C VAL A 328 -21.89 -37.32 -6.67
N SER A 329 -22.35 -36.63 -7.71
CA SER A 329 -21.91 -36.81 -9.08
C SER A 329 -20.99 -35.67 -9.48
N PHE A 330 -20.06 -35.96 -10.38
CA PHE A 330 -19.13 -34.96 -10.90
C PHE A 330 -19.03 -35.15 -12.41
N GLY A 331 -19.41 -34.13 -13.17
CA GLY A 331 -19.36 -34.18 -14.62
C GLY A 331 -18.10 -33.54 -15.16
N ILE A 332 -17.20 -34.36 -15.68
CA ILE A 332 -15.91 -33.89 -16.18
C ILE A 332 -16.11 -33.35 -17.58
N ASN A 333 -15.63 -32.12 -17.81
CA ASN A 333 -15.78 -31.44 -19.09
C ASN A 333 -14.62 -30.46 -19.23
N MET A 334 -13.73 -30.71 -20.19
CA MET A 334 -12.46 -29.97 -20.33
C MET A 334 -12.57 -29.01 -21.51
N VAL A 335 -12.55 -27.71 -21.22
CA VAL A 335 -12.56 -26.67 -22.24
C VAL A 335 -11.53 -25.61 -21.83
N ALA A 336 -10.72 -25.17 -22.79
CA ALA A 336 -9.64 -24.24 -22.49
C ALA A 336 -9.27 -23.45 -23.74
N LEU A 337 -8.51 -22.39 -23.54
CA LEU A 337 -8.06 -21.53 -24.63
C LEU A 337 -6.71 -22.00 -25.16
N HIS A 338 -6.65 -22.26 -26.47
CA HIS A 338 -5.42 -22.75 -27.10
C HIS A 338 -4.58 -21.60 -27.67
N HIS A 339 -5.15 -20.85 -28.61
CA HIS A 339 -4.53 -19.67 -29.21
C HIS A 339 -5.51 -18.51 -29.19
N GLY A 340 -6.12 -18.28 -28.04
CA GLY A 340 -7.20 -17.32 -27.96
C GLY A 340 -8.53 -17.81 -28.48
N GLN A 341 -8.72 -19.13 -28.57
CA GLN A 341 -9.93 -19.74 -29.09
C GLN A 341 -10.34 -20.88 -28.16
N PRO A 342 -11.63 -21.04 -27.84
CA PRO A 342 -12.02 -22.19 -27.01
C PRO A 342 -11.80 -23.51 -27.74
N LYS A 343 -11.52 -24.55 -26.96
CA LYS A 343 -11.28 -25.86 -27.53
C LYS A 343 -11.42 -26.93 -26.46
N ILE A 344 -11.89 -28.11 -26.88
CA ILE A 344 -11.99 -29.29 -26.02
C ILE A 344 -10.73 -30.12 -26.22
N MET A 345 -10.16 -30.59 -25.10
CA MET A 345 -8.86 -31.23 -25.11
C MET A 345 -8.89 -32.50 -24.26
N ASN A 346 -7.83 -33.29 -24.38
CA ASN A 346 -7.65 -34.49 -23.58
C ASN A 346 -6.26 -34.44 -22.92
N LEU A 347 -5.83 -35.54 -22.31
CA LEU A 347 -4.61 -35.51 -21.49
C LEU A 347 -3.36 -35.23 -22.33
N LYS A 348 -3.25 -35.89 -23.49
CA LYS A 348 -2.04 -35.80 -24.29
C LYS A 348 -1.82 -34.39 -24.83
N ASP A 349 -2.90 -33.71 -25.20
CA ASP A 349 -2.78 -32.34 -25.69
C ASP A 349 -2.24 -31.42 -24.61
N ILE A 350 -2.73 -31.57 -23.38
CA ILE A 350 -2.26 -30.74 -22.28
C ILE A 350 -0.78 -30.98 -22.02
N ILE A 351 -0.36 -32.25 -22.02
CA ILE A 351 1.04 -32.56 -21.76
C ILE A 351 1.93 -31.97 -22.87
N ALA A 352 1.50 -32.11 -24.13
CA ALA A 352 2.30 -31.59 -25.24
C ALA A 352 2.42 -30.08 -25.16
N ALA A 353 1.33 -29.38 -24.82
CA ALA A 353 1.38 -27.93 -24.70
C ALA A 353 2.34 -27.51 -23.60
N PHE A 354 2.33 -28.21 -22.47
CA PHE A 354 3.27 -27.89 -21.40
C PHE A 354 4.71 -28.06 -21.85
N VAL A 355 5.01 -29.15 -22.56
CA VAL A 355 6.38 -29.39 -23.00
C VAL A 355 6.84 -28.31 -23.97
N ARG A 356 5.96 -27.91 -24.90
CA ARG A 356 6.34 -26.87 -25.86
C ARG A 356 6.61 -25.54 -25.15
N HIS A 357 5.78 -25.21 -24.16
CA HIS A 357 6.00 -23.98 -23.38
C HIS A 357 7.37 -24.00 -22.72
N ARG A 358 7.73 -25.13 -22.11
CA ARG A 358 9.03 -25.22 -21.46
C ARG A 358 10.18 -25.04 -22.46
N ARG A 359 10.06 -25.64 -23.64
CA ARG A 359 11.11 -25.52 -24.65
C ARG A 359 11.33 -24.05 -25.03
N GLU A 360 10.23 -23.33 -25.31
CA GLU A 360 10.35 -21.93 -25.69
C GLU A 360 11.00 -21.10 -24.58
N VAL A 361 10.59 -21.32 -23.33
CA VAL A 361 11.13 -20.53 -22.22
C VAL A 361 12.63 -20.77 -22.08
N VAL A 362 13.06 -22.02 -22.15
CA VAL A 362 14.48 -22.32 -21.97
C VAL A 362 15.31 -21.68 -23.08
N THR A 363 14.81 -21.72 -24.33
CA THR A 363 15.56 -21.13 -25.43
C THR A 363 15.75 -19.63 -25.22
N ARG A 364 14.67 -18.92 -24.87
CA ARG A 364 14.79 -17.47 -24.69
C ARG A 364 15.73 -17.11 -23.54
N ARG A 365 15.64 -17.86 -22.43
CA ARG A 365 16.55 -17.63 -21.31
C ARG A 365 18.00 -17.80 -21.72
N THR A 366 18.28 -18.85 -22.50
CA THR A 366 19.66 -19.09 -22.94
C THR A 366 20.19 -17.93 -23.78
N ILE A 367 19.36 -17.41 -24.69
CA ILE A 367 19.81 -16.28 -25.52
C ILE A 367 20.15 -15.07 -24.65
N PHE A 368 19.29 -14.76 -23.67
CA PHE A 368 19.55 -13.61 -22.80
C PHE A 368 20.86 -13.77 -22.05
N GLU A 369 21.09 -14.95 -21.47
CA GLU A 369 22.30 -15.17 -20.70
C GLU A 369 23.55 -15.06 -21.58
N LEU A 370 23.48 -15.57 -22.81
CA LEU A 370 24.62 -15.48 -23.72
C LEU A 370 24.97 -14.01 -24.00
N ARG A 371 23.96 -13.19 -24.25
CA ARG A 371 24.23 -11.77 -24.51
C ARG A 371 24.92 -11.11 -23.33
N LYS A 372 24.42 -11.37 -22.11
CA LYS A 372 25.03 -10.76 -20.93
C LYS A 372 26.50 -11.17 -20.77
N ALA A 373 26.77 -12.46 -20.94
CA ALA A 373 28.14 -12.95 -20.77
C ALA A 373 29.08 -12.31 -21.79
N ARG A 374 28.63 -12.20 -23.04
CA ARG A 374 29.48 -11.59 -24.06
C ARG A 374 29.81 -10.15 -23.74
N ASP A 375 28.82 -9.37 -23.26
CA ASP A 375 29.10 -7.98 -22.91
C ASP A 375 30.12 -7.88 -21.77
N ARG A 376 29.96 -8.70 -20.74
CA ARG A 376 30.88 -8.62 -19.61
C ARG A 376 32.30 -9.01 -20.03
N ALA A 377 32.43 -10.03 -20.88
CA ALA A 377 33.75 -10.40 -21.37
C ALA A 377 34.38 -9.28 -22.18
N HIS A 378 33.55 -8.56 -22.95
CA HIS A 378 34.07 -7.44 -23.73
C HIS A 378 34.65 -6.37 -22.81
N ILE A 379 33.99 -6.07 -21.70
CA ILE A 379 34.55 -5.08 -20.77
C ILE A 379 35.85 -5.60 -20.14
N LEU A 380 35.86 -6.88 -19.73
CA LEU A 380 37.03 -7.43 -19.05
C LEU A 380 38.27 -7.41 -19.94
N GLU A 381 38.09 -7.62 -21.25
CA GLU A 381 39.24 -7.58 -22.16
C GLU A 381 39.93 -6.22 -22.10
N ALA A 382 39.14 -5.14 -22.15
CA ALA A 382 39.71 -3.80 -22.11
C ALA A 382 40.41 -3.54 -20.79
N LEU A 383 39.79 -3.95 -19.68
CA LEU A 383 40.44 -3.72 -18.39
C LEU A 383 41.76 -4.47 -18.28
N ALA A 384 41.78 -5.74 -18.71
CA ALA A 384 43.00 -6.53 -18.63
C ALA A 384 44.10 -5.95 -19.51
N VAL A 385 43.76 -5.48 -20.71
CA VAL A 385 44.76 -4.89 -21.58
C VAL A 385 45.28 -3.59 -20.98
N ALA A 386 44.40 -2.80 -20.36
CA ALA A 386 44.83 -1.53 -19.78
C ALA A 386 45.77 -1.74 -18.60
N LEU A 387 45.55 -2.79 -17.80
CA LEU A 387 46.39 -2.98 -16.62
C LEU A 387 47.84 -3.32 -16.95
N ALA A 388 48.17 -3.64 -18.20
CA ALA A 388 49.52 -4.06 -18.58
C ALA A 388 50.38 -2.94 -19.14
N ASN A 389 49.88 -1.71 -19.20
CA ASN A 389 50.58 -0.55 -19.76
C ASN A 389 50.45 0.65 -18.82
N ILE A 390 50.76 0.43 -17.55
CA ILE A 390 50.43 1.41 -16.50
C ILE A 390 51.16 2.73 -16.74
N ASP A 391 52.47 2.66 -17.01
CA ASP A 391 53.28 3.88 -17.02
C ASP A 391 52.88 4.85 -18.14
N PRO A 392 52.76 4.45 -19.41
CA PRO A 392 52.27 5.40 -20.42
C PRO A 392 50.88 5.91 -20.12
N ILE A 393 50.02 5.07 -19.56
CA ILE A 393 48.64 5.48 -19.28
C ILE A 393 48.63 6.60 -18.24
N ILE A 394 49.39 6.44 -17.15
CA ILE A 394 49.40 7.47 -16.12
C ILE A 394 50.07 8.73 -16.64
N GLU A 395 51.10 8.59 -17.48
CA GLU A 395 51.72 9.78 -18.07
C GLU A 395 50.72 10.54 -18.92
N LEU A 396 49.98 9.82 -19.77
CA LEU A 396 48.99 10.45 -20.64
C LEU A 396 47.89 11.12 -19.83
N ILE A 397 47.44 10.47 -18.76
CA ILE A 397 46.37 11.05 -17.94
C ILE A 397 46.87 12.30 -17.21
N ARG A 398 48.09 12.23 -16.67
CA ARG A 398 48.63 13.37 -15.92
C ARG A 398 48.84 14.58 -16.81
N HIS A 399 49.37 14.38 -18.02
CA HIS A 399 49.62 15.52 -18.89
C HIS A 399 48.32 16.19 -19.33
N ALA A 400 47.26 15.43 -19.56
CA ALA A 400 46.01 16.02 -20.02
C ALA A 400 45.39 16.87 -18.91
N PRO A 401 44.76 18.02 -19.25
CA PRO A 401 44.18 18.87 -18.19
C PRO A 401 42.77 18.47 -17.80
N THR A 402 42.03 17.86 -18.72
CA THR A 402 40.61 17.56 -18.58
C THR A 402 40.38 16.08 -18.84
N PRO A 403 39.39 15.44 -18.20
CA PRO A 403 39.13 14.03 -18.52
C PRO A 403 38.78 13.77 -19.98
N ALA A 404 38.08 14.69 -20.65
CA ALA A 404 37.71 14.45 -22.05
C ALA A 404 38.94 14.37 -22.94
N GLU A 405 39.92 15.25 -22.72
CA GLU A 405 41.14 15.21 -23.52
C GLU A 405 41.89 13.91 -23.29
N ALA A 406 41.94 13.44 -22.03
CA ALA A 406 42.60 12.17 -21.74
C ALA A 406 41.88 11.02 -22.42
N LYS A 407 40.54 11.06 -22.45
CA LYS A 407 39.78 10.02 -23.13
C LYS A 407 40.09 10.01 -24.62
N THR A 408 40.12 11.19 -25.25
CA THR A 408 40.46 11.26 -26.66
C THR A 408 41.87 10.75 -26.93
N ALA A 409 42.82 11.09 -26.05
CA ALA A 409 44.19 10.63 -26.23
C ALA A 409 44.27 9.11 -26.09
N LEU A 410 43.53 8.53 -25.14
CA LEU A 410 43.51 7.08 -25.00
C LEU A 410 42.94 6.42 -26.24
N VAL A 411 41.84 6.96 -26.78
CA VAL A 411 41.20 6.33 -27.93
C VAL A 411 41.98 6.54 -29.22
N ALA A 412 42.80 7.58 -29.30
CA ALA A 412 43.43 7.95 -30.56
C ALA A 412 44.38 6.87 -31.07
N ASN A 413 45.35 6.43 -30.20
CA ASN A 413 46.42 5.54 -30.65
C ASN A 413 46.11 4.09 -30.28
N PRO A 414 46.63 3.10 -31.02
CA PRO A 414 46.49 1.71 -30.56
C PRO A 414 47.45 1.41 -29.41
N TRP A 415 47.15 0.31 -28.72
CA TRP A 415 47.95 -0.18 -27.60
C TRP A 415 48.38 -1.60 -27.88
N GLN A 416 49.67 -1.88 -27.70
CA GLN A 416 50.17 -3.23 -27.90
C GLN A 416 49.69 -4.15 -26.78
N LEU A 417 49.45 -5.41 -27.13
CA LEU A 417 48.87 -6.35 -26.18
C LEU A 417 49.81 -6.61 -25.01
N GLY A 418 51.11 -6.77 -25.28
CA GLY A 418 52.06 -7.07 -24.23
C GLY A 418 52.08 -8.53 -23.86
N ASN A 419 52.17 -8.82 -22.56
CA ASN A 419 52.29 -10.18 -22.07
C ASN A 419 50.96 -10.90 -21.92
N VAL A 420 49.84 -10.25 -22.21
CA VAL A 420 48.52 -10.87 -22.12
C VAL A 420 48.07 -11.40 -23.49
N ALA A 421 49.00 -11.56 -24.43
CA ALA A 421 48.63 -12.03 -25.77
C ALA A 421 48.26 -13.51 -25.79
N ALA A 422 48.66 -14.27 -24.77
CA ALA A 422 48.38 -15.71 -24.78
C ALA A 422 46.89 -15.99 -24.71
N MET A 423 46.17 -15.29 -23.83
CA MET A 423 44.77 -15.60 -23.57
C MET A 423 43.81 -14.87 -24.50
N LEU A 424 44.17 -13.67 -24.96
CA LEU A 424 43.26 -12.91 -25.82
C LEU A 424 43.02 -13.64 -27.14
N GLU A 425 44.06 -14.22 -27.72
CA GLU A 425 43.95 -14.97 -28.96
C GLU A 425 43.62 -16.45 -28.74
N ARG A 426 43.46 -16.88 -27.49
CA ARG A 426 43.11 -18.27 -27.21
C ARG A 426 41.63 -18.56 -27.43
N ALA A 427 40.79 -17.54 -27.52
CA ALA A 427 39.37 -17.76 -27.74
C ALA A 427 39.13 -18.34 -29.13
N GLY A 428 37.95 -18.92 -29.30
CA GLY A 428 37.57 -19.52 -30.57
C GLY A 428 37.24 -18.48 -31.62
N ASP A 429 38.26 -17.75 -32.07
CA ASP A 429 38.09 -16.68 -33.06
C ASP A 429 37.14 -15.61 -32.52
N ASP A 430 35.85 -15.69 -32.89
CA ASP A 430 34.86 -14.66 -32.54
C ASP A 430 33.79 -15.22 -31.61
N ALA A 431 34.13 -16.23 -30.81
CA ALA A 431 33.13 -16.83 -29.93
C ALA A 431 32.68 -15.84 -28.86
N ALA A 432 33.61 -15.08 -28.28
CA ALA A 432 33.35 -14.18 -27.16
C ALA A 432 33.33 -12.72 -27.60
N ARG A 433 32.82 -12.46 -28.80
CA ARG A 433 32.80 -11.12 -29.40
C ARG A 433 31.35 -10.64 -29.51
N PRO A 434 31.00 -9.43 -29.05
CA PRO A 434 29.61 -8.97 -29.23
C PRO A 434 29.22 -8.87 -30.69
N GLU A 435 27.93 -9.13 -30.96
CA GLU A 435 27.45 -9.13 -32.33
C GLU A 435 27.40 -7.73 -32.94
N TRP A 436 27.17 -6.71 -32.12
CA TRP A 436 27.03 -5.34 -32.61
C TRP A 436 28.37 -4.62 -32.77
N LEU A 437 29.49 -5.26 -32.44
CA LEU A 437 30.78 -4.59 -32.53
C LEU A 437 31.29 -4.62 -33.97
N GLU A 438 31.72 -3.47 -34.47
CA GLU A 438 32.20 -3.36 -35.84
C GLU A 438 33.57 -4.00 -35.97
N PRO A 439 34.00 -4.34 -37.19
CA PRO A 439 35.36 -4.87 -37.37
C PRO A 439 36.46 -3.83 -37.22
N GLU A 440 36.11 -2.55 -37.10
CA GLU A 440 37.13 -1.52 -36.93
C GLU A 440 37.89 -1.70 -35.62
N PHE A 441 37.18 -2.07 -34.56
CA PHE A 441 37.74 -2.22 -33.23
C PHE A 441 38.14 -3.67 -32.97
N GLY A 442 38.49 -3.98 -31.74
CA GLY A 442 38.83 -5.33 -31.35
C GLY A 442 40.30 -5.64 -31.57
N VAL A 443 40.63 -6.92 -31.36
CA VAL A 443 42.01 -7.39 -31.47
C VAL A 443 42.39 -7.45 -32.94
N ARG A 444 43.09 -6.43 -33.42
CA ARG A 444 43.59 -6.37 -34.78
C ARG A 444 44.93 -7.08 -34.83
N ASP A 445 45.72 -6.84 -35.88
CA ASP A 445 46.96 -7.58 -36.11
C ASP A 445 48.01 -7.10 -35.13
N GLY A 446 47.99 -7.70 -33.94
CA GLY A 446 48.99 -7.45 -32.91
C GLY A 446 48.77 -6.20 -32.09
N LEU A 447 47.66 -5.50 -32.27
CA LEU A 447 47.37 -4.27 -31.54
C LEU A 447 45.91 -4.26 -31.14
N TYR A 448 45.63 -3.61 -30.02
CA TYR A 448 44.27 -3.49 -29.49
C TYR A 448 43.77 -2.06 -29.69
N TYR A 449 42.52 -1.95 -30.15
CA TYR A 449 41.87 -0.67 -30.40
C TYR A 449 40.73 -0.49 -29.39
N LEU A 450 40.73 0.62 -28.69
CA LEU A 450 39.78 0.89 -27.62
C LEU A 450 38.62 1.74 -28.13
N THR A 451 37.42 1.43 -27.65
CA THR A 451 36.23 2.22 -27.95
C THR A 451 36.08 3.31 -26.89
N GLU A 452 34.99 4.07 -26.96
CA GLU A 452 34.77 5.13 -25.98
C GLU A 452 34.44 4.57 -24.61
N GLN A 453 33.51 3.60 -24.56
CA GLN A 453 33.10 3.06 -23.27
C GLN A 453 34.22 2.30 -22.58
N GLN A 454 35.07 1.63 -23.34
CA GLN A 454 36.26 1.01 -22.75
C GLN A 454 37.17 2.06 -22.15
N ALA A 455 37.32 3.21 -22.82
CA ALA A 455 38.14 4.29 -22.27
C ALA A 455 37.54 4.82 -20.96
N GLN A 456 36.22 4.99 -20.91
CA GLN A 456 35.58 5.44 -19.69
C GLN A 456 35.77 4.42 -18.57
N ALA A 457 35.64 3.12 -18.89
CA ALA A 457 35.86 2.09 -17.89
C ALA A 457 37.28 2.12 -17.37
N ILE A 458 38.25 2.38 -18.25
CA ILE A 458 39.63 2.51 -17.81
C ILE A 458 39.78 3.69 -16.87
N LEU A 459 39.15 4.82 -17.21
CA LEU A 459 39.24 6.00 -16.36
C LEU A 459 38.55 5.82 -15.02
N ASP A 460 37.60 4.89 -14.91
CA ASP A 460 36.94 4.62 -13.64
C ASP A 460 37.72 3.69 -12.73
N LEU A 461 38.88 3.20 -13.15
CA LEU A 461 39.62 2.22 -12.36
C LEU A 461 40.22 2.87 -11.11
N ARG A 462 40.29 2.09 -10.04
CA ARG A 462 40.86 2.51 -8.76
C ARG A 462 42.31 2.05 -8.63
N LEU A 463 42.98 2.58 -7.61
CA LEU A 463 44.34 2.15 -7.33
C LEU A 463 44.38 0.77 -6.67
N GLN A 464 43.34 0.42 -5.93
CA GLN A 464 43.32 -0.85 -5.20
C GLN A 464 43.46 -2.05 -6.12
N LYS A 465 43.09 -1.93 -7.40
CA LYS A 465 43.22 -3.04 -8.33
C LYS A 465 44.67 -3.33 -8.71
N LEU A 466 45.62 -2.47 -8.35
CA LEU A 466 47.00 -2.71 -8.75
C LEU A 466 47.67 -3.83 -7.95
N THR A 467 47.04 -4.34 -6.89
CA THR A 467 47.61 -5.43 -6.13
C THR A 467 47.50 -6.74 -6.91
N GLY A 468 48.29 -7.73 -6.49
CA GLY A 468 48.36 -8.98 -7.23
C GLY A 468 47.07 -9.78 -7.21
N LEU A 469 46.44 -9.88 -6.03
CA LEU A 469 45.24 -10.71 -5.90
C LEU A 469 44.11 -10.17 -6.76
N GLU A 470 43.88 -8.86 -6.70
CA GLU A 470 42.86 -8.25 -7.54
C GLU A 470 43.20 -8.40 -9.02
N HIS A 471 44.49 -8.37 -9.35
CA HIS A 471 44.91 -8.55 -10.72
C HIS A 471 44.58 -9.96 -11.22
N GLU A 472 44.76 -10.98 -10.37
CA GLU A 472 44.53 -12.36 -10.79
C GLU A 472 43.03 -12.70 -10.84
N LYS A 473 42.22 -12.09 -9.97
CA LYS A 473 40.81 -12.41 -9.95
C LYS A 473 40.13 -12.08 -11.28
N LEU A 474 40.55 -10.98 -11.93
CA LEU A 474 39.96 -10.62 -13.21
C LEU A 474 40.25 -11.69 -14.27
N LEU A 475 41.48 -12.19 -14.32
CA LEU A 475 41.82 -13.22 -15.29
C LEU A 475 41.03 -14.50 -15.04
N ASP A 476 40.88 -14.87 -13.76
CA ASP A 476 40.08 -16.05 -13.45
C ASP A 476 38.63 -15.86 -13.90
N GLU A 477 38.08 -14.67 -13.69
CA GLU A 477 36.72 -14.38 -14.14
C GLU A 477 36.61 -14.49 -15.65
N TYR A 478 37.61 -13.99 -16.37
CA TYR A 478 37.58 -14.05 -17.83
C TYR A 478 37.57 -15.49 -18.33
N LYS A 479 38.41 -16.34 -17.73
CA LYS A 479 38.43 -17.75 -18.13
C LYS A 479 37.09 -18.42 -17.85
N GLU A 480 36.50 -18.14 -16.67
CA GLU A 480 35.18 -18.69 -16.36
C GLU A 480 34.15 -18.23 -17.37
N LEU A 481 34.19 -16.97 -17.78
CA LEU A 481 33.24 -16.47 -18.76
C LEU A 481 33.39 -17.17 -20.10
N LEU A 482 34.63 -17.45 -20.50
CA LEU A 482 34.83 -18.19 -21.75
C LEU A 482 34.19 -19.58 -21.66
N ASP A 483 34.39 -20.27 -20.54
CA ASP A 483 33.76 -21.59 -20.39
C ASP A 483 32.24 -21.49 -20.43
N GLN A 484 31.66 -20.48 -19.76
CA GLN A 484 30.22 -20.34 -19.76
C GLN A 484 29.69 -20.06 -21.16
N ILE A 485 30.39 -19.23 -21.93
CA ILE A 485 29.96 -18.94 -23.30
C ILE A 485 29.98 -20.21 -24.14
N ALA A 486 31.01 -21.03 -23.97
CA ALA A 486 31.07 -22.29 -24.71
C ALA A 486 29.88 -23.19 -24.35
N GLU A 487 29.55 -23.28 -23.06
CA GLU A 487 28.42 -24.12 -22.66
C GLU A 487 27.10 -23.61 -23.23
N LEU A 488 26.89 -22.29 -23.20
CA LEU A 488 25.63 -21.75 -23.72
C LEU A 488 25.53 -21.99 -25.23
N LEU A 489 26.63 -21.82 -25.97
CA LEU A 489 26.59 -22.11 -27.40
C LEU A 489 26.28 -23.58 -27.65
N ARG A 490 26.86 -24.49 -26.86
CA ARG A 490 26.57 -25.90 -27.04
C ARG A 490 25.10 -26.21 -26.76
N ILE A 491 24.51 -25.54 -25.77
CA ILE A 491 23.08 -25.75 -25.49
C ILE A 491 22.25 -25.28 -26.68
N LEU A 492 22.59 -24.11 -27.24
CA LEU A 492 21.82 -23.61 -28.38
C LEU A 492 22.00 -24.48 -29.62
N GLY A 493 23.14 -25.17 -29.72
CA GLY A 493 23.45 -25.94 -30.92
C GLY A 493 22.53 -27.10 -31.21
N SER A 494 22.56 -28.12 -30.36
CA SER A 494 21.85 -29.37 -30.61
C SER A 494 20.45 -29.34 -30.01
N ALA A 495 19.60 -30.22 -30.52
CA ALA A 495 18.23 -30.37 -30.05
C ALA A 495 18.08 -31.47 -29.00
N ASP A 496 19.17 -32.09 -28.56
CA ASP A 496 19.13 -33.17 -27.58
C ASP A 496 19.55 -32.73 -26.18
N ARG A 497 20.37 -31.68 -26.07
CA ARG A 497 20.74 -31.15 -24.76
C ARG A 497 19.54 -30.49 -24.08
N LEU A 498 18.67 -29.85 -24.86
CA LEU A 498 17.53 -29.14 -24.31
C LEU A 498 16.62 -30.07 -23.53
N MET A 499 16.39 -31.27 -24.07
CA MET A 499 15.55 -32.23 -23.38
C MET A 499 16.20 -32.70 -22.08
N GLU A 500 17.53 -32.84 -22.06
CA GLU A 500 18.22 -33.19 -20.83
C GLU A 500 18.03 -32.12 -19.77
N VAL A 501 18.15 -30.85 -20.16
CA VAL A 501 17.95 -29.76 -19.20
C VAL A 501 16.52 -29.79 -18.65
N ILE A 502 15.53 -29.99 -19.53
CA ILE A 502 14.15 -30.03 -19.09
C ILE A 502 13.91 -31.20 -18.14
N ARG A 503 14.50 -32.35 -18.44
CA ARG A 503 14.36 -33.51 -17.57
C ARG A 503 14.94 -33.24 -16.19
N GLU A 504 16.11 -32.61 -16.13
CA GLU A 504 16.71 -32.29 -14.84
C GLU A 504 15.83 -31.35 -14.04
N GLU A 505 15.27 -30.34 -14.69
CA GLU A 505 14.38 -29.41 -13.97
C GLU A 505 13.14 -30.13 -13.44
N LEU A 506 12.53 -30.99 -14.26
CA LEU A 506 11.34 -31.70 -13.80
C LEU A 506 11.65 -32.63 -12.63
N GLU A 507 12.80 -33.32 -12.69
CA GLU A 507 13.17 -34.21 -11.60
C GLU A 507 13.40 -33.42 -10.31
N LEU A 508 14.04 -32.26 -10.41
CA LEU A 508 14.26 -31.44 -9.21
C LEU A 508 12.93 -30.98 -8.62
N VAL A 509 11.99 -30.58 -9.47
CA VAL A 509 10.67 -30.15 -8.98
C VAL A 509 9.97 -31.31 -8.27
N ARG A 510 10.04 -32.51 -8.86
CA ARG A 510 9.42 -33.67 -8.23
C ARG A 510 10.04 -33.96 -6.86
N GLU A 511 11.37 -33.88 -6.78
CA GLU A 511 12.04 -34.15 -5.50
C GLU A 511 11.64 -33.12 -4.44
N GLN A 512 11.47 -31.86 -4.84
CA GLN A 512 11.20 -30.82 -3.85
C GLN A 512 9.75 -30.85 -3.38
N PHE A 513 8.77 -30.88 -4.29
CA PHE A 513 7.38 -30.62 -3.97
C PHE A 513 6.48 -31.87 -4.01
N GLY A 514 7.05 -33.07 -4.00
CA GLY A 514 6.24 -34.27 -4.07
C GLY A 514 5.54 -34.59 -2.76
N ASP A 515 4.52 -35.46 -2.84
CA ASP A 515 3.76 -35.86 -1.67
C ASP A 515 2.98 -37.12 -2.00
N LYS A 516 2.21 -37.61 -1.01
CA LYS A 516 1.50 -38.87 -1.09
C LYS A 516 0.05 -38.68 -1.55
N ARG A 517 -0.56 -39.78 -1.98
CA ARG A 517 -1.92 -39.76 -2.48
C ARG A 517 -2.93 -39.83 -1.34
N ARG A 518 -4.11 -39.26 -1.58
CA ARG A 518 -5.20 -39.20 -0.59
C ARG A 518 -6.42 -40.00 -1.01
N THR A 519 -6.97 -39.73 -2.20
CA THR A 519 -8.21 -40.37 -2.62
C THR A 519 -7.95 -41.79 -3.10
N GLU A 520 -8.92 -42.66 -2.83
CA GLU A 520 -8.87 -44.07 -3.23
C GLU A 520 -9.82 -44.32 -4.39
N ILE A 521 -9.40 -45.23 -5.28
CA ILE A 521 -10.18 -45.61 -6.47
C ILE A 521 -10.55 -47.08 -6.35
N THR A 522 -11.84 -47.36 -6.53
CA THR A 522 -12.37 -48.71 -6.40
C THR A 522 -13.44 -48.96 -7.45
N ALA A 523 -13.73 -50.23 -7.69
CA ALA A 523 -14.82 -50.62 -8.56
C ALA A 523 -16.15 -50.50 -7.83
N ASN A 524 -17.24 -50.77 -8.54
CA ASN A 524 -18.59 -50.61 -7.98
C ASN A 524 -18.82 -51.52 -6.78
N GLY B 406 -38.89 5.61 -3.95
CA GLY B 406 -38.35 4.65 -4.88
C GLY B 406 -37.26 5.22 -5.77
N LYS B 407 -36.49 6.15 -5.22
CA LYS B 407 -35.35 6.77 -5.91
C LYS B 407 -35.76 7.52 -7.16
N LEU B 408 -37.01 7.95 -7.25
CA LEU B 408 -37.54 8.66 -8.41
C LEU B 408 -37.59 10.15 -8.10
N ALA B 409 -36.95 10.95 -8.94
CA ALA B 409 -36.93 12.41 -8.82
C ALA B 409 -37.84 12.97 -9.91
N ASP B 410 -39.10 13.18 -9.54
CA ASP B 410 -40.11 13.56 -10.53
C ASP B 410 -39.86 14.97 -11.04
N CYS B 411 -40.48 15.27 -12.19
CA CYS B 411 -40.35 16.56 -12.83
C CYS B 411 -41.48 17.49 -12.39
N GLN B 412 -41.46 18.73 -12.89
CA GLN B 412 -42.45 19.74 -12.56
C GLN B 412 -43.56 19.84 -13.60
N GLU B 413 -43.25 19.68 -14.88
CA GLU B 413 -44.25 19.80 -15.93
C GLU B 413 -45.22 18.63 -15.85
N ARG B 414 -46.51 18.93 -15.72
CA ARG B 414 -47.55 17.91 -15.59
C ARG B 414 -48.10 17.45 -16.94
N ASP B 415 -47.74 18.10 -18.04
CA ASP B 415 -48.23 17.69 -19.34
C ASP B 415 -47.50 16.44 -19.82
N PRO B 416 -48.21 15.33 -20.17
CA PRO B 416 -47.50 14.14 -20.62
C PRO B 416 -47.14 14.17 -22.10
N ALA B 417 -46.56 15.28 -22.56
CA ALA B 417 -46.05 15.37 -23.93
C ALA B 417 -44.78 16.18 -24.05
N LEU B 418 -44.24 16.75 -22.95
CA LEU B 418 -42.98 17.48 -22.97
C LEU B 418 -42.09 17.09 -21.80
N SER B 419 -42.31 15.91 -21.20
CA SER B 419 -41.51 15.40 -20.10
C SER B 419 -40.48 14.40 -20.63
N GLU B 420 -39.52 14.07 -19.77
CA GLU B 420 -38.45 13.14 -20.11
C GLU B 420 -38.15 12.26 -18.91
N LEU B 421 -37.60 11.08 -19.19
CA LEU B 421 -37.22 10.12 -18.17
C LEU B 421 -35.88 9.49 -18.54
N TYR B 422 -35.03 9.31 -17.54
CA TYR B 422 -33.70 8.74 -17.71
C TYR B 422 -33.56 7.51 -16.83
N LEU B 423 -32.85 6.49 -17.34
CA LEU B 423 -32.59 5.25 -16.64
C LEU B 423 -31.08 5.15 -16.46
N VAL B 424 -30.58 5.77 -15.39
CA VAL B 424 -29.14 5.90 -15.20
C VAL B 424 -28.59 4.64 -14.56
N GLU B 425 -27.38 4.26 -14.96
CA GLU B 425 -26.70 3.08 -14.42
C GLU B 425 -25.83 3.50 -13.23
N GLY B 426 -26.03 2.82 -12.11
CA GLY B 426 -25.25 3.08 -10.91
C GLY B 426 -25.85 4.19 -10.06
N ASP B 427 -25.27 4.34 -8.86
CA ASP B 427 -25.73 5.31 -7.87
C ASP B 427 -25.02 6.65 -7.99
N SER B 428 -23.69 6.63 -8.17
CA SER B 428 -22.96 7.88 -8.31
C SER B 428 -23.40 8.64 -9.57
N ALA B 429 -23.59 7.92 -10.67
CA ALA B 429 -24.08 8.56 -11.89
C ALA B 429 -25.49 9.11 -11.69
N GLY B 430 -26.34 8.38 -10.96
CA GLY B 430 -27.67 8.89 -10.67
C GLY B 430 -27.63 10.17 -9.85
N GLY B 431 -26.78 10.20 -8.83
CA GLY B 431 -26.65 11.42 -8.03
C GLY B 431 -26.13 12.59 -8.84
N SER B 432 -25.13 12.34 -9.70
CA SER B 432 -24.62 13.41 -10.54
C SER B 432 -25.68 13.91 -11.51
N ALA B 433 -26.46 13.00 -12.09
CA ALA B 433 -27.53 13.40 -12.99
C ALA B 433 -28.58 14.23 -12.27
N LYS B 434 -28.94 13.83 -11.04
CA LYS B 434 -29.86 14.64 -10.24
C LYS B 434 -29.27 16.02 -9.97
N GLN B 435 -27.97 16.08 -9.72
CA GLN B 435 -27.33 17.36 -9.44
C GLN B 435 -27.37 18.28 -10.66
N GLY B 436 -27.08 17.74 -11.84
CA GLY B 436 -26.91 18.52 -13.05
C GLY B 436 -28.10 18.62 -13.98
N ARG B 437 -29.26 18.08 -13.59
CA ARG B 437 -30.41 18.07 -14.48
C ARG B 437 -31.10 19.42 -14.51
N ASN B 438 -31.94 19.60 -15.54
CA ASN B 438 -32.90 20.71 -15.60
C ASN B 438 -34.17 20.23 -14.91
N ARG B 439 -34.39 20.70 -13.68
CA ARG B 439 -35.45 20.17 -12.83
C ARG B 439 -36.84 20.43 -13.37
N LYS B 440 -37.00 21.31 -14.35
CA LYS B 440 -38.33 21.66 -14.84
C LYS B 440 -39.02 20.47 -15.48
N ASN B 441 -38.35 19.81 -16.43
CA ASN B 441 -38.98 18.78 -17.27
C ASN B 441 -38.04 17.60 -17.49
N GLN B 442 -37.38 17.14 -16.42
CA GLN B 442 -36.50 15.97 -16.51
C GLN B 442 -36.60 15.17 -15.22
N ALA B 443 -36.63 13.84 -15.37
CA ALA B 443 -36.75 12.92 -14.25
C ALA B 443 -35.63 11.89 -14.31
N ILE B 444 -35.35 11.27 -13.16
CA ILE B 444 -34.23 10.36 -12.99
C ILE B 444 -34.73 9.10 -12.28
N LEU B 445 -34.15 7.95 -12.65
CA LEU B 445 -34.51 6.67 -12.06
C LEU B 445 -33.28 5.77 -12.06
N PRO B 446 -32.46 5.83 -11.00
CA PRO B 446 -31.24 5.01 -10.98
C PRO B 446 -31.53 3.51 -10.96
N LEU B 447 -30.60 2.75 -11.52
CA LEU B 447 -30.62 1.29 -11.49
C LEU B 447 -29.39 0.80 -10.74
N LYS B 448 -29.61 -0.03 -9.72
CA LYS B 448 -28.51 -0.44 -8.85
C LYS B 448 -27.68 -1.56 -9.47
N GLY B 449 -28.32 -2.50 -10.17
CA GLY B 449 -27.61 -3.62 -10.75
C GLY B 449 -28.37 -4.21 -11.91
N LYS B 450 -27.91 -5.39 -12.35
CA LYS B 450 -28.53 -6.06 -13.48
C LYS B 450 -29.94 -6.52 -13.12
N ILE B 451 -30.82 -6.48 -14.11
CA ILE B 451 -32.26 -6.68 -13.89
C ILE B 451 -32.67 -8.05 -14.42
N LEU B 452 -33.90 -8.42 -14.15
CA LEU B 452 -34.43 -9.72 -14.53
C LEU B 452 -34.50 -9.86 -16.05
N ASN B 453 -34.37 -11.10 -16.51
CA ASN B 453 -34.53 -11.45 -17.93
C ASN B 453 -35.96 -11.95 -18.10
N VAL B 454 -36.83 -11.10 -18.65
CA VAL B 454 -38.24 -11.47 -18.79
C VAL B 454 -38.45 -12.57 -19.83
N GLU B 455 -37.49 -12.77 -20.72
CA GLU B 455 -37.64 -13.82 -21.73
C GLU B 455 -37.70 -15.20 -21.09
N LYS B 456 -36.90 -15.43 -20.04
CA LYS B 456 -36.82 -16.72 -19.38
C LYS B 456 -37.77 -16.85 -18.20
N ALA B 457 -38.02 -15.75 -17.49
CA ALA B 457 -38.80 -15.82 -16.26
C ALA B 457 -40.28 -16.01 -16.55
N ARG B 458 -40.97 -16.65 -15.62
CA ARG B 458 -42.41 -16.80 -15.70
C ARG B 458 -43.10 -15.47 -15.37
N PHE B 459 -44.36 -15.36 -15.78
CA PHE B 459 -45.11 -14.14 -15.54
C PHE B 459 -45.30 -13.88 -14.06
N ASP B 460 -45.42 -14.94 -13.25
CA ASP B 460 -45.63 -14.76 -11.82
C ASP B 460 -44.44 -14.10 -11.15
N LYS B 461 -43.21 -14.50 -11.52
CA LYS B 461 -42.03 -13.95 -10.88
C LYS B 461 -41.74 -12.52 -11.32
N MET B 462 -42.25 -12.11 -12.49
CA MET B 462 -42.01 -10.74 -12.94
C MET B 462 -42.65 -9.73 -12.00
N LEU B 463 -43.88 -10.00 -11.56
CA LEU B 463 -44.58 -9.06 -10.68
C LEU B 463 -43.95 -8.99 -9.31
N SER B 464 -43.23 -10.02 -8.88
CA SER B 464 -42.58 -9.99 -7.57
C SER B 464 -41.33 -9.12 -7.55
N SER B 465 -40.63 -9.03 -8.68
CA SER B 465 -39.35 -8.33 -8.71
C SER B 465 -39.54 -6.84 -8.45
N GLN B 466 -38.63 -6.26 -7.67
CA GLN B 466 -38.78 -4.87 -7.24
C GLN B 466 -38.47 -3.90 -8.38
N GLU B 467 -37.44 -4.21 -9.18
CA GLU B 467 -36.99 -3.26 -10.19
C GLU B 467 -38.05 -3.06 -11.27
N VAL B 468 -38.58 -4.14 -11.82
CA VAL B 468 -39.60 -4.02 -12.87
C VAL B 468 -40.88 -3.43 -12.30
N ALA B 469 -41.21 -3.75 -11.05
CA ALA B 469 -42.40 -3.16 -10.43
C ALA B 469 -42.26 -1.65 -10.32
N THR B 470 -41.10 -1.18 -9.88
CA THR B 470 -40.87 0.26 -9.79
C THR B 470 -40.91 0.91 -11.16
N LEU B 471 -40.32 0.25 -12.17
CA LEU B 471 -40.34 0.80 -13.52
C LEU B 471 -41.77 0.90 -14.06
N ILE B 472 -42.58 -0.13 -13.82
CA ILE B 472 -43.97 -0.11 -14.27
C ILE B 472 -44.74 1.00 -13.58
N THR B 473 -44.51 1.17 -12.27
CA THR B 473 -45.18 2.25 -11.55
C THR B 473 -44.76 3.61 -12.08
N ALA B 474 -43.48 3.77 -12.41
CA ALA B 474 -42.99 5.04 -12.95
C ALA B 474 -43.62 5.35 -14.30
N LEU B 475 -43.70 4.35 -15.19
CA LEU B 475 -44.23 4.60 -16.53
C LEU B 475 -45.69 5.02 -16.48
N GLY B 476 -46.49 4.35 -15.66
CA GLY B 476 -47.89 4.68 -15.48
C GLY B 476 -48.86 3.81 -16.25
N CYS B 477 -48.40 3.10 -17.27
CA CYS B 477 -49.26 2.18 -17.99
C CYS B 477 -49.42 0.88 -17.20
N GLY B 478 -50.45 0.12 -17.58
CA GLY B 478 -50.67 -1.18 -16.99
C GLY B 478 -49.75 -2.23 -17.60
N ILE B 479 -49.92 -3.47 -17.14
CA ILE B 479 -49.15 -4.61 -17.61
C ILE B 479 -50.08 -5.80 -17.76
N GLY B 480 -49.88 -6.57 -18.82
CA GLY B 480 -50.68 -7.74 -19.09
C GLY B 480 -51.92 -7.42 -19.93
N ARG B 481 -52.44 -8.45 -20.56
CA ARG B 481 -53.65 -8.30 -21.37
C ARG B 481 -54.83 -7.94 -20.47
N ASP B 482 -55.74 -7.14 -21.04
CA ASP B 482 -56.93 -6.59 -20.38
C ASP B 482 -56.59 -5.54 -19.33
N GLU B 483 -55.32 -5.15 -19.20
CA GLU B 483 -54.89 -4.06 -18.32
C GLU B 483 -53.94 -3.08 -18.99
N TYR B 484 -53.20 -3.50 -20.02
CA TYR B 484 -52.30 -2.59 -20.71
C TYR B 484 -53.09 -1.56 -21.51
N ASN B 485 -52.62 -0.32 -21.48
CA ASN B 485 -53.33 0.80 -22.10
C ASN B 485 -52.31 1.85 -22.50
N PRO B 486 -51.74 1.76 -23.72
CA PRO B 486 -50.71 2.73 -24.12
C PRO B 486 -51.23 4.15 -24.25
N ASP B 487 -52.54 4.35 -24.30
CA ASP B 487 -53.09 5.71 -24.37
C ASP B 487 -52.74 6.51 -23.13
N LYS B 488 -52.86 5.89 -21.96
CA LYS B 488 -52.58 6.55 -20.68
C LYS B 488 -51.08 6.45 -20.38
N LEU B 489 -50.30 7.20 -21.16
CA LEU B 489 -48.85 7.16 -21.10
C LEU B 489 -48.30 8.47 -20.54
N ARG B 490 -47.15 8.36 -19.89
CA ARG B 490 -46.41 9.49 -19.33
C ARG B 490 -44.99 9.39 -19.84
N TYR B 491 -44.28 10.52 -19.87
CA TYR B 491 -42.87 10.57 -20.27
C TYR B 491 -42.70 10.06 -21.70
N HIS B 492 -43.18 10.86 -22.65
CA HIS B 492 -43.13 10.47 -24.06
C HIS B 492 -41.71 10.29 -24.57
N SER B 493 -40.70 10.79 -23.87
CA SER B 493 -39.29 10.53 -24.18
C SER B 493 -38.69 9.64 -23.11
N ILE B 494 -38.00 8.58 -23.54
CA ILE B 494 -37.29 7.66 -22.66
C ILE B 494 -35.88 7.48 -23.19
N ILE B 495 -34.88 7.63 -22.31
CA ILE B 495 -33.47 7.57 -22.68
C ILE B 495 -32.78 6.56 -21.76
N ILE B 496 -31.87 5.77 -22.34
CA ILE B 496 -31.19 4.71 -21.60
C ILE B 496 -29.96 5.27 -20.92
N MET B 497 -28.97 5.70 -21.69
CA MET B 497 -27.75 6.33 -21.19
C MET B 497 -27.01 5.39 -20.21
N THR B 498 -26.52 4.28 -20.76
CA THR B 498 -25.70 3.34 -20.02
C THR B 498 -24.23 3.64 -20.23
N ASP B 499 -23.39 2.93 -19.47
CA ASP B 499 -21.95 3.10 -19.56
C ASP B 499 -21.43 2.62 -20.93
N ALA B 500 -20.16 2.90 -21.19
CA ALA B 500 -19.53 2.63 -22.48
C ALA B 500 -18.63 1.40 -22.45
N ASP B 501 -19.04 0.35 -21.75
CA ASP B 501 -18.29 -0.91 -21.65
C ASP B 501 -19.25 -2.07 -21.91
N VAL B 502 -18.75 -3.30 -21.78
CA VAL B 502 -19.53 -4.47 -22.17
C VAL B 502 -20.71 -4.67 -21.24
N ASP B 503 -20.54 -4.41 -19.94
CA ASP B 503 -21.64 -4.55 -19.00
C ASP B 503 -22.76 -3.58 -19.31
N GLY B 504 -22.41 -2.36 -19.71
CA GLY B 504 -23.43 -1.41 -20.13
C GLY B 504 -24.23 -1.90 -21.32
N SER B 505 -23.55 -2.51 -22.30
CA SER B 505 -24.26 -3.03 -23.47
C SER B 505 -25.16 -4.20 -23.08
N HIS B 506 -24.72 -5.04 -22.15
CA HIS B 506 -25.57 -6.13 -21.66
C HIS B 506 -26.84 -5.58 -21.01
N ILE B 507 -26.69 -4.55 -20.17
CA ILE B 507 -27.84 -3.94 -19.53
C ILE B 507 -28.77 -3.33 -20.57
N ARG B 508 -28.19 -2.72 -21.61
CA ARG B 508 -28.99 -2.15 -22.68
C ARG B 508 -29.80 -3.22 -23.39
N THR B 509 -29.19 -4.37 -23.67
CA THR B 509 -29.93 -5.46 -24.31
C THR B 509 -31.07 -5.94 -23.43
N LEU B 510 -30.83 -6.05 -22.12
CA LEU B 510 -31.90 -6.47 -21.22
C LEU B 510 -33.07 -5.49 -21.25
N LEU B 511 -32.78 -4.18 -21.19
CA LEU B 511 -33.85 -3.19 -21.22
C LEU B 511 -34.61 -3.22 -22.54
N LEU B 512 -33.89 -3.36 -23.65
CA LEU B 512 -34.56 -3.42 -24.95
C LEU B 512 -35.45 -4.65 -25.05
N THR B 513 -34.99 -5.78 -24.51
CA THR B 513 -35.81 -6.98 -24.49
C THR B 513 -37.10 -6.76 -23.72
N PHE B 514 -37.00 -6.13 -22.54
CA PHE B 514 -38.19 -5.84 -21.75
C PHE B 514 -39.16 -4.95 -22.52
N PHE B 515 -38.65 -3.86 -23.10
CA PHE B 515 -39.53 -2.91 -23.79
C PHE B 515 -40.20 -3.54 -25.00
N TYR B 516 -39.47 -4.35 -25.75
CA TYR B 516 -40.05 -4.97 -26.94
C TYR B 516 -41.07 -6.04 -26.58
N ARG B 517 -40.77 -6.88 -25.59
CA ARG B 517 -41.66 -8.00 -25.30
C ARG B 517 -42.92 -7.54 -24.58
N GLN B 518 -42.79 -6.62 -23.62
CA GLN B 518 -43.93 -6.28 -22.76
C GLN B 518 -44.76 -5.10 -23.28
N MET B 519 -44.15 -4.15 -23.98
CA MET B 519 -44.85 -2.95 -24.46
C MET B 519 -44.47 -2.69 -25.91
N PRO B 520 -44.95 -3.51 -26.84
CA PRO B 520 -44.57 -3.33 -28.25
C PRO B 520 -44.99 -1.99 -28.83
N GLU B 521 -46.16 -1.47 -28.43
CA GLU B 521 -46.68 -0.26 -29.07
C GLU B 521 -45.81 0.94 -28.78
N ILE B 522 -45.17 1.00 -27.62
CA ILE B 522 -44.31 2.14 -27.30
C ILE B 522 -43.12 2.17 -28.24
N VAL B 523 -42.51 1.01 -28.50
CA VAL B 523 -41.40 0.96 -29.44
C VAL B 523 -41.87 1.22 -30.86
N GLU B 524 -43.06 0.72 -31.21
CA GLU B 524 -43.58 0.93 -32.57
C GLU B 524 -43.83 2.40 -32.84
N ARG B 525 -44.38 3.14 -31.87
CA ARG B 525 -44.68 4.54 -32.06
C ARG B 525 -43.45 5.44 -31.97
N GLY B 526 -42.34 4.94 -31.45
CA GLY B 526 -41.08 5.67 -31.47
C GLY B 526 -40.90 6.63 -30.31
N HIS B 527 -40.99 6.12 -29.08
CA HIS B 527 -40.77 6.90 -27.86
C HIS B 527 -39.53 6.47 -27.10
N VAL B 528 -38.65 5.67 -27.71
CA VAL B 528 -37.48 5.11 -27.05
C VAL B 528 -36.24 5.67 -27.71
N TYR B 529 -35.32 6.20 -26.91
CA TYR B 529 -34.08 6.82 -27.39
C TYR B 529 -32.89 6.22 -26.65
N ILE B 530 -31.72 6.35 -27.26
CA ILE B 530 -30.46 5.88 -26.69
C ILE B 530 -29.46 7.03 -26.72
N ALA B 531 -28.85 7.32 -25.56
CA ALA B 531 -27.88 8.39 -25.45
C ALA B 531 -26.49 7.88 -25.85
N GLN B 532 -25.53 8.81 -25.93
CA GLN B 532 -24.18 8.51 -26.41
C GLN B 532 -23.19 9.45 -25.74
N PRO B 533 -22.74 9.12 -24.53
CA PRO B 533 -21.75 9.97 -23.86
C PRO B 533 -20.37 9.79 -24.48
N PRO B 534 -19.42 10.68 -24.18
CA PRO B 534 -18.10 10.59 -24.78
C PRO B 534 -17.18 9.66 -23.99
N LEU B 535 -16.01 9.38 -24.59
CA LEU B 535 -14.99 8.53 -23.99
C LEU B 535 -13.71 9.31 -23.68
N TYR B 536 -13.11 9.95 -24.69
CA TYR B 536 -11.84 10.65 -24.52
C TYR B 536 -12.07 12.15 -24.35
N LYS B 537 -11.16 12.77 -23.59
CA LYS B 537 -11.10 14.23 -23.47
C LYS B 537 -9.70 14.68 -23.84
N VAL B 538 -9.60 15.69 -24.68
CA VAL B 538 -8.33 16.24 -25.14
C VAL B 538 -8.22 17.68 -24.68
N LYS B 539 -7.04 18.05 -24.20
CA LYS B 539 -6.75 19.40 -23.73
C LYS B 539 -5.40 19.84 -24.28
N LYS B 540 -5.34 21.10 -24.73
CA LYS B 540 -4.14 21.72 -25.26
C LYS B 540 -4.01 23.15 -24.74
N GLY B 541 -4.28 23.33 -23.45
CA GLY B 541 -4.26 24.64 -22.84
C GLY B 541 -5.55 25.41 -23.07
N LYS B 542 -5.76 25.89 -24.29
CA LYS B 542 -6.97 26.59 -24.70
C LYS B 542 -7.94 25.68 -25.44
N GLN B 543 -7.47 25.02 -26.49
CA GLN B 543 -8.34 24.17 -27.31
C GLN B 543 -8.51 22.83 -26.59
N GLU B 544 -9.72 22.59 -26.08
CA GLU B 544 -10.08 21.33 -25.46
C GLU B 544 -11.40 20.84 -26.02
N GLN B 545 -11.59 19.53 -26.08
CA GLN B 545 -12.83 18.99 -26.59
C GLN B 545 -12.97 17.53 -26.16
N TYR B 546 -14.07 16.91 -26.56
CA TYR B 546 -14.41 15.53 -26.25
C TYR B 546 -14.48 14.73 -27.55
N ILE B 547 -14.04 13.49 -27.48
CA ILE B 547 -13.99 12.59 -28.64
C ILE B 547 -14.66 11.28 -28.27
N LYS B 548 -15.54 10.80 -29.14
CA LYS B 548 -16.24 9.53 -28.97
C LYS B 548 -15.58 8.46 -29.82
N ASP B 549 -15.47 7.25 -29.27
CA ASP B 549 -14.96 6.09 -30.00
C ASP B 549 -13.47 6.22 -30.29
N ASP B 550 -12.82 5.11 -30.60
CA ASP B 550 -11.38 5.12 -30.89
C ASP B 550 -11.08 5.65 -32.29
N GLU B 551 -11.95 5.38 -33.26
CA GLU B 551 -11.67 5.78 -34.64
C GLU B 551 -11.59 7.30 -34.77
N ALA B 552 -12.49 8.01 -34.11
CA ALA B 552 -12.44 9.47 -34.15
C ALA B 552 -11.17 9.98 -33.48
N MET B 553 -10.74 9.33 -32.40
CA MET B 553 -9.48 9.72 -31.76
C MET B 553 -8.31 9.54 -32.71
N ASP B 554 -8.29 8.41 -33.43
CA ASP B 554 -7.21 8.19 -34.39
C ASP B 554 -7.24 9.23 -35.51
N GLN B 555 -8.43 9.55 -36.01
CA GLN B 555 -8.54 10.57 -37.05
C GLN B 555 -8.06 11.92 -36.55
N TYR B 556 -8.43 12.29 -35.32
CA TYR B 556 -7.98 13.54 -34.74
C TYR B 556 -6.46 13.56 -34.58
N GLN B 557 -5.88 12.44 -34.15
CA GLN B 557 -4.43 12.37 -34.01
C GLN B 557 -3.74 12.55 -35.36
N ILE B 558 -4.25 11.89 -36.39
CA ILE B 558 -3.64 12.02 -37.72
C ILE B 558 -3.77 13.44 -38.23
N SER B 559 -4.93 14.07 -38.02
CA SER B 559 -5.13 15.44 -38.48
C SER B 559 -4.20 16.40 -37.75
N ILE B 560 -4.04 16.20 -36.43
CA ILE B 560 -3.13 17.06 -35.67
C ILE B 560 -1.69 16.84 -36.10
N ALA B 561 -1.36 15.62 -36.53
CA ALA B 561 0.00 15.34 -36.98
C ALA B 561 0.38 16.20 -38.18
N LEU B 562 -0.59 16.53 -39.03
CA LEU B 562 -0.38 17.31 -40.24
C LEU B 562 -1.21 18.60 -40.22
N ASP B 563 -1.31 19.22 -39.04
CA ASP B 563 -2.01 20.50 -38.89
C ASP B 563 -1.04 21.61 -39.26
N GLY B 564 -0.89 21.82 -40.56
CA GLY B 564 0.04 22.82 -41.07
C GLY B 564 1.46 22.33 -41.05
N ALA B 565 2.32 23.10 -41.72
CA ALA B 565 3.75 22.77 -41.83
C ALA B 565 3.86 21.41 -42.53
N THR B 566 4.87 20.61 -42.17
CA THR B 566 5.05 19.27 -42.73
C THR B 566 5.27 19.33 -44.24
N LEU B 567 6.34 20.02 -44.62
CA LEU B 567 6.78 20.12 -46.01
C LEU B 567 7.98 19.20 -46.16
N HIS B 568 7.75 18.04 -46.78
CA HIS B 568 8.78 17.01 -46.89
C HIS B 568 9.69 17.32 -48.08
N THR B 569 10.93 17.72 -47.79
CA THR B 569 11.92 17.98 -48.81
C THR B 569 12.74 16.71 -49.03
N ASN B 570 12.59 16.11 -50.22
CA ASN B 570 13.24 14.84 -50.50
C ASN B 570 14.71 15.01 -50.89
N ALA B 571 14.96 15.67 -52.03
CA ALA B 571 16.32 15.79 -52.57
C ALA B 571 16.81 17.22 -52.63
N SER B 572 16.13 18.10 -53.37
CA SER B 572 16.54 19.50 -53.50
C SER B 572 15.49 20.46 -52.97
N ALA B 573 14.28 20.45 -53.50
CA ALA B 573 13.19 21.24 -52.95
C ALA B 573 11.81 20.81 -53.46
N PRO B 574 11.35 19.59 -53.17
CA PRO B 574 9.92 19.29 -53.37
C PRO B 574 9.08 19.98 -52.30
N ALA B 575 7.77 20.07 -52.59
CA ALA B 575 6.83 20.65 -51.65
C ALA B 575 5.48 19.96 -51.87
N LEU B 576 5.20 18.94 -51.06
CA LEU B 576 3.90 18.28 -51.14
C LEU B 576 2.78 19.24 -50.79
N ALA B 577 2.97 20.03 -49.74
CA ALA B 577 2.11 21.17 -49.41
C ALA B 577 0.65 20.75 -49.22
N GLY B 578 0.43 19.93 -48.19
CA GLY B 578 -0.93 19.59 -47.80
C GLY B 578 -1.47 18.32 -48.40
N GLU B 579 -2.19 18.45 -49.53
CA GLU B 579 -3.04 17.38 -50.03
C GLU B 579 -2.25 16.11 -50.32
N ALA B 580 -1.09 16.22 -50.96
CA ALA B 580 -0.33 15.03 -51.32
C ALA B 580 0.11 14.26 -50.08
N LEU B 581 0.72 14.95 -49.12
CA LEU B 581 1.21 14.30 -47.92
C LEU B 581 0.06 13.69 -47.12
N GLU B 582 -1.02 14.46 -46.93
CA GLU B 582 -2.12 13.98 -46.10
C GLU B 582 -2.83 12.80 -46.75
N LYS B 583 -3.05 12.85 -48.07
CA LYS B 583 -3.68 11.73 -48.76
C LYS B 583 -2.80 10.50 -48.71
N LEU B 584 -1.48 10.67 -48.90
CA LEU B 584 -0.58 9.53 -48.80
C LEU B 584 -0.61 8.92 -47.41
N VAL B 585 -0.61 9.76 -46.37
CA VAL B 585 -0.64 9.25 -45.00
C VAL B 585 -1.95 8.52 -44.73
N SER B 586 -3.08 9.05 -45.20
CA SER B 586 -4.36 8.39 -44.98
C SER B 586 -4.41 7.04 -45.69
N GLU B 587 -3.93 6.98 -46.93
CA GLU B 587 -3.91 5.71 -47.65
C GLU B 587 -2.97 4.72 -46.98
N TYR B 588 -1.83 5.21 -46.46
CA TYR B 588 -0.92 4.34 -45.73
C TYR B 588 -1.57 3.78 -44.48
N ASN B 589 -2.32 4.61 -43.75
CA ASN B 589 -3.03 4.13 -42.57
C ASN B 589 -4.06 3.09 -42.94
N ALA B 590 -4.79 3.32 -44.04
CA ALA B 590 -5.78 2.33 -44.48
C ALA B 590 -5.11 1.01 -44.83
N THR B 591 -3.98 1.06 -45.54
CA THR B 591 -3.28 -0.18 -45.88
C THR B 591 -2.73 -0.87 -44.64
N GLN B 592 -2.28 -0.09 -43.66
CA GLN B 592 -1.83 -0.68 -42.40
C GLN B 592 -2.98 -1.37 -41.68
N LYS B 593 -4.16 -0.77 -41.69
CA LYS B 593 -5.33 -1.43 -41.11
C LYS B 593 -5.65 -2.73 -41.84
N MET B 594 -5.57 -2.70 -43.18
CA MET B 594 -5.81 -3.90 -43.97
C MET B 594 -4.80 -5.00 -43.62
N ILE B 595 -3.55 -4.63 -43.41
CA ILE B 595 -2.53 -5.60 -43.00
C ILE B 595 -2.86 -6.15 -41.63
N ASN B 596 -3.25 -5.27 -40.69
CA ASN B 596 -3.46 -5.68 -39.31
C ASN B 596 -4.65 -6.63 -39.18
N ARG B 597 -5.71 -6.41 -39.94
CA ARG B 597 -6.87 -7.29 -39.82
C ARG B 597 -6.56 -8.72 -40.23
N MET B 598 -5.63 -8.91 -41.18
CA MET B 598 -5.23 -10.23 -41.66
C MET B 598 -3.88 -10.65 -41.10
N GLU B 599 -3.43 -10.04 -40.00
CA GLU B 599 -2.10 -10.31 -39.47
C GLU B 599 -1.95 -11.72 -38.93
N ARG B 600 -3.05 -12.41 -38.62
CA ARG B 600 -2.96 -13.72 -37.99
C ARG B 600 -2.30 -14.75 -38.90
N ARG B 601 -2.65 -14.76 -40.18
CA ARG B 601 -2.26 -15.85 -41.06
C ARG B 601 -0.85 -15.73 -41.62
N TYR B 602 -0.20 -14.58 -41.49
CA TYR B 602 1.15 -14.37 -42.03
C TYR B 602 1.96 -13.59 -41.02
N PRO B 603 3.29 -13.65 -41.10
CA PRO B 603 4.12 -12.80 -40.23
C PRO B 603 4.06 -11.35 -40.67
N LYS B 604 4.39 -10.47 -39.73
CA LYS B 604 4.41 -9.04 -40.05
C LYS B 604 5.59 -8.69 -40.94
N ALA B 605 6.73 -9.35 -40.74
CA ALA B 605 7.93 -9.00 -41.50
C ALA B 605 7.75 -9.26 -42.99
N MET B 606 7.17 -10.41 -43.33
CA MET B 606 7.00 -10.75 -44.75
C MET B 606 6.09 -9.76 -45.45
N LEU B 607 4.95 -9.44 -44.83
CA LEU B 607 4.03 -8.47 -45.43
C LEU B 607 4.65 -7.09 -45.51
N LYS B 608 5.35 -6.68 -44.45
CA LYS B 608 5.96 -5.36 -44.44
C LYS B 608 7.13 -5.24 -45.42
N GLU B 609 7.74 -6.36 -45.81
CA GLU B 609 8.82 -6.34 -46.80
C GLU B 609 8.30 -6.51 -48.22
N LEU B 610 7.14 -7.14 -48.40
CA LEU B 610 6.61 -7.33 -49.76
C LEU B 610 6.27 -6.00 -50.41
N ILE B 611 5.92 -4.98 -49.64
CA ILE B 611 5.59 -3.69 -50.22
C ILE B 611 6.84 -3.05 -50.84
N TYR B 612 7.99 -3.21 -50.19
CA TYR B 612 9.22 -2.66 -50.74
C TYR B 612 9.73 -3.47 -51.93
N GLN B 613 9.42 -4.77 -51.96
CA GLN B 613 9.80 -5.57 -53.10
C GLN B 613 8.98 -5.18 -54.32
N PRO B 614 9.50 -5.40 -55.54
CA PRO B 614 8.72 -5.07 -56.74
C PRO B 614 7.61 -6.09 -56.97
N THR B 615 6.90 -5.97 -58.08
CA THR B 615 5.88 -6.95 -58.41
C THR B 615 6.52 -8.32 -58.67
N LEU B 616 5.69 -9.35 -58.60
CA LEU B 616 6.20 -10.71 -58.78
C LEU B 616 6.80 -10.92 -60.17
N THR B 617 6.24 -10.25 -61.18
CA THR B 617 6.65 -10.45 -62.58
C THR B 617 6.44 -11.91 -62.99
N GLU B 618 5.17 -12.31 -62.99
CA GLU B 618 4.81 -13.68 -63.36
C GLU B 618 5.11 -13.98 -64.83
N ALA B 619 5.26 -12.96 -65.67
CA ALA B 619 5.45 -13.20 -67.10
C ALA B 619 6.76 -13.93 -67.38
N ASP B 620 7.85 -13.50 -66.75
CA ASP B 620 9.17 -14.06 -67.02
C ASP B 620 9.52 -15.24 -66.11
N LEU B 621 8.59 -15.71 -65.28
CA LEU B 621 8.86 -16.80 -64.37
C LEU B 621 9.17 -18.08 -65.15
N SER B 622 10.16 -18.83 -64.67
CA SER B 622 10.56 -20.08 -65.29
C SER B 622 11.05 -21.03 -64.21
N ASP B 623 11.09 -22.32 -64.55
CA ASP B 623 11.44 -23.35 -63.57
C ASP B 623 12.88 -23.18 -63.08
N GLU B 624 13.76 -22.61 -63.90
CA GLU B 624 15.17 -22.46 -63.56
C GLU B 624 15.62 -21.05 -63.90
N GLN B 625 16.55 -20.52 -63.09
CA GLN B 625 17.24 -19.26 -63.32
C GLN B 625 16.37 -18.02 -63.09
N THR B 626 15.07 -18.20 -62.81
CA THR B 626 14.13 -17.10 -62.60
C THR B 626 13.32 -17.26 -61.32
N VAL B 627 12.91 -18.48 -60.98
CA VAL B 627 12.12 -18.68 -59.77
C VAL B 627 12.98 -18.43 -58.54
N THR B 628 14.26 -18.81 -58.59
CA THR B 628 15.12 -18.71 -57.42
C THR B 628 15.46 -17.26 -57.09
N ARG B 629 15.59 -16.40 -58.10
CA ARG B 629 16.11 -15.06 -57.89
C ARG B 629 15.21 -14.22 -56.99
N TRP B 630 13.90 -14.24 -57.25
CA TRP B 630 12.97 -13.43 -56.49
C TRP B 630 12.94 -13.86 -55.02
N VAL B 631 12.79 -15.16 -54.77
CA VAL B 631 12.71 -15.65 -53.41
C VAL B 631 14.02 -15.43 -52.67
N ASN B 632 15.16 -15.61 -53.36
CA ASN B 632 16.44 -15.39 -52.71
C ASN B 632 16.63 -13.92 -52.37
N ALA B 633 16.21 -13.02 -53.25
CA ALA B 633 16.30 -11.59 -52.95
C ALA B 633 15.44 -11.23 -51.74
N LEU B 634 14.22 -11.76 -51.69
CA LEU B 634 13.36 -11.49 -50.53
C LEU B 634 13.98 -12.03 -49.25
N VAL B 635 14.52 -13.23 -49.28
CA VAL B 635 15.11 -13.83 -48.09
C VAL B 635 16.34 -13.04 -47.64
N SER B 636 17.18 -12.62 -48.59
CA SER B 636 18.35 -11.83 -48.24
C SER B 636 17.94 -10.49 -47.64
N GLU B 637 16.91 -9.85 -48.19
CA GLU B 637 16.45 -8.59 -47.63
C GLU B 637 15.84 -8.78 -46.25
N LEU B 638 15.23 -9.92 -45.98
CA LEU B 638 14.63 -10.17 -44.67
C LEU B 638 15.70 -10.52 -43.62
N ASN B 639 16.72 -11.28 -44.00
CA ASN B 639 17.67 -11.80 -43.02
C ASN B 639 18.48 -10.68 -42.37
N ASP B 640 18.91 -9.69 -43.16
CA ASP B 640 19.82 -8.66 -42.66
C ASP B 640 19.12 -7.58 -41.85
N LYS B 641 17.84 -7.75 -41.51
CA LYS B 641 17.09 -6.82 -40.66
C LYS B 641 16.41 -7.66 -39.59
N GLU B 642 17.13 -7.94 -38.50
CA GLU B 642 16.61 -8.78 -37.44
C GLU B 642 17.17 -8.31 -36.10
N GLN B 643 16.41 -8.57 -35.04
CA GLN B 643 16.86 -8.31 -33.68
C GLN B 643 16.47 -9.39 -32.69
N HIS B 644 15.83 -10.48 -33.12
CA HIS B 644 15.35 -11.54 -32.25
C HIS B 644 15.97 -12.90 -32.58
N GLY B 645 17.07 -12.91 -33.34
CA GLY B 645 17.71 -14.17 -33.71
C GLY B 645 16.85 -15.06 -34.58
N SER B 646 16.20 -14.49 -35.59
CA SER B 646 15.37 -15.26 -36.51
C SER B 646 16.23 -15.81 -37.65
N GLN B 647 15.58 -16.51 -38.58
CA GLN B 647 16.25 -17.00 -39.77
C GLN B 647 15.21 -17.26 -40.85
N TRP B 648 15.50 -16.82 -42.07
CA TRP B 648 14.64 -17.02 -43.23
C TRP B 648 15.38 -17.86 -44.26
N LYS B 649 14.78 -18.98 -44.67
CA LYS B 649 15.29 -19.84 -45.73
C LYS B 649 14.15 -20.12 -46.69
N PHE B 650 14.46 -20.80 -47.80
CA PHE B 650 13.47 -20.98 -48.86
C PHE B 650 13.71 -22.26 -49.63
N ASP B 651 12.66 -22.68 -50.33
CA ASP B 651 12.72 -23.75 -51.32
C ASP B 651 11.57 -23.50 -52.30
N VAL B 652 11.72 -24.02 -53.52
CA VAL B 652 10.74 -23.84 -54.58
C VAL B 652 10.48 -25.18 -55.25
N HIS B 653 9.36 -25.26 -55.95
CA HIS B 653 8.97 -26.49 -56.63
C HIS B 653 8.09 -26.14 -57.83
N THR B 654 7.78 -27.16 -58.62
CA THR B 654 6.96 -27.02 -59.82
C THR B 654 5.96 -28.16 -59.90
N ASN B 655 4.79 -27.86 -60.45
CA ASN B 655 3.69 -28.82 -60.56
C ASN B 655 3.08 -28.81 -61.97
N ALA B 656 3.89 -28.52 -62.99
CA ALA B 656 3.53 -28.53 -64.39
C ALA B 656 2.58 -27.40 -64.81
N GLU B 657 2.21 -26.50 -63.89
CA GLU B 657 1.39 -25.34 -64.19
C GLU B 657 2.10 -24.03 -63.86
N GLN B 658 2.68 -23.93 -62.67
CA GLN B 658 3.41 -22.74 -62.25
C GLN B 658 4.54 -23.17 -61.33
N ASN B 659 5.51 -22.28 -61.15
CA ASN B 659 6.64 -22.49 -60.25
C ASN B 659 6.29 -21.84 -58.91
N LEU B 660 6.00 -22.68 -57.91
CA LEU B 660 5.49 -22.23 -56.62
C LEU B 660 6.62 -22.17 -55.60
N PHE B 661 6.45 -21.29 -54.61
CA PHE B 661 7.44 -21.06 -53.56
C PHE B 661 6.93 -21.62 -52.24
N GLU B 662 7.86 -22.11 -51.43
CA GLU B 662 7.56 -22.59 -50.07
C GLU B 662 8.60 -22.02 -49.11
N PRO B 663 8.58 -20.72 -48.85
CA PRO B 663 9.53 -20.14 -47.90
C PRO B 663 9.29 -20.64 -46.47
N ILE B 664 10.35 -20.60 -45.67
CA ILE B 664 10.32 -21.06 -44.28
C ILE B 664 11.06 -20.05 -43.41
N VAL B 665 10.58 -19.90 -42.17
CA VAL B 665 11.17 -19.02 -41.18
C VAL B 665 11.23 -19.75 -39.85
N ARG B 666 12.17 -19.34 -39.00
CA ARG B 666 12.28 -19.92 -37.66
C ARG B 666 12.81 -18.88 -36.69
N VAL B 667 12.22 -18.83 -35.49
CA VAL B 667 12.62 -17.90 -34.45
C VAL B 667 12.21 -18.42 -33.08
N ARG B 668 13.15 -18.41 -32.14
CA ARG B 668 12.96 -18.80 -30.74
C ARG B 668 12.15 -20.09 -30.59
N THR B 669 12.50 -21.08 -31.40
CA THR B 669 11.82 -22.37 -31.34
C THR B 669 12.61 -23.38 -32.14
N HIS B 670 12.68 -24.61 -31.63
CA HIS B 670 13.27 -25.72 -32.37
C HIS B 670 12.30 -26.34 -33.37
N GLY B 671 11.04 -25.91 -33.38
CA GLY B 671 10.10 -26.34 -34.39
C GLY B 671 10.26 -25.56 -35.68
N VAL B 672 9.46 -25.94 -36.67
CA VAL B 672 9.50 -25.32 -37.99
C VAL B 672 8.11 -25.38 -38.60
N ASP B 673 7.71 -24.29 -39.25
CA ASP B 673 6.41 -24.26 -39.91
C ASP B 673 6.37 -25.23 -41.09
N THR B 674 7.48 -25.34 -41.82
CA THR B 674 7.70 -26.21 -42.96
C THR B 674 7.07 -25.66 -44.24
N ASP B 675 6.29 -24.58 -44.18
CA ASP B 675 5.70 -24.05 -45.40
C ASP B 675 5.12 -22.66 -45.12
N TYR B 676 5.35 -21.75 -46.05
CA TYR B 676 4.58 -20.53 -46.21
C TYR B 676 4.22 -20.41 -47.69
N PRO B 677 3.36 -21.29 -48.18
CA PRO B 677 3.27 -21.50 -49.64
C PRO B 677 2.77 -20.26 -50.39
N LEU B 678 3.32 -20.07 -51.58
CA LEU B 678 2.96 -18.97 -52.47
C LEU B 678 2.83 -19.51 -53.88
N ASP B 679 1.71 -19.22 -54.53
CA ASP B 679 1.39 -19.76 -55.84
C ASP B 679 0.56 -18.72 -56.60
N HIS B 680 -0.12 -19.16 -57.66
CA HIS B 680 -0.92 -18.25 -58.46
C HIS B 680 -2.04 -17.60 -57.64
N GLU B 681 -2.53 -18.30 -56.61
CA GLU B 681 -3.64 -17.78 -55.82
C GLU B 681 -3.27 -16.48 -55.11
N PHE B 682 -2.07 -16.42 -54.53
CA PHE B 682 -1.67 -15.24 -53.77
C PHE B 682 -1.46 -14.04 -54.68
N ILE B 683 -0.76 -14.24 -55.80
CA ILE B 683 -0.52 -13.13 -56.73
C ILE B 683 -1.84 -12.65 -57.34
N THR B 684 -2.77 -13.57 -57.59
CA THR B 684 -4.06 -13.17 -58.15
C THR B 684 -4.89 -12.36 -57.17
N GLY B 685 -4.64 -12.47 -55.87
CA GLY B 685 -5.42 -11.74 -54.90
C GLY B 685 -5.21 -10.24 -55.01
N GLY B 686 -6.28 -9.49 -54.69
CA GLY B 686 -6.22 -8.05 -54.77
C GLY B 686 -5.38 -7.40 -53.68
N GLU B 687 -5.17 -8.09 -52.56
CA GLU B 687 -4.33 -7.55 -51.50
C GLU B 687 -2.91 -7.29 -52.00
N TYR B 688 -2.35 -8.26 -52.72
CA TYR B 688 -1.01 -8.08 -53.28
C TYR B 688 -1.01 -6.96 -54.31
N ARG B 689 -2.11 -6.83 -55.07
CA ARG B 689 -2.19 -5.76 -56.06
C ARG B 689 -2.14 -4.39 -55.40
N ARG B 690 -2.94 -4.17 -54.35
CA ARG B 690 -2.90 -2.88 -53.68
C ARG B 690 -1.56 -2.67 -52.96
N ILE B 691 -0.96 -3.74 -52.44
CA ILE B 691 0.35 -3.62 -51.80
C ILE B 691 1.39 -3.14 -52.81
N CYS B 692 1.38 -3.73 -54.01
CA CYS B 692 2.32 -3.29 -55.03
C CYS B 692 2.01 -1.89 -55.51
N THR B 693 0.73 -1.53 -55.60
CA THR B 693 0.36 -0.17 -56.01
C THR B 693 0.88 0.86 -55.01
N LEU B 694 0.74 0.56 -53.71
CA LEU B 694 1.28 1.47 -52.70
C LEU B 694 2.80 1.49 -52.73
N GLY B 695 3.42 0.32 -52.91
CA GLY B 695 4.87 0.24 -52.94
C GLY B 695 5.50 0.92 -54.14
N GLU B 696 4.74 1.08 -55.22
CA GLU B 696 5.24 1.87 -56.35
C GLU B 696 5.52 3.30 -55.93
N LYS B 697 4.62 3.90 -55.15
CA LYS B 697 4.89 5.22 -54.60
C LYS B 697 5.89 5.15 -53.45
N LEU B 698 5.79 4.12 -52.62
CA LEU B 698 6.65 3.98 -51.44
C LEU B 698 7.91 3.22 -51.85
N ARG B 699 8.93 3.98 -52.23
CA ARG B 699 10.24 3.46 -52.58
C ARG B 699 11.31 4.29 -51.87
N GLY B 700 12.58 3.97 -52.14
CA GLY B 700 13.67 4.70 -51.54
C GLY B 700 13.88 6.05 -52.20
N LEU B 701 12.88 6.93 -52.08
CA LEU B 701 12.96 8.24 -52.70
C LEU B 701 13.96 9.15 -52.01
N LEU B 702 14.32 8.86 -50.76
CA LEU B 702 15.24 9.73 -50.03
C LEU B 702 16.65 9.60 -50.59
N GLU B 703 17.27 10.73 -50.88
CA GLU B 703 18.63 10.78 -51.40
C GLU B 703 19.61 10.86 -50.23
N GLU B 704 20.87 11.18 -50.52
CA GLU B 704 21.86 11.33 -49.46
C GLU B 704 21.45 12.41 -48.47
N ASP B 705 20.79 13.46 -48.94
CA ASP B 705 20.26 14.54 -48.10
C ASP B 705 18.75 14.50 -48.13
N ALA B 706 18.12 14.46 -46.96
CA ALA B 706 16.68 14.46 -46.84
C ALA B 706 16.30 14.98 -45.46
N PHE B 707 15.13 15.59 -45.37
CA PHE B 707 14.66 16.18 -44.12
C PHE B 707 13.19 16.57 -44.30
N ILE B 708 12.61 17.12 -43.23
CA ILE B 708 11.27 17.67 -43.23
C ILE B 708 11.33 19.04 -42.60
N GLU B 709 10.67 20.02 -43.22
CA GLU B 709 10.68 21.40 -42.74
C GLU B 709 9.70 21.56 -41.59
N ARG B 710 10.03 20.90 -40.48
CA ARG B 710 9.20 20.95 -39.29
C ARG B 710 9.33 22.30 -38.61
N GLY B 711 8.30 22.65 -37.83
CA GLY B 711 8.29 23.91 -37.11
C GLY B 711 9.47 24.06 -36.18
N GLU B 712 10.36 25.01 -36.50
CA GLU B 712 11.64 25.26 -35.83
C GLU B 712 12.39 23.97 -35.49
N ARG B 713 12.32 22.98 -36.38
CA ARG B 713 12.96 21.70 -36.17
C ARG B 713 13.37 21.11 -37.51
N ARG B 714 14.34 20.21 -37.47
CA ARG B 714 14.82 19.53 -38.67
C ARG B 714 15.56 18.27 -38.24
N GLN B 715 15.11 17.12 -38.75
CA GLN B 715 15.62 15.80 -38.33
C GLN B 715 15.98 15.00 -39.58
N PRO B 716 17.15 15.28 -40.19
CA PRO B 716 17.52 14.55 -41.41
C PRO B 716 17.98 13.14 -41.14
N VAL B 717 17.14 12.15 -41.45
CA VAL B 717 17.47 10.73 -41.30
C VAL B 717 16.67 9.95 -42.33
N ALA B 718 17.03 8.68 -42.49
CA ALA B 718 16.29 7.73 -43.30
C ALA B 718 15.33 6.94 -42.41
N SER B 719 14.73 5.89 -42.96
CA SER B 719 13.77 5.05 -42.22
C SER B 719 12.59 5.89 -41.73
N PHE B 720 11.80 6.35 -42.70
CA PHE B 720 10.73 7.32 -42.49
C PHE B 720 9.76 6.95 -41.38
N GLU B 721 9.67 5.68 -41.00
CA GLU B 721 8.82 5.30 -39.88
C GLU B 721 9.24 5.99 -38.59
N GLN B 722 10.55 6.07 -38.34
CA GLN B 722 11.02 6.79 -37.16
C GLN B 722 10.70 8.28 -37.27
N ALA B 723 10.73 8.84 -38.49
CA ALA B 723 10.34 10.22 -38.67
C ALA B 723 8.87 10.43 -38.35
N LEU B 724 8.02 9.48 -38.74
CA LEU B 724 6.60 9.56 -38.39
C LEU B 724 6.40 9.50 -36.88
N ASP B 725 7.13 8.60 -36.21
CA ASP B 725 7.03 8.52 -34.76
C ASP B 725 7.52 9.82 -34.11
N TRP B 726 8.59 10.40 -34.65
CA TRP B 726 9.10 11.67 -34.12
C TRP B 726 8.09 12.80 -34.32
N LEU B 727 7.43 12.84 -35.47
CA LEU B 727 6.40 13.84 -35.69
C LEU B 727 5.24 13.66 -34.74
N VAL B 728 4.85 12.41 -34.48
CA VAL B 728 3.80 12.14 -33.52
C VAL B 728 4.21 12.61 -32.13
N LYS B 729 5.47 12.36 -31.75
CA LYS B 729 5.98 12.85 -30.47
C LYS B 729 5.92 14.37 -30.40
N GLU B 730 6.28 15.04 -31.51
CA GLU B 730 6.18 16.50 -31.55
C GLU B 730 4.74 16.96 -31.35
N SER B 731 3.80 16.29 -32.00
CA SER B 731 2.39 16.62 -31.82
C SER B 731 1.96 16.37 -30.38
N ARG B 732 2.44 15.28 -29.78
CA ARG B 732 2.12 14.92 -28.41
C ARG B 732 3.05 15.57 -27.39
N ARG B 733 3.91 16.49 -27.82
CA ARG B 733 4.88 17.10 -26.90
C ARG B 733 4.17 17.88 -25.80
N GLY B 734 3.15 18.66 -26.16
CA GLY B 734 2.43 19.50 -25.22
C GLY B 734 0.94 19.25 -25.24
N LEU B 735 0.55 17.98 -25.37
CA LEU B 735 -0.85 17.58 -25.47
C LEU B 735 -1.23 16.75 -24.25
N SER B 736 -2.47 16.94 -23.78
CA SER B 736 -3.01 16.22 -22.62
C SER B 736 -4.22 15.41 -23.06
N ILE B 737 -4.24 14.14 -22.66
CA ILE B 737 -5.29 13.19 -23.04
C ILE B 737 -5.79 12.50 -21.78
N GLN B 738 -7.10 12.40 -21.64
CA GLN B 738 -7.73 11.65 -20.56
C GLN B 738 -8.74 10.68 -21.15
N ARG B 739 -8.84 9.50 -20.52
CA ARG B 739 -9.75 8.44 -20.95
C ARG B 739 -10.70 8.16 -19.78
N TYR B 740 -11.97 8.53 -19.96
CA TYR B 740 -12.95 8.32 -18.90
C TYR B 740 -13.18 6.82 -18.67
N LYS B 741 -13.44 6.48 -17.41
CA LYS B 741 -13.68 5.09 -17.01
C LYS B 741 -15.16 4.76 -16.89
N GLY B 742 -15.99 5.72 -16.49
CA GLY B 742 -17.42 5.48 -16.37
C GLY B 742 -18.14 6.78 -16.14
N LEU B 743 -19.47 6.67 -16.06
CA LEU B 743 -20.29 7.85 -15.81
C LEU B 743 -20.03 8.48 -14.44
N GLY B 744 -19.53 7.69 -13.48
CA GLY B 744 -19.29 8.23 -12.16
C GLY B 744 -18.21 9.30 -12.14
N GLU B 745 -17.18 9.15 -12.97
CA GLU B 745 -16.06 10.08 -12.96
C GLU B 745 -16.49 11.49 -13.37
N MET B 746 -17.42 11.58 -14.32
CA MET B 746 -17.80 12.89 -14.86
C MET B 746 -18.54 13.71 -13.82
N ASN B 747 -18.19 15.00 -13.73
CA ASN B 747 -18.85 15.91 -12.81
C ASN B 747 -20.21 16.34 -13.35
N PRO B 748 -21.07 16.91 -12.50
CA PRO B 748 -22.42 17.30 -12.98
C PRO B 748 -22.41 18.27 -14.15
N GLU B 749 -21.48 19.21 -14.17
CA GLU B 749 -21.41 20.16 -15.28
C GLU B 749 -21.10 19.46 -16.59
N GLN B 750 -20.14 18.53 -16.56
CA GLN B 750 -19.79 17.78 -17.76
C GLN B 750 -20.98 16.95 -18.25
N LEU B 751 -21.68 16.29 -17.32
CA LEU B 751 -22.85 15.50 -17.71
C LEU B 751 -23.93 16.38 -18.32
N TRP B 752 -24.18 17.55 -17.73
CA TRP B 752 -25.19 18.44 -18.28
C TRP B 752 -24.82 18.92 -19.67
N GLU B 753 -23.56 19.32 -19.86
CA GLU B 753 -23.16 19.93 -21.13
C GLU B 753 -22.82 18.91 -22.22
N THR B 754 -22.70 17.62 -21.89
CA THR B 754 -22.31 16.62 -22.87
C THR B 754 -23.47 15.76 -23.38
N THR B 755 -24.48 15.47 -22.55
CA THR B 755 -25.58 14.57 -22.91
C THR B 755 -26.95 15.16 -22.62
N MET B 756 -27.12 15.90 -21.53
CA MET B 756 -28.42 16.39 -21.11
C MET B 756 -28.76 17.77 -21.64
N ASP B 757 -27.86 18.41 -22.39
CA ASP B 757 -28.15 19.71 -22.97
C ASP B 757 -29.14 19.55 -24.12
N PRO B 758 -30.32 20.18 -24.09
CA PRO B 758 -31.26 19.99 -25.21
C PRO B 758 -30.77 20.48 -26.56
N GLU B 759 -29.77 21.38 -26.60
CA GLU B 759 -29.34 22.01 -27.84
C GLU B 759 -27.91 21.66 -28.26
N SER B 760 -27.27 20.69 -27.57
CA SER B 760 -25.97 20.19 -28.01
C SER B 760 -25.81 18.69 -27.88
N ARG B 761 -26.82 17.96 -27.39
CA ARG B 761 -26.70 16.54 -27.16
C ARG B 761 -26.84 15.76 -28.47
N ARG B 762 -26.48 14.47 -28.41
CA ARG B 762 -26.62 13.55 -29.53
C ARG B 762 -27.27 12.27 -29.03
N MET B 763 -28.24 11.77 -29.79
CA MET B 763 -29.00 10.58 -29.41
C MET B 763 -29.34 9.78 -30.66
N LEU B 764 -29.91 8.59 -30.43
CA LEU B 764 -30.38 7.71 -31.49
C LEU B 764 -31.82 7.32 -31.20
N ARG B 765 -32.63 7.26 -32.26
CA ARG B 765 -34.02 6.85 -32.17
C ARG B 765 -34.14 5.40 -32.62
N VAL B 766 -34.88 4.59 -31.85
CA VAL B 766 -35.03 3.16 -32.12
C VAL B 766 -36.29 2.95 -32.93
N THR B 767 -36.17 2.18 -34.01
CA THR B 767 -37.29 1.87 -34.90
C THR B 767 -37.25 0.39 -35.26
N VAL B 768 -38.41 -0.14 -35.63
CA VAL B 768 -38.58 -1.54 -36.00
C VAL B 768 -38.81 -1.62 -37.50
N LYS B 769 -37.98 -2.41 -38.18
CA LYS B 769 -38.08 -2.58 -39.63
C LYS B 769 -39.01 -3.75 -39.98
N ASP B 770 -38.66 -4.95 -39.52
CA ASP B 770 -39.41 -6.16 -39.80
C ASP B 770 -39.75 -6.84 -38.48
N ALA B 771 -40.91 -7.51 -38.45
CA ALA B 771 -41.41 -8.13 -37.23
C ALA B 771 -40.92 -9.56 -37.04
N ILE B 772 -41.03 -10.39 -38.08
CA ILE B 772 -40.69 -11.80 -37.94
C ILE B 772 -39.19 -11.97 -37.69
N ALA B 773 -38.36 -11.19 -38.40
CA ALA B 773 -36.92 -11.29 -38.19
C ALA B 773 -36.54 -10.88 -36.77
N ALA B 774 -37.13 -9.79 -36.28
CA ALA B 774 -36.85 -9.35 -34.92
C ALA B 774 -37.28 -10.40 -33.90
N ASP B 775 -38.46 -11.00 -34.11
CA ASP B 775 -38.92 -12.02 -33.19
C ASP B 775 -37.99 -13.23 -33.17
N GLN B 776 -37.56 -13.67 -34.36
CA GLN B 776 -36.64 -14.81 -34.41
C GLN B 776 -35.33 -14.49 -33.72
N LEU B 777 -34.78 -13.29 -33.95
CA LEU B 777 -33.51 -12.93 -33.34
C LEU B 777 -33.63 -12.86 -31.82
N PHE B 778 -34.71 -12.26 -31.31
CA PHE B 778 -34.90 -12.18 -29.87
C PHE B 778 -35.05 -13.57 -29.26
N THR B 779 -35.83 -14.44 -29.91
CA THR B 779 -36.02 -15.79 -29.40
C THR B 779 -34.70 -16.55 -29.38
N THR B 780 -33.89 -16.41 -30.43
CA THR B 780 -32.62 -17.13 -30.50
C THR B 780 -31.65 -16.64 -29.44
N LEU B 781 -31.44 -15.33 -29.34
CA LEU B 781 -30.40 -14.82 -28.45
C LEU B 781 -30.82 -14.89 -26.98
N MET B 782 -32.05 -14.51 -26.66
CA MET B 782 -32.49 -14.38 -25.28
C MET B 782 -33.26 -15.58 -24.75
N GLY B 783 -33.44 -16.63 -25.56
CA GLY B 783 -34.16 -17.80 -25.12
C GLY B 783 -33.34 -18.64 -24.16
N ASP B 784 -33.94 -19.76 -23.74
CA ASP B 784 -33.34 -20.69 -22.80
C ASP B 784 -32.98 -22.01 -23.48
N ALA B 785 -32.48 -21.93 -24.73
CA ALA B 785 -31.96 -23.07 -25.46
C ALA B 785 -30.53 -22.74 -25.87
N VAL B 786 -29.58 -23.51 -25.35
CA VAL B 786 -28.17 -23.14 -25.48
C VAL B 786 -27.69 -23.34 -26.92
N GLU B 787 -28.14 -24.42 -27.58
CA GLU B 787 -27.50 -24.82 -28.84
C GLU B 787 -27.67 -23.80 -29.96
N PRO B 788 -28.86 -23.24 -30.22
CA PRO B 788 -28.95 -22.19 -31.26
C PRO B 788 -28.07 -20.99 -30.96
N ARG B 789 -27.99 -20.58 -29.70
CA ARG B 789 -27.15 -19.44 -29.34
C ARG B 789 -25.67 -19.75 -29.58
N ARG B 790 -25.24 -20.95 -29.21
CA ARG B 790 -23.84 -21.32 -29.43
C ARG B 790 -23.52 -21.38 -30.91
N ALA B 791 -24.43 -21.94 -31.71
CA ALA B 791 -24.21 -22.00 -33.16
C ALA B 791 -24.14 -20.60 -33.76
N PHE B 792 -25.03 -19.71 -33.31
CA PHE B 792 -25.00 -18.34 -33.81
C PHE B 792 -23.70 -17.63 -33.46
N ILE B 793 -23.21 -17.84 -32.24
CA ILE B 793 -21.95 -17.21 -31.85
C ILE B 793 -20.80 -17.78 -32.67
N GLU B 794 -20.79 -19.09 -32.90
CA GLU B 794 -19.70 -19.71 -33.65
C GLU B 794 -19.70 -19.26 -35.10
N GLU B 795 -20.89 -19.09 -35.70
CA GLU B 795 -20.96 -18.70 -37.11
C GLU B 795 -20.38 -17.31 -37.32
N ASN B 796 -20.73 -16.36 -36.45
CA ASN B 796 -20.28 -14.97 -36.55
C ASN B 796 -19.01 -14.71 -35.76
N ALA B 797 -18.16 -15.72 -35.58
CA ALA B 797 -16.92 -15.57 -34.83
C ALA B 797 -15.89 -14.88 -35.72
N LEU B 798 -14.62 -14.92 -35.30
CA LEU B 798 -13.55 -14.30 -36.07
C LEU B 798 -13.40 -14.88 -37.46
N LYS B 799 -13.86 -16.12 -37.68
CA LYS B 799 -13.82 -16.69 -39.03
C LYS B 799 -14.70 -15.88 -39.98
N ALA B 800 -15.88 -15.44 -39.50
CA ALA B 800 -16.70 -14.55 -40.32
C ALA B 800 -16.05 -13.18 -40.47
N ALA B 801 -15.24 -12.77 -39.49
CA ALA B 801 -14.51 -11.52 -39.61
C ALA B 801 -13.36 -11.61 -40.60
N ASN B 802 -12.92 -12.81 -40.95
CA ASN B 802 -11.82 -13.00 -41.91
C ASN B 802 -12.39 -12.91 -43.33
N ILE B 803 -12.81 -11.70 -43.69
CA ILE B 803 -13.39 -11.44 -45.00
C ILE B 803 -12.25 -11.21 -45.99
N ASP B 804 -12.22 -12.01 -47.06
CA ASP B 804 -11.15 -11.98 -48.05
C ASP B 804 -11.46 -11.05 -49.23
N ILE B 805 -12.24 -10.00 -49.00
CA ILE B 805 -12.48 -9.02 -50.05
C ILE B 805 -11.20 -8.29 -50.42
N GLU B 806 -10.27 -8.16 -49.47
CA GLU B 806 -8.96 -7.54 -49.71
C GLU B 806 -9.12 -6.09 -50.16
N ASN B 807 -10.10 -5.40 -49.57
CA ASN B 807 -10.36 -4.01 -49.90
C ASN B 807 -11.27 -3.38 -48.86
N ILE C 8 -9.19 -19.63 39.85
CA ILE C 8 -10.09 -18.49 39.81
C ILE C 8 -9.72 -17.52 40.92
N THR C 9 -8.67 -16.74 40.69
CA THR C 9 -8.23 -15.78 41.69
C THR C 9 -9.28 -14.68 41.85
N PRO C 10 -9.54 -14.20 43.08
CA PRO C 10 -10.47 -13.09 43.25
C PRO C 10 -9.79 -11.75 43.06
N VAL C 11 -10.61 -10.70 43.02
CA VAL C 11 -10.12 -9.33 42.90
C VAL C 11 -11.19 -8.37 43.39
N ASN C 12 -10.79 -7.39 44.20
CA ASN C 12 -11.73 -6.42 44.72
C ASN C 12 -12.16 -5.44 43.63
N ILE C 13 -13.42 -5.02 43.71
CA ILE C 13 -13.97 -4.14 42.69
C ILE C 13 -13.33 -2.76 42.76
N GLU C 14 -13.02 -2.28 43.97
CA GLU C 14 -12.49 -0.94 44.14
C GLU C 14 -11.14 -0.77 43.44
N GLU C 15 -10.26 -1.76 43.62
CA GLU C 15 -8.94 -1.67 42.99
C GLU C 15 -9.04 -1.68 41.47
N GLU C 16 -9.90 -2.55 40.93
CA GLU C 16 -10.08 -2.61 39.48
C GLU C 16 -10.60 -1.29 38.94
N LEU C 17 -11.63 -0.74 39.59
CA LEU C 17 -12.19 0.53 39.13
C LEU C 17 -11.15 1.64 39.17
N LYS C 18 -10.41 1.74 40.28
CA LYS C 18 -9.44 2.81 40.43
C LYS C 18 -8.35 2.71 39.37
N SER C 19 -7.75 1.52 39.23
CA SER C 19 -6.64 1.37 38.28
C SER C 19 -7.11 1.62 36.85
N SER C 20 -8.25 1.04 36.46
CA SER C 20 -8.72 1.19 35.09
C SER C 20 -9.02 2.65 34.76
N TYR C 21 -9.78 3.33 35.64
CA TYR C 21 -10.18 4.69 35.32
C TYR C 21 -8.99 5.64 35.35
N LEU C 22 -8.06 5.45 36.28
CA LEU C 22 -6.88 6.31 36.31
C LEU C 22 -6.04 6.12 35.05
N ASP C 23 -5.86 4.88 34.61
CA ASP C 23 -5.09 4.62 33.40
C ASP C 23 -5.73 5.30 32.19
N TYR C 24 -7.04 5.10 32.02
CA TYR C 24 -7.73 5.72 30.89
C TYR C 24 -7.64 7.23 30.95
N ALA C 25 -7.86 7.82 32.13
CA ALA C 25 -7.87 9.27 32.25
C ALA C 25 -6.51 9.87 31.93
N MET C 26 -5.44 9.27 32.47
CA MET C 26 -4.11 9.81 32.20
C MET C 26 -3.74 9.67 30.72
N SER C 27 -4.07 8.54 30.11
CA SER C 27 -3.75 8.37 28.69
C SER C 27 -4.50 9.38 27.84
N VAL C 28 -5.77 9.63 28.15
CA VAL C 28 -6.53 10.61 27.37
C VAL C 28 -6.00 12.02 27.60
N ILE C 29 -5.58 12.33 28.84
CA ILE C 29 -5.12 13.68 29.13
C ILE C 29 -3.83 13.98 28.38
N VAL C 30 -2.85 13.08 28.45
CA VAL C 30 -1.52 13.36 27.91
C VAL C 30 -1.27 12.67 26.57
N GLY C 31 -2.31 12.14 25.91
CA GLY C 31 -2.14 11.47 24.64
C GLY C 31 -3.16 11.78 23.55
N ARG C 32 -4.28 12.42 23.88
CA ARG C 32 -5.36 12.63 22.92
C ARG C 32 -5.75 14.09 22.73
N ALA C 33 -6.03 14.82 23.80
CA ALA C 33 -6.86 16.02 23.71
C ALA C 33 -6.09 17.32 23.79
N LEU C 34 -5.05 17.41 24.63
CA LEU C 34 -4.37 18.68 24.83
C LEU C 34 -3.21 18.83 23.86
N PRO C 35 -2.89 20.05 23.40
CA PRO C 35 -1.74 20.24 22.51
C PRO C 35 -0.47 20.56 23.29
N ASP C 36 0.64 20.63 22.55
CA ASP C 36 1.94 20.97 23.10
C ASP C 36 2.21 22.46 22.89
N VAL C 37 2.71 23.13 23.93
CA VAL C 37 2.90 24.57 23.87
C VAL C 37 3.99 24.93 22.87
N ARG C 38 4.96 24.04 22.63
CA ARG C 38 6.12 24.40 21.83
C ARG C 38 5.81 24.44 20.34
N ASP C 39 4.90 23.60 19.85
CA ASP C 39 4.49 23.61 18.44
C ASP C 39 2.99 23.54 18.21
N GLY C 40 2.18 23.37 19.26
CA GLY C 40 0.73 23.44 19.09
C GLY C 40 0.14 22.36 18.21
N LEU C 41 0.59 21.11 18.37
CA LEU C 41 0.08 19.98 17.62
C LEU C 41 -0.26 18.84 18.56
N LYS C 42 -1.37 18.15 18.28
CA LYS C 42 -1.70 16.92 18.97
C LYS C 42 -0.92 15.76 18.36
N PRO C 43 -0.85 14.61 19.03
CA PRO C 43 -0.08 13.49 18.48
C PRO C 43 -0.53 13.03 17.10
N VAL C 44 -1.85 13.04 16.84
CA VAL C 44 -2.34 12.60 15.54
C VAL C 44 -1.85 13.51 14.42
N HIS C 45 -1.87 14.83 14.66
CA HIS C 45 -1.39 15.76 13.65
C HIS C 45 0.09 15.55 13.35
N ARG C 46 0.89 15.40 14.41
CA ARG C 46 2.32 15.20 14.22
C ARG C 46 2.61 13.92 13.46
N ARG C 47 1.91 12.84 13.81
CA ARG C 47 2.12 11.57 13.13
C ARG C 47 1.70 11.64 11.66
N VAL C 48 0.58 12.32 11.38
CA VAL C 48 0.13 12.46 10.00
C VAL C 48 1.15 13.23 9.17
N LEU C 49 1.64 14.35 9.71
CA LEU C 49 2.61 15.15 8.96
C LEU C 49 3.92 14.40 8.76
N TYR C 50 4.39 13.68 9.78
CA TYR C 50 5.63 12.91 9.64
C TYR C 50 5.48 11.81 8.59
N ALA C 51 4.34 11.09 8.62
CA ALA C 51 4.13 10.04 7.64
C ALA C 51 4.06 10.60 6.23
N MET C 52 3.39 11.74 6.04
CA MET C 52 3.36 12.34 4.72
C MET C 52 4.74 12.82 4.29
N ASN C 53 5.56 13.28 5.22
CA ASN C 53 6.91 13.72 4.88
C ASN C 53 7.77 12.54 4.42
N VAL C 54 7.67 11.40 5.11
CA VAL C 54 8.54 10.27 4.79
C VAL C 54 8.24 9.71 3.41
N LEU C 55 6.97 9.72 2.99
CA LEU C 55 6.61 9.20 1.68
C LEU C 55 7.10 10.06 0.53
N GLY C 56 7.59 11.27 0.78
CA GLY C 56 7.98 12.16 -0.29
C GLY C 56 6.83 12.83 -0.98
N ASN C 57 5.75 13.11 -0.25
CA ASN C 57 4.55 13.74 -0.79
C ASN C 57 4.65 15.26 -0.64
N ASP C 58 5.53 15.84 -1.45
CA ASP C 58 5.84 17.26 -1.35
C ASP C 58 4.77 18.10 -2.04
N TRP C 59 4.95 19.42 -1.99
CA TRP C 59 3.96 20.36 -2.49
C TRP C 59 4.08 20.65 -3.99
N ASN C 60 5.14 20.18 -4.64
CA ASN C 60 5.38 20.40 -6.07
C ASN C 60 5.49 19.07 -6.80
N LYS C 61 4.64 18.12 -6.44
CA LYS C 61 4.60 16.81 -7.07
C LYS C 61 3.14 16.38 -7.22
N ALA C 62 2.93 15.23 -7.83
CA ALA C 62 1.58 14.77 -8.09
C ALA C 62 0.87 14.37 -6.80
N TYR C 63 -0.46 14.38 -6.85
CA TYR C 63 -1.27 14.04 -5.70
C TYR C 63 -1.21 12.54 -5.43
N LYS C 64 -1.70 12.15 -4.25
CA LYS C 64 -1.84 10.75 -3.86
C LYS C 64 -3.22 10.54 -3.26
N LYS C 65 -3.69 9.31 -3.30
CA LYS C 65 -5.01 8.99 -2.77
C LYS C 65 -4.99 9.04 -1.25
N SER C 66 -6.14 9.41 -0.68
CA SER C 66 -6.26 9.51 0.77
C SER C 66 -6.13 8.15 1.45
N ALA C 67 -6.64 7.10 0.80
CA ALA C 67 -6.62 5.77 1.42
C ALA C 67 -5.19 5.29 1.64
N ARG C 68 -4.30 5.58 0.68
CA ARG C 68 -2.89 5.19 0.82
C ARG C 68 -2.28 5.81 2.07
N VAL C 69 -2.43 7.13 2.24
CA VAL C 69 -1.82 7.82 3.36
C VAL C 69 -2.45 7.39 4.68
N VAL C 70 -3.77 7.22 4.69
CA VAL C 70 -4.44 6.79 5.91
C VAL C 70 -3.97 5.40 6.32
N GLY C 71 -3.87 4.49 5.36
CA GLY C 71 -3.38 3.15 5.68
C GLY C 71 -1.94 3.17 6.17
N ASP C 72 -1.10 4.00 5.56
CA ASP C 72 0.28 4.09 6.01
C ASP C 72 0.37 4.60 7.45
N VAL C 73 -0.40 5.63 7.78
CA VAL C 73 -0.41 6.17 9.14
C VAL C 73 -0.91 5.13 10.12
N ILE C 74 -1.99 4.42 9.77
CA ILE C 74 -2.55 3.43 10.69
C ILE C 74 -1.57 2.28 10.91
N GLY C 75 -0.95 1.79 9.83
CA GLY C 75 -0.06 0.66 9.97
C GLY C 75 1.22 0.99 10.71
N LYS C 76 1.78 2.17 10.46
CA LYS C 76 3.12 2.47 10.96
C LYS C 76 3.13 3.09 12.36
N TYR C 77 2.30 4.11 12.60
CA TYR C 77 2.44 4.98 13.77
C TYR C 77 1.22 4.98 14.67
N HIS C 78 0.02 5.13 14.11
CA HIS C 78 -1.19 5.44 14.89
C HIS C 78 -2.07 4.20 15.01
N PRO C 79 -2.17 3.53 16.18
CA PRO C 79 -2.98 2.29 16.25
C PRO C 79 -4.45 2.55 16.59
N HIS C 80 -5.18 3.15 15.66
CA HIS C 80 -6.59 3.47 15.86
C HIS C 80 -7.32 3.25 14.53
N GLY C 81 -8.59 3.64 14.49
CA GLY C 81 -9.44 3.39 13.33
C GLY C 81 -9.17 4.33 12.18
N ASP C 82 -9.92 4.10 11.10
CA ASP C 82 -9.75 4.86 9.86
C ASP C 82 -10.57 6.14 9.84
N SER C 83 -11.77 6.12 10.43
CA SER C 83 -12.65 7.28 10.38
C SER C 83 -12.02 8.47 11.10
N ALA C 84 -11.43 8.23 12.27
CA ALA C 84 -10.82 9.31 13.04
C ALA C 84 -9.69 9.98 12.26
N VAL C 85 -8.81 9.16 11.68
CA VAL C 85 -7.67 9.69 10.94
C VAL C 85 -8.15 10.45 9.70
N TYR C 86 -9.13 9.90 9.00
CA TYR C 86 -9.59 10.57 7.78
C TYR C 86 -10.30 11.88 8.09
N ASP C 87 -11.10 11.92 9.16
CA ASP C 87 -11.74 13.16 9.55
C ASP C 87 -10.71 14.20 9.98
N THR C 88 -9.67 13.77 10.69
CA THR C 88 -8.60 14.69 11.07
C THR C 88 -7.91 15.26 9.83
N ILE C 89 -7.66 14.41 8.83
CA ILE C 89 -7.05 14.90 7.59
C ILE C 89 -8.00 15.87 6.88
N VAL C 90 -9.30 15.57 6.89
CA VAL C 90 -10.26 16.39 6.18
C VAL C 90 -10.33 17.78 6.80
N ARG C 91 -10.32 17.87 8.13
CA ARG C 91 -10.49 19.17 8.77
C ARG C 91 -9.32 20.11 8.48
N MET C 92 -8.13 19.57 8.21
CA MET C 92 -6.97 20.41 7.95
C MET C 92 -6.92 20.98 6.55
N ALA C 93 -7.81 20.55 5.65
CA ALA C 93 -7.83 21.00 4.26
C ALA C 93 -8.98 21.94 3.95
N GLN C 94 -9.75 22.37 4.95
CA GLN C 94 -10.92 23.21 4.74
C GLN C 94 -10.53 24.67 4.91
N PRO C 95 -10.69 25.55 3.90
CA PRO C 95 -10.30 26.96 4.11
C PRO C 95 -11.10 27.69 5.16
N PHE C 96 -12.31 27.21 5.51
CA PHE C 96 -13.17 27.89 6.46
C PHE C 96 -13.05 27.34 7.88
N SER C 97 -12.04 26.53 8.15
CA SER C 97 -11.76 25.99 9.48
C SER C 97 -10.42 26.47 10.03
N LEU C 98 -9.34 26.32 9.27
CA LEU C 98 -8.01 26.75 9.67
C LEU C 98 -7.65 28.07 9.01
N ARG C 99 -7.02 28.96 9.76
CA ARG C 99 -6.59 30.24 9.21
C ARG C 99 -5.55 30.05 8.12
N TYR C 100 -4.60 29.13 8.31
CA TYR C 100 -3.57 28.79 7.33
C TYR C 100 -3.60 27.28 7.13
N MET C 101 -4.09 26.84 5.97
CA MET C 101 -4.25 25.42 5.71
C MET C 101 -2.91 24.71 5.66
N LEU C 102 -2.87 23.48 6.18
CA LEU C 102 -1.66 22.67 6.21
C LEU C 102 -1.68 21.51 5.22
N VAL C 103 -2.80 21.24 4.55
CA VAL C 103 -2.93 20.17 3.58
C VAL C 103 -3.66 20.71 2.36
N ASP C 104 -3.18 20.33 1.16
CA ASP C 104 -3.75 20.77 -0.10
C ASP C 104 -4.48 19.58 -0.74
N GLY C 105 -5.80 19.70 -0.86
CA GLY C 105 -6.64 18.60 -1.28
C GLY C 105 -7.30 18.84 -2.62
N GLN C 106 -7.63 17.75 -3.30
CA GLN C 106 -8.34 17.77 -4.58
C GLN C 106 -9.47 16.75 -4.51
N GLY C 107 -10.70 17.22 -4.71
CA GLY C 107 -11.87 16.38 -4.59
C GLY C 107 -13.09 17.15 -4.12
N ASN C 108 -13.73 16.68 -3.05
CA ASN C 108 -14.89 17.34 -2.46
C ASN C 108 -14.73 17.26 -0.94
N PHE C 109 -14.24 18.35 -0.34
CA PHE C 109 -13.96 18.41 1.09
C PHE C 109 -14.98 19.27 1.82
N GLY C 110 -16.25 19.18 1.43
CA GLY C 110 -17.30 19.92 2.08
C GLY C 110 -17.37 21.36 1.61
N SER C 111 -18.26 22.11 2.27
CA SER C 111 -18.50 23.50 1.90
C SER C 111 -19.03 24.25 3.11
N ILE C 112 -19.01 25.57 3.02
CA ILE C 112 -19.50 26.41 4.10
C ILE C 112 -21.00 26.23 4.32
N ASP C 113 -21.73 25.83 3.27
CA ASP C 113 -23.18 25.70 3.38
C ASP C 113 -23.59 24.64 4.38
N GLY C 114 -22.81 23.56 4.50
CA GLY C 114 -23.11 22.48 5.44
C GLY C 114 -22.90 21.09 4.89
N ASP C 115 -22.38 20.97 3.68
CA ASP C 115 -22.18 19.67 3.06
C ASP C 115 -21.11 18.88 3.81
N SER C 116 -20.88 17.66 3.36
CA SER C 116 -19.88 16.76 3.93
C SER C 116 -18.98 16.24 2.82
N ALA C 117 -17.78 15.81 3.22
CA ALA C 117 -16.80 15.35 2.26
C ALA C 117 -17.18 13.99 1.69
N ALA C 118 -16.50 13.62 0.61
CA ALA C 118 -16.72 12.33 -0.04
C ALA C 118 -15.95 11.25 0.72
N ALA C 119 -15.88 10.05 0.16
CA ALA C 119 -15.19 8.94 0.79
C ALA C 119 -13.69 9.00 0.49
N MET C 120 -12.94 8.12 1.16
CA MET C 120 -11.50 8.07 0.93
C MET C 120 -11.17 7.65 -0.50
N ARG C 121 -12.04 6.86 -1.11
CA ARG C 121 -11.78 6.30 -2.44
C ARG C 121 -11.99 7.32 -3.56
N THR C 123 -11.02 10.95 -3.27
CA THR C 123 -10.30 12.21 -3.04
C THR C 123 -8.78 12.01 -3.04
N GLU C 124 -8.03 13.11 -3.15
CA GLU C 124 -6.57 13.07 -3.19
C GLU C 124 -6.02 14.24 -2.41
N ILE C 125 -4.77 14.12 -1.95
CA ILE C 125 -4.17 15.11 -1.05
C ILE C 125 -2.67 15.21 -1.28
N ARG C 126 -2.09 16.30 -0.79
CA ARG C 126 -0.64 16.45 -0.68
C ARG C 126 -0.36 17.53 0.37
N LEU C 127 0.92 17.74 0.65
CA LEU C 127 1.31 18.71 1.66
C LEU C 127 1.15 20.14 1.13
N ALA C 128 0.93 21.07 2.04
CA ALA C 128 0.88 22.49 1.72
C ALA C 128 2.28 23.09 1.81
N LYS C 129 2.44 24.27 1.21
CA LYS C 129 3.76 24.90 1.17
C LYS C 129 4.21 25.32 2.56
N ILE C 130 3.29 25.84 3.38
CA ILE C 130 3.67 26.32 4.71
C ILE C 130 4.05 25.16 5.61
N ALA C 131 3.48 23.97 5.39
CA ALA C 131 3.75 22.82 6.24
C ALA C 131 5.21 22.39 6.19
N HIS C 132 5.93 22.74 5.12
CA HIS C 132 7.35 22.43 5.06
C HIS C 132 8.17 23.26 6.05
N GLU C 133 7.64 24.40 6.52
CA GLU C 133 8.35 25.22 7.49
C GLU C 133 8.29 24.63 8.89
N LEU C 134 7.25 23.85 9.21
CA LEU C 134 7.17 23.21 10.52
C LEU C 134 8.22 22.11 10.66
N MET C 135 8.53 21.41 9.57
CA MET C 135 9.46 20.28 9.58
C MET C 135 10.82 20.67 9.00
N ALA C 136 11.27 21.90 9.23
CA ALA C 136 12.53 22.35 8.68
C ALA C 136 13.71 21.85 9.51
N ASP C 137 14.77 21.43 8.83
CA ASP C 137 16.00 20.96 9.49
C ASP C 137 15.71 19.77 10.40
N LEU C 138 14.86 18.86 9.93
CA LEU C 138 14.52 17.67 10.73
C LEU C 138 15.62 16.63 10.73
N GLU C 139 16.51 16.64 9.73
CA GLU C 139 17.53 15.60 9.59
C GLU C 139 18.84 15.95 10.29
N LYS C 140 18.95 17.12 10.91
CA LYS C 140 20.20 17.58 11.53
C LYS C 140 20.21 17.37 13.03
N GLU C 141 19.45 16.40 13.53
CA GLU C 141 19.47 16.02 14.95
C GLU C 141 19.11 17.20 15.85
N THR C 142 18.04 17.90 15.49
CA THR C 142 17.57 19.05 16.24
C THR C 142 16.56 18.71 17.33
N VAL C 143 15.99 17.51 17.34
CA VAL C 143 15.02 17.09 18.34
C VAL C 143 15.21 15.60 18.62
N ASP C 144 14.46 15.11 19.60
CA ASP C 144 14.57 13.73 20.06
C ASP C 144 13.57 12.83 19.34
N PHE C 145 13.78 11.52 19.50
CA PHE C 145 12.95 10.50 18.87
C PHE C 145 12.54 9.46 19.92
N VAL C 146 11.34 8.91 19.73
CA VAL C 146 10.76 7.94 20.67
C VAL C 146 10.18 6.77 19.88
N ASP C 147 9.98 5.66 20.57
CA ASP C 147 9.50 4.45 19.93
C ASP C 147 7.99 4.53 19.66
N ASN C 148 7.54 3.67 18.75
CA ASN C 148 6.12 3.55 18.44
C ASN C 148 5.50 2.51 19.36
N TYR C 149 4.25 2.12 19.07
CA TYR C 149 3.51 1.28 20.02
C TYR C 149 4.13 -0.10 20.17
N ASP C 150 4.61 -0.69 19.07
CA ASP C 150 5.18 -2.03 19.10
C ASP C 150 6.70 -2.05 19.14
N GLY C 151 7.33 -0.90 19.37
CA GLY C 151 8.78 -0.86 19.51
C GLY C 151 9.54 -1.27 18.26
N THR C 152 9.13 -0.72 17.11
CA THR C 152 9.73 -1.06 15.82
C THR C 152 10.13 0.14 14.99
N GLU C 153 9.58 1.33 15.24
CA GLU C 153 9.88 2.54 14.47
C GLU C 153 10.32 3.64 15.43
N LYS C 154 10.57 4.83 14.86
CA LYS C 154 10.91 6.02 15.61
C LYS C 154 10.07 7.18 15.12
N ILE C 155 9.59 8.01 16.05
CA ILE C 155 8.73 9.16 15.75
C ILE C 155 9.34 10.36 16.45
N PRO C 156 9.29 11.58 15.90
CA PRO C 156 9.84 12.73 16.63
C PRO C 156 9.05 13.03 17.88
N ASP C 157 9.76 13.53 18.90
CA ASP C 157 9.12 13.95 20.12
C ASP C 157 8.42 15.30 19.96
N VAL C 158 9.02 16.21 19.20
CA VAL C 158 8.43 17.51 18.93
C VAL C 158 9.04 18.04 17.64
N MET C 159 8.26 18.77 16.87
CA MET C 159 8.76 19.27 15.60
C MET C 159 9.66 20.49 15.81
N PRO C 160 10.69 20.69 14.96
CA PRO C 160 11.49 21.92 15.08
C PRO C 160 10.82 23.08 14.36
N THR C 161 9.66 23.48 14.88
CA THR C 161 8.80 24.43 14.19
C THR C 161 9.45 25.79 14.05
N LYS C 162 9.03 26.51 13.01
CA LYS C 162 9.47 27.88 12.76
C LYS C 162 8.31 28.86 12.67
N ILE C 163 7.07 28.40 12.69
CA ILE C 163 5.87 29.25 12.69
C ILE C 163 5.25 29.17 14.08
N PRO C 164 4.76 30.28 14.67
CA PRO C 164 4.02 30.15 15.94
C PRO C 164 2.65 29.53 15.71
N ASN C 165 2.61 28.20 15.62
CA ASN C 165 1.39 27.51 15.18
C ASN C 165 0.26 27.64 16.20
N LEU C 166 0.59 27.61 17.50
CA LEU C 166 -0.45 27.57 18.52
C LEU C 166 -1.32 28.81 18.50
N LEU C 167 -0.69 29.99 18.50
CA LEU C 167 -1.47 31.23 18.46
C LEU C 167 -2.13 31.43 17.11
N VAL C 168 -1.45 31.02 16.03
CA VAL C 168 -1.94 31.32 14.69
C VAL C 168 -3.19 30.52 14.36
N ASN C 169 -3.18 29.21 14.67
CA ASN C 169 -4.28 28.32 14.31
C ASN C 169 -5.23 28.00 15.46
N GLY C 170 -4.88 28.33 16.69
CA GLY C 170 -5.77 28.05 17.79
C GLY C 170 -5.84 26.57 18.11
N SER C 171 -6.86 26.21 18.89
CA SER C 171 -7.04 24.82 19.28
C SER C 171 -8.40 24.67 19.98
N SER C 172 -8.83 23.41 20.11
CA SER C 172 -10.09 23.11 20.79
C SER C 172 -10.11 21.63 21.11
N GLY C 173 -10.35 21.29 22.37
CA GLY C 173 -10.31 19.90 22.78
C GLY C 173 -10.98 19.67 24.11
N ILE C 174 -11.47 18.44 24.30
CA ILE C 174 -12.18 18.02 25.50
C ILE C 174 -11.46 16.80 26.08
N ALA C 175 -10.87 16.96 27.25
CA ALA C 175 -10.18 15.90 27.97
C ALA C 175 -11.06 15.42 29.11
N VAL C 176 -10.50 14.58 29.98
CA VAL C 176 -11.19 14.12 31.19
C VAL C 176 -10.79 15.03 32.33
N GLY C 177 -11.76 15.75 32.89
CA GLY C 177 -11.52 16.68 33.97
C GLY C 177 -11.18 18.10 33.57
N MET C 178 -11.00 18.38 32.28
CA MET C 178 -10.61 19.70 31.81
C MET C 178 -10.84 19.78 30.31
N ALA C 179 -10.63 20.96 29.74
CA ALA C 179 -10.81 21.20 28.31
C ALA C 179 -9.97 22.40 27.91
N THR C 180 -9.95 22.69 26.61
CA THR C 180 -9.16 23.81 26.10
C THR C 180 -9.85 24.40 24.87
N ASN C 181 -9.69 25.71 24.70
CA ASN C 181 -10.31 26.44 23.60
C ASN C 181 -9.52 27.73 23.38
N ILE C 182 -8.84 27.83 22.24
CA ILE C 182 -7.96 28.96 21.92
C ILE C 182 -8.32 29.44 20.51
N PRO C 183 -8.47 30.74 20.25
CA PRO C 183 -8.88 31.18 18.90
C PRO C 183 -7.68 31.43 17.99
N PRO C 184 -7.90 31.70 16.70
CA PRO C 184 -6.78 32.01 15.81
C PRO C 184 -6.32 33.46 15.93
N HIS C 185 -5.23 33.77 15.24
CA HIS C 185 -4.63 35.10 15.23
C HIS C 185 -4.02 35.36 13.86
N ASN C 186 -3.44 36.54 13.69
CA ASN C 186 -2.79 36.95 12.45
C ASN C 186 -1.28 36.77 12.57
N LEU C 187 -0.65 36.40 11.44
CA LEU C 187 0.76 36.01 11.48
C LEU C 187 1.68 37.21 11.64
N THR C 188 1.40 38.31 10.91
CA THR C 188 2.29 39.46 10.95
C THR C 188 2.33 40.09 12.35
N GLU C 189 1.15 40.21 12.98
CA GLU C 189 1.09 40.79 14.32
C GLU C 189 1.85 39.93 15.32
N VAL C 190 1.71 38.61 15.22
CA VAL C 190 2.41 37.72 16.14
C VAL C 190 3.92 37.83 15.95
N ILE C 191 4.38 37.92 14.71
CA ILE C 191 5.82 38.05 14.48
C ILE C 191 6.33 39.37 15.02
N ASN C 192 5.55 40.45 14.85
CA ASN C 192 5.94 41.73 15.43
C ASN C 192 6.03 41.65 16.95
N GLY C 193 5.08 40.96 17.58
CA GLY C 193 5.14 40.78 19.02
C GLY C 193 6.36 40.00 19.47
N CYS C 194 6.72 38.95 18.72
CA CYS C 194 7.91 38.17 19.06
C CYS C 194 9.16 39.02 18.94
N LEU C 195 9.27 39.83 17.88
CA LEU C 195 10.43 40.72 17.75
C LEU C 195 10.48 41.74 18.87
N ALA C 196 9.32 42.28 19.27
CA ALA C 196 9.28 43.22 20.38
C ALA C 196 9.74 42.55 21.67
N TYR C 197 9.34 41.30 21.90
CA TYR C 197 9.82 40.59 23.08
C TYR C 197 11.32 40.37 23.02
N ILE C 198 11.86 40.06 21.84
CA ILE C 198 13.30 39.86 21.72
C ILE C 198 14.05 41.16 22.04
N ASP C 199 13.49 42.30 21.61
CA ASP C 199 14.14 43.57 21.90
C ASP C 199 14.18 43.86 23.40
N ASP C 200 13.05 43.72 24.08
CA ASP C 200 12.94 43.96 25.52
C ASP C 200 12.27 42.76 26.17
N GLU C 201 12.91 42.20 27.20
CA GLU C 201 12.45 40.98 27.84
C GLU C 201 11.59 41.24 29.08
N ASP C 202 11.35 42.50 29.45
CA ASP C 202 10.50 42.86 30.58
C ASP C 202 9.22 43.56 30.11
N ILE C 203 8.81 43.35 28.86
CA ILE C 203 7.64 44.03 28.32
C ILE C 203 6.39 43.53 29.03
N SER C 204 5.45 44.44 29.26
CA SER C 204 4.20 44.14 29.96
C SER C 204 3.14 43.67 28.95
N ILE C 205 1.96 43.34 29.47
CA ILE C 205 0.86 42.91 28.59
C ILE C 205 0.39 44.08 27.75
N GLU C 206 0.35 45.28 28.32
CA GLU C 206 -0.01 46.47 27.55
C GLU C 206 1.00 46.72 26.44
N GLY C 207 2.28 46.44 26.69
CA GLY C 207 3.28 46.58 25.64
C GLY C 207 3.08 45.60 24.50
N LEU C 208 2.64 44.37 24.83
CA LEU C 208 2.41 43.39 23.79
C LEU C 208 1.14 43.69 23.00
N MET C 209 0.10 44.19 23.66
CA MET C 209 -1.16 44.43 22.97
C MET C 209 -1.09 45.61 22.00
N GLU C 210 -0.02 46.40 22.01
CA GLU C 210 0.16 47.41 20.98
C GLU C 210 0.30 46.78 19.61
N HIS C 211 0.91 45.59 19.53
CA HIS C 211 1.13 44.89 18.27
C HIS C 211 0.09 43.82 17.99
N ILE C 212 -0.63 43.34 19.01
CA ILE C 212 -1.59 42.24 18.86
C ILE C 212 -2.94 42.73 19.38
N PRO C 213 -3.74 43.43 18.56
CA PRO C 213 -5.03 43.93 19.07
C PRO C 213 -6.00 42.84 19.52
N GLY C 214 -6.02 41.70 18.84
CA GLY C 214 -6.97 40.66 19.18
C GLY C 214 -7.04 39.53 18.16
N PRO C 215 -8.00 38.63 18.31
CA PRO C 215 -8.13 37.50 17.39
C PRO C 215 -8.42 37.94 15.96
N ASP C 216 -8.35 36.97 15.05
CA ASP C 216 -8.58 37.22 13.63
C ASP C 216 -9.10 35.91 13.03
N PHE C 217 -10.41 35.80 12.88
CA PHE C 217 -11.04 34.58 12.40
C PHE C 217 -10.95 34.49 10.88
N PRO C 218 -11.10 33.28 10.31
CA PRO C 218 -11.06 33.18 8.84
C PRO C 218 -12.31 33.73 8.17
N THR C 219 -13.47 33.65 8.82
CA THR C 219 -14.73 34.04 8.21
C THR C 219 -14.97 35.55 8.22
N ALA C 220 -14.18 36.32 8.96
CA ALA C 220 -14.16 37.77 8.85
C ALA C 220 -15.47 38.41 9.32
N ALA C 221 -15.89 38.07 10.52
CA ALA C 221 -17.07 38.68 11.15
C ALA C 221 -16.64 39.95 11.87
N ILE C 222 -17.49 40.48 12.75
CA ILE C 222 -17.18 41.63 13.59
C ILE C 222 -17.04 41.14 15.02
N ILE C 223 -16.12 41.75 15.78
CA ILE C 223 -15.97 41.49 17.21
C ILE C 223 -16.51 42.70 17.97
N ASN C 224 -17.39 42.44 18.93
CA ASN C 224 -18.09 43.47 19.68
C ASN C 224 -17.57 43.50 21.11
N GLY C 225 -17.10 44.66 21.55
CA GLY C 225 -16.50 44.82 22.86
C GLY C 225 -15.00 44.58 22.85
N ARG C 226 -14.36 45.03 23.93
CA ARG C 226 -12.90 44.94 24.07
C ARG C 226 -12.43 44.48 25.44
N ARG C 227 -13.29 44.45 26.47
CA ARG C 227 -12.83 44.08 27.80
C ARG C 227 -12.47 42.60 27.88
N GLY C 228 -13.18 41.75 27.15
CA GLY C 228 -12.93 40.33 27.22
C GLY C 228 -11.56 39.94 26.71
N ILE C 229 -11.09 40.62 25.66
CA ILE C 229 -9.78 40.31 25.10
C ILE C 229 -8.68 40.62 26.12
N GLU C 230 -8.79 41.79 26.76
CA GLU C 230 -7.81 42.15 27.78
C GLU C 230 -7.84 41.19 28.95
N GLU C 231 -9.04 40.81 29.39
CA GLU C 231 -9.16 39.86 30.50
C GLU C 231 -8.53 38.52 30.13
N ALA C 232 -8.79 38.02 28.93
CA ALA C 232 -8.24 36.73 28.52
C ALA C 232 -6.72 36.78 28.41
N TYR C 233 -6.17 37.86 27.84
CA TYR C 233 -4.72 37.95 27.71
C TYR C 233 -4.06 38.15 29.06
N ARG C 234 -4.75 38.77 30.03
CA ARG C 234 -4.12 39.03 31.32
C ARG C 234 -4.18 37.81 32.25
N THR C 235 -5.33 37.14 32.31
CA THR C 235 -5.54 36.04 33.25
C THR C 235 -5.52 34.66 32.60
N GLY C 236 -6.09 34.52 31.40
CA GLY C 236 -6.17 33.25 30.70
C GLY C 236 -7.58 32.77 30.43
N ARG C 237 -8.61 33.40 30.99
CA ARG C 237 -10.01 33.04 30.76
C ARG C 237 -10.81 34.29 30.47
N GLY C 238 -11.66 34.24 29.45
CA GLY C 238 -12.42 35.41 29.07
C GLY C 238 -13.57 35.04 28.15
N LYS C 239 -14.31 36.07 27.72
CA LYS C 239 -15.48 35.89 26.89
C LYS C 239 -15.59 37.05 25.90
N VAL C 240 -15.88 36.73 24.64
CA VAL C 240 -16.02 37.74 23.59
C VAL C 240 -17.29 37.45 22.80
N TYR C 241 -17.76 38.47 22.08
CA TYR C 241 -18.98 38.41 21.29
C TYR C 241 -18.67 38.64 19.82
N ILE C 242 -19.17 37.74 18.97
CA ILE C 242 -18.96 37.78 17.53
C ILE C 242 -20.30 38.08 16.87
N ARG C 243 -20.32 39.12 16.04
CA ARG C 243 -21.53 39.60 15.38
C ARG C 243 -21.35 39.54 13.87
N ALA C 244 -22.46 39.30 13.18
CA ALA C 244 -22.45 39.20 11.72
C ALA C 244 -22.47 40.60 11.09
N ARG C 245 -22.15 40.63 9.80
CA ARG C 245 -22.16 41.87 9.01
C ARG C 245 -23.43 41.91 8.18
N ALA C 246 -24.26 42.93 8.39
CA ALA C 246 -25.50 43.10 7.67
C ALA C 246 -25.80 44.59 7.55
N GLU C 247 -26.63 44.92 6.55
CA GLU C 247 -26.99 46.31 6.31
C GLU C 247 -28.40 46.40 5.79
N VAL C 248 -28.96 47.61 5.85
CA VAL C 248 -30.29 47.92 5.34
C VAL C 248 -30.13 48.81 4.12
N GLU C 249 -30.76 48.42 3.00
CA GLU C 249 -30.60 49.09 1.73
C GLU C 249 -31.96 49.47 1.17
N VAL C 250 -32.03 50.63 0.53
CA VAL C 250 -33.25 51.11 -0.09
C VAL C 250 -32.86 51.95 -1.30
N ASP C 251 -33.65 51.83 -2.38
CA ASP C 251 -33.40 52.52 -3.63
C ASP C 251 -34.42 53.62 -3.91
N ALA C 252 -35.03 54.16 -2.85
CA ALA C 252 -36.08 55.17 -2.96
C ALA C 252 -37.22 54.55 -3.77
N LYS C 253 -37.75 55.22 -4.80
CA LYS C 253 -38.83 54.70 -5.63
C LYS C 253 -40.05 54.35 -4.77
N THR C 254 -40.19 53.09 -4.35
CA THR C 254 -41.30 52.68 -3.52
C THR C 254 -41.03 52.89 -2.02
N GLY C 255 -39.80 53.15 -1.63
CA GLY C 255 -39.48 53.41 -0.24
C GLY C 255 -39.42 52.19 0.64
N ARG C 256 -39.30 51.00 0.05
CA ARG C 256 -39.28 49.75 0.80
C ARG C 256 -37.84 49.26 0.89
N GLU C 257 -37.36 49.04 2.10
CA GLU C 257 -35.99 48.65 2.35
C GLU C 257 -35.88 47.13 2.52
N THR C 258 -34.65 46.63 2.41
CA THR C 258 -34.35 45.21 2.57
C THR C 258 -33.07 45.05 3.36
N ILE C 259 -32.96 43.93 4.06
CA ILE C 259 -31.79 43.61 4.87
C ILE C 259 -30.92 42.63 4.08
N ILE C 260 -29.65 42.97 3.91
CA ILE C 260 -28.68 42.18 3.18
C ILE C 260 -27.61 41.73 4.15
N VAL C 261 -27.35 40.42 4.19
CA VAL C 261 -26.33 39.83 5.06
C VAL C 261 -25.22 39.28 4.18
N HIS C 262 -23.98 39.69 4.47
CA HIS C 262 -22.79 39.32 3.71
C HIS C 262 -21.94 38.26 4.41
N GLU C 263 -21.90 38.25 5.74
CA GLU C 263 -20.98 37.42 6.50
C GLU C 263 -21.70 36.88 7.73
N ILE C 264 -21.12 35.83 8.32
CA ILE C 264 -21.70 35.17 9.48
C ILE C 264 -20.60 34.87 10.49
N PRO C 265 -20.97 34.56 11.75
CA PRO C 265 -19.95 34.26 12.76
C PRO C 265 -19.15 33.00 12.48
N TYR C 266 -18.21 32.70 13.37
CA TYR C 266 -17.33 31.54 13.23
C TYR C 266 -18.04 30.28 13.69
N GLN C 267 -17.92 29.20 12.90
CA GLN C 267 -18.53 27.91 13.20
C GLN C 267 -20.05 28.02 13.29
N VAL C 268 -20.67 28.40 12.18
CA VAL C 268 -22.12 28.48 12.06
C VAL C 268 -22.53 27.92 10.71
N ASN C 269 -23.58 27.08 10.71
CA ASN C 269 -24.10 26.48 9.49
C ASN C 269 -25.14 27.39 8.86
N LYS C 270 -25.00 27.65 7.57
CA LYS C 270 -25.90 28.56 6.89
C LYS C 270 -27.29 27.97 6.75
N ALA C 271 -27.39 26.69 6.38
CA ALA C 271 -28.68 26.08 6.15
C ALA C 271 -29.51 26.02 7.43
N ARG C 272 -28.88 25.65 8.54
CA ARG C 272 -29.60 25.62 9.81
C ARG C 272 -30.04 27.02 10.22
N LEU C 273 -29.22 28.03 9.96
CA LEU C 273 -29.63 29.40 10.24
C LEU C 273 -30.86 29.79 9.43
N ILE C 274 -30.87 29.44 8.14
CA ILE C 274 -32.01 29.81 7.29
C ILE C 274 -33.27 29.11 7.76
N GLU C 275 -33.18 27.80 8.04
CA GLU C 275 -34.38 27.09 8.45
C GLU C 275 -34.85 27.54 9.83
N LYS C 276 -33.93 27.90 10.72
CA LYS C 276 -34.31 28.44 12.01
C LYS C 276 -35.06 29.77 11.85
N ILE C 277 -34.57 30.64 10.97
CA ILE C 277 -35.26 31.90 10.75
C ILE C 277 -36.64 31.66 10.15
N ALA C 278 -36.75 30.68 9.25
CA ALA C 278 -38.04 30.35 8.67
C ALA C 278 -39.02 29.86 9.73
N GLU C 279 -38.55 28.98 10.63
CA GLU C 279 -39.41 28.50 11.70
C GLU C 279 -39.82 29.63 12.63
N LEU C 280 -38.89 30.54 12.93
CA LEU C 280 -39.22 31.65 13.83
C LEU C 280 -40.26 32.57 13.22
N VAL C 281 -40.08 32.95 11.95
CA VAL C 281 -41.04 33.86 11.32
C VAL C 281 -42.36 33.16 11.04
N LYS C 282 -42.38 31.83 10.97
CA LYS C 282 -43.64 31.13 10.71
C LYS C 282 -44.65 31.36 11.83
N GLU C 283 -44.19 31.31 13.08
CA GLU C 283 -45.09 31.30 14.24
C GLU C 283 -45.34 32.70 14.80
N LYS C 284 -45.22 33.74 13.97
CA LYS C 284 -45.51 35.12 14.38
C LYS C 284 -44.62 35.56 15.54
N ARG C 285 -43.39 35.07 15.59
CA ARG C 285 -42.44 35.44 16.64
C ARG C 285 -41.58 36.63 16.25
N VAL C 286 -41.38 36.87 14.96
CA VAL C 286 -40.65 38.02 14.46
C VAL C 286 -41.58 38.81 13.55
N GLU C 287 -41.71 40.10 13.82
CA GLU C 287 -42.65 40.96 13.12
C GLU C 287 -41.94 41.78 12.06
N GLY C 288 -42.62 42.01 10.94
CA GLY C 288 -42.11 42.88 9.91
C GLY C 288 -41.24 42.21 8.86
N ILE C 289 -41.31 40.90 8.72
CA ILE C 289 -40.55 40.15 7.71
C ILE C 289 -41.55 39.57 6.72
N SER C 290 -41.37 39.91 5.45
CA SER C 290 -42.23 39.42 4.38
C SER C 290 -41.65 38.22 3.65
N ALA C 291 -40.40 38.33 3.16
CA ALA C 291 -39.80 37.28 2.34
C ALA C 291 -38.36 37.05 2.76
N LEU C 292 -37.89 35.83 2.48
CA LEU C 292 -36.52 35.41 2.77
C LEU C 292 -35.97 34.68 1.56
N ARG C 293 -34.73 34.99 1.18
CA ARG C 293 -34.11 34.33 0.04
C ARG C 293 -32.60 34.27 0.22
N ASP C 294 -31.98 33.31 -0.46
CA ASP C 294 -30.54 33.10 -0.45
C ASP C 294 -30.02 33.26 -1.86
N GLU C 295 -29.15 34.26 -2.07
CA GLU C 295 -28.52 34.53 -3.36
C GLU C 295 -27.03 34.21 -3.34
N SER C 296 -26.59 33.39 -2.41
CA SER C 296 -25.16 33.08 -2.25
C SER C 296 -24.75 32.07 -3.32
N ASP C 297 -23.88 32.49 -4.23
CA ASP C 297 -23.38 31.57 -5.26
C ASP C 297 -22.14 32.15 -5.90
N LYS C 298 -21.02 31.43 -5.81
CA LYS C 298 -19.81 31.74 -6.56
C LYS C 298 -19.20 33.09 -6.19
N ASP C 299 -19.90 34.18 -6.53
CA ASP C 299 -19.36 35.51 -6.27
C ASP C 299 -19.16 35.77 -4.78
N GLY C 300 -20.12 35.36 -3.96
CA GLY C 300 -20.03 35.58 -2.53
C GLY C 300 -21.31 35.18 -1.85
N MET C 301 -21.39 35.56 -0.57
CA MET C 301 -22.55 35.26 0.27
C MET C 301 -23.46 36.47 0.29
N ARG C 302 -24.75 36.23 0.05
CA ARG C 302 -25.77 37.28 0.12
C ARG C 302 -27.07 36.63 0.57
N ILE C 303 -27.57 37.02 1.74
CA ILE C 303 -28.89 36.59 2.21
C ILE C 303 -29.78 37.83 2.24
N VAL C 304 -30.95 37.73 1.61
CA VAL C 304 -31.86 38.85 1.41
C VAL C 304 -33.11 38.62 2.24
N ILE C 305 -33.48 39.62 3.04
CA ILE C 305 -34.71 39.60 3.83
C ILE C 305 -35.51 40.83 3.44
N GLU C 306 -36.70 40.61 2.90
CA GLU C 306 -37.59 41.69 2.47
C GLU C 306 -38.63 41.92 3.57
N VAL C 307 -38.63 43.13 4.12
CA VAL C 307 -39.49 43.52 5.23
C VAL C 307 -40.83 44.01 4.69
N LYS C 308 -41.82 44.13 5.57
CA LYS C 308 -43.13 44.61 5.17
C LYS C 308 -43.07 46.09 4.78
N ARG C 309 -44.15 46.58 4.19
CA ARG C 309 -44.19 47.95 3.71
C ARG C 309 -44.13 48.95 4.86
N ASP C 310 -44.78 48.63 5.98
CA ASP C 310 -44.84 49.52 7.13
C ASP C 310 -43.72 49.28 8.14
N ALA C 311 -42.78 48.38 7.85
CA ALA C 311 -41.77 48.01 8.83
C ALA C 311 -40.66 49.06 8.90
N VAL C 312 -39.87 48.99 9.97
CA VAL C 312 -38.70 49.82 10.18
C VAL C 312 -37.48 48.91 10.26
N GLY C 313 -36.45 49.23 9.48
CA GLY C 313 -35.32 48.32 9.34
C GLY C 313 -34.57 48.10 10.63
N GLU C 314 -34.28 49.19 11.36
CA GLU C 314 -33.50 49.06 12.59
C GLU C 314 -34.25 48.26 13.65
N VAL C 315 -35.56 48.48 13.75
CA VAL C 315 -36.34 47.83 14.80
C VAL C 315 -36.33 46.32 14.60
N VAL C 316 -36.59 45.86 13.37
CA VAL C 316 -36.57 44.43 13.11
C VAL C 316 -35.15 43.88 13.20
N LEU C 317 -34.16 44.65 12.75
CA LEU C 317 -32.79 44.16 12.73
C LEU C 317 -32.27 43.92 14.15
N ASN C 318 -32.56 44.83 15.08
CA ASN C 318 -32.02 44.69 16.43
C ASN C 318 -32.53 43.43 17.13
N ASN C 319 -33.71 42.94 16.74
CA ASN C 319 -34.26 41.75 17.38
C ASN C 319 -33.57 40.47 16.90
N LEU C 320 -33.08 40.46 15.65
CA LEU C 320 -32.48 39.23 15.11
C LEU C 320 -31.22 38.84 15.88
N TYR C 321 -30.40 39.82 16.27
CA TYR C 321 -29.20 39.52 17.04
C TYR C 321 -29.57 38.87 18.38
N SER C 322 -30.62 39.37 19.02
CA SER C 322 -31.03 38.81 20.31
C SER C 322 -31.67 37.44 20.16
N GLN C 323 -32.39 37.21 19.05
CA GLN C 323 -33.19 36.00 18.87
C GLN C 323 -32.48 34.94 18.03
N THR C 324 -32.02 35.29 16.83
CA THR C 324 -31.43 34.30 15.93
C THR C 324 -29.99 34.04 16.34
N GLN C 325 -29.26 33.31 15.49
CA GLN C 325 -27.86 32.96 15.72
C GLN C 325 -26.90 33.85 14.95
N LEU C 326 -27.31 35.09 14.63
CA LEU C 326 -26.42 36.04 13.99
C LEU C 326 -25.40 36.64 14.95
N GLN C 327 -25.54 36.41 16.26
CA GLN C 327 -24.55 36.81 17.25
C GLN C 327 -24.28 35.62 18.16
N VAL C 328 -22.99 35.37 18.44
CA VAL C 328 -22.58 34.24 19.26
C VAL C 328 -21.56 34.71 20.28
N SER C 329 -21.35 33.86 21.29
CA SER C 329 -20.42 34.12 22.38
C SER C 329 -19.32 33.06 22.34
N PHE C 330 -18.07 33.50 22.37
CA PHE C 330 -16.90 32.62 22.35
C PHE C 330 -16.19 32.74 23.69
N GLY C 331 -15.97 31.60 24.35
CA GLY C 331 -15.33 31.54 25.65
C GLY C 331 -13.88 31.12 25.56
N ILE C 332 -12.96 32.07 25.75
CA ILE C 332 -11.53 31.79 25.65
C ILE C 332 -11.07 31.14 26.94
N ASN C 333 -10.38 30.00 26.81
CA ASN C 333 -9.85 29.27 27.96
C ASN C 333 -8.61 28.52 27.48
N MET C 334 -7.44 28.97 27.94
CA MET C 334 -6.16 28.48 27.42
C MET C 334 -5.55 27.46 28.38
N VAL C 335 -5.38 26.23 27.90
CA VAL C 335 -4.75 25.16 28.65
C VAL C 335 -3.84 24.39 27.71
N ALA C 336 -2.62 24.09 28.17
CA ALA C 336 -1.66 23.40 27.32
C ALA C 336 -0.62 22.69 28.19
N LEU C 337 0.12 21.78 27.56
CA LEU C 337 1.13 20.98 28.24
C LEU C 337 2.47 21.69 28.17
N HIS C 338 3.11 21.90 29.33
CA HIS C 338 4.41 22.58 29.39
C HIS C 338 5.56 21.57 29.44
N HIS C 339 5.61 20.73 30.47
CA HIS C 339 6.62 19.69 30.63
C HIS C 339 5.94 18.34 30.84
N GLY C 340 4.93 18.07 30.02
CA GLY C 340 4.15 16.86 30.18
C GLY C 340 3.07 16.92 31.23
N GLN C 341 2.69 18.12 31.68
CA GLN C 341 1.60 18.31 32.62
C GLN C 341 0.76 19.50 32.18
N PRO C 342 -0.56 19.49 32.42
CA PRO C 342 -1.38 20.62 31.98
C PRO C 342 -1.08 21.89 32.78
N LYS C 343 -1.33 23.03 32.15
CA LYS C 343 -1.18 24.32 32.83
C LYS C 343 -1.96 25.37 32.05
N ILE C 344 -2.34 26.43 32.77
CA ILE C 344 -3.04 27.57 32.20
C ILE C 344 -2.01 28.66 31.90
N MET C 345 -2.04 29.18 30.67
CA MET C 345 -1.03 30.08 30.15
C MET C 345 -1.61 31.46 29.92
N ASN C 346 -0.73 32.42 29.65
CA ASN C 346 -1.06 33.72 29.09
C ASN C 346 -0.09 34.01 27.96
N LEU C 347 -0.23 35.18 27.34
CA LEU C 347 0.45 35.45 26.07
C LEU C 347 1.97 35.44 26.22
N LYS C 348 2.47 36.06 27.30
CA LYS C 348 3.92 36.17 27.49
C LYS C 348 4.56 34.81 27.66
N ASP C 349 3.90 33.88 28.35
CA ASP C 349 4.45 32.55 28.53
C ASP C 349 4.60 31.84 27.20
N ILE C 350 3.60 31.96 26.32
CA ILE C 350 3.66 31.30 25.02
C ILE C 350 4.82 31.87 24.20
N ILE C 351 4.95 33.19 24.18
CA ILE C 351 6.01 33.81 23.39
C ILE C 351 7.38 33.39 23.92
N ALA C 352 7.55 33.38 25.24
CA ALA C 352 8.83 32.98 25.83
C ALA C 352 9.17 31.53 25.50
N ALA C 353 8.18 30.64 25.56
CA ALA C 353 8.41 29.24 25.22
C ALA C 353 8.86 29.09 23.78
N PHE C 354 8.22 29.82 22.86
CA PHE C 354 8.62 29.74 21.46
C PHE C 354 10.05 30.21 21.26
N VAL C 355 10.44 31.31 21.93
CA VAL C 355 11.79 31.83 21.75
C VAL C 355 12.82 30.84 22.29
N ARG C 356 12.55 30.23 23.45
CA ARG C 356 13.49 29.24 23.99
C ARG C 356 13.63 28.04 23.05
N HIS C 357 12.52 27.58 22.48
CA HIS C 357 12.58 26.47 21.54
C HIS C 357 13.47 26.81 20.34
N ARG C 358 13.31 28.03 19.81
CA ARG C 358 14.12 28.44 18.67
C ARG C 358 15.61 28.46 19.03
N ARG C 359 15.94 28.99 20.21
CA ARG C 359 17.35 29.04 20.62
C ARG C 359 17.95 27.64 20.69
N GLU C 360 17.23 26.69 21.32
CA GLU C 360 17.75 25.34 21.44
C GLU C 360 17.97 24.69 20.07
N VAL C 361 16.99 24.86 19.16
CA VAL C 361 17.10 24.25 17.84
C VAL C 361 18.31 24.80 17.09
N VAL C 362 18.51 26.12 17.14
CA VAL C 362 19.62 26.71 16.40
C VAL C 362 20.96 26.23 16.95
N THR C 363 21.08 26.13 18.28
CA THR C 363 22.33 25.68 18.86
C THR C 363 22.68 24.25 18.42
N ARG C 364 21.68 23.35 18.47
CA ARG C 364 21.96 21.96 18.09
C ARG C 364 22.33 21.85 16.61
N ARG C 365 21.64 22.62 15.75
CA ARG C 365 21.96 22.62 14.33
C ARG C 365 23.40 23.07 14.09
N THR C 366 23.82 24.14 14.79
CA THR C 366 25.18 24.65 14.60
C THR C 366 26.21 23.60 15.00
N ILE C 367 25.99 22.90 16.11
CA ILE C 367 26.94 21.87 16.53
C ILE C 367 27.06 20.78 15.47
N PHE C 368 25.93 20.32 14.93
CA PHE C 368 25.96 19.28 13.91
C PHE C 368 26.75 19.72 12.68
N GLU C 369 26.50 20.94 12.20
CA GLU C 369 27.18 21.41 11.01
C GLU C 369 28.69 21.52 11.24
N LEU C 370 29.10 22.01 12.42
CA LEU C 370 30.53 22.10 12.70
C LEU C 370 31.20 20.73 12.67
N ARG C 371 30.55 19.72 13.28
CA ARG C 371 31.11 18.38 13.25
C ARG C 371 31.29 17.87 11.83
N LYS C 372 30.27 18.08 10.99
CA LYS C 372 30.37 17.61 9.60
C LYS C 372 31.52 18.29 8.86
N ALA C 373 31.67 19.60 9.03
CA ALA C 373 32.72 20.32 8.31
C ALA C 373 34.10 19.82 8.71
N ARG C 374 34.34 19.64 10.01
CA ARG C 374 35.64 19.14 10.44
C ARG C 374 35.91 17.74 9.90
N ASP C 375 34.89 16.87 9.91
CA ASP C 375 35.07 15.52 9.40
C ASP C 375 35.47 15.53 7.93
N ARG C 376 34.85 16.40 7.13
CA ARG C 376 35.20 16.44 5.71
C ARG C 376 36.63 16.98 5.50
N ALA C 377 36.99 18.05 6.22
CA ALA C 377 38.32 18.62 6.04
C ALA C 377 39.41 17.63 6.38
N HIS C 378 39.16 16.75 7.36
CA HIS C 378 40.16 15.76 7.74
C HIS C 378 40.54 14.87 6.56
N ILE C 379 39.54 14.40 5.81
CA ILE C 379 39.82 13.54 4.66
C ILE C 379 40.45 14.35 3.52
N LEU C 380 40.00 15.60 3.34
CA LEU C 380 40.53 16.40 2.23
C LEU C 380 42.03 16.64 2.38
N GLU C 381 42.49 16.87 3.61
CA GLU C 381 43.93 17.07 3.82
C GLU C 381 44.72 15.84 3.38
N ALA C 382 44.25 14.65 3.76
CA ALA C 382 44.94 13.42 3.39
C ALA C 382 44.96 13.23 1.89
N LEU C 383 43.83 13.52 1.22
CA LEU C 383 43.80 13.38 -0.24
C LEU C 383 44.80 14.31 -0.91
N ALA C 384 44.89 15.56 -0.44
CA ALA C 384 45.86 16.48 -1.03
C ALA C 384 47.28 15.99 -0.83
N VAL C 385 47.61 15.54 0.38
CA VAL C 385 48.97 15.06 0.64
C VAL C 385 49.28 13.85 -0.23
N ALA C 386 48.29 12.96 -0.41
CA ALA C 386 48.51 11.78 -1.24
C ALA C 386 48.77 12.17 -2.69
N LEU C 387 48.00 13.13 -3.22
CA LEU C 387 48.25 13.59 -4.57
C LEU C 387 49.59 14.30 -4.72
N ALA C 388 50.14 14.84 -3.62
CA ALA C 388 51.44 15.51 -3.72
C ALA C 388 52.59 14.55 -4.03
N ASN C 389 52.43 13.25 -3.80
CA ASN C 389 53.51 12.26 -3.89
C ASN C 389 53.04 11.01 -4.64
N ILE C 390 52.45 11.21 -5.82
CA ILE C 390 51.74 10.11 -6.49
C ILE C 390 52.70 9.02 -6.93
N ASP C 391 53.87 9.37 -7.45
CA ASP C 391 54.77 8.36 -8.01
C ASP C 391 55.29 7.38 -6.97
N PRO C 392 55.86 7.80 -5.83
CA PRO C 392 56.21 6.82 -4.80
C PRO C 392 55.03 6.03 -4.29
N ILE C 393 53.83 6.64 -4.25
CA ILE C 393 52.66 5.92 -3.75
C ILE C 393 52.31 4.76 -4.67
N ILE C 394 52.27 5.02 -5.99
CA ILE C 394 51.94 3.93 -6.90
C ILE C 394 53.06 2.89 -6.93
N GLU C 395 54.31 3.34 -6.81
CA GLU C 395 55.42 2.38 -6.77
C GLU C 395 55.31 1.47 -5.55
N LEU C 396 54.94 2.04 -4.40
CA LEU C 396 54.73 1.23 -3.20
C LEU C 396 53.55 0.28 -3.36
N ILE C 397 52.45 0.76 -3.96
CA ILE C 397 51.25 -0.06 -4.07
C ILE C 397 51.49 -1.24 -5.00
N ARG C 398 52.26 -1.03 -6.08
CA ARG C 398 52.44 -2.08 -7.07
C ARG C 398 53.12 -3.32 -6.49
N HIS C 399 53.97 -3.14 -5.46
CA HIS C 399 54.65 -4.26 -4.81
C HIS C 399 53.87 -4.81 -3.62
N ALA C 400 52.54 -4.68 -3.63
CA ALA C 400 51.71 -5.08 -2.51
C ALA C 400 51.15 -6.47 -2.75
N PRO C 401 51.46 -7.48 -1.93
CA PRO C 401 50.77 -8.78 -2.10
C PRO C 401 49.26 -8.69 -1.95
N THR C 402 48.77 -7.84 -1.04
CA THR C 402 47.34 -7.68 -0.82
C THR C 402 47.09 -6.24 -0.38
N PRO C 403 45.84 -5.76 -0.46
CA PRO C 403 45.57 -4.37 -0.03
C PRO C 403 45.91 -4.10 1.43
N ALA C 404 45.74 -5.09 2.32
CA ALA C 404 46.02 -4.85 3.73
C ALA C 404 47.49 -4.52 3.97
N GLU C 405 48.38 -5.24 3.28
CA GLU C 405 49.81 -4.95 3.41
C GLU C 405 50.12 -3.56 2.86
N ALA C 406 49.48 -3.17 1.77
CA ALA C 406 49.66 -1.81 1.25
C ALA C 406 49.22 -0.77 2.25
N LYS C 407 48.09 -1.01 2.92
CA LYS C 407 47.60 -0.07 3.93
C LYS C 407 48.58 0.03 5.09
N THR C 408 49.11 -1.11 5.56
CA THR C 408 50.08 -1.08 6.65
C THR C 408 51.35 -0.36 6.24
N ALA C 409 51.80 -0.55 4.99
CA ALA C 409 52.98 0.14 4.52
C ALA C 409 52.74 1.64 4.45
N LEU C 410 51.57 2.05 3.97
CA LEU C 410 51.26 3.48 3.90
C LEU C 410 51.20 4.11 5.28
N VAL C 411 50.56 3.44 6.24
CA VAL C 411 50.35 4.04 7.55
C VAL C 411 51.66 4.15 8.31
N ALA C 412 52.50 3.12 8.26
CA ALA C 412 53.64 3.00 9.17
C ALA C 412 54.89 3.71 8.66
N ASN C 413 54.75 5.00 8.30
CA ASN C 413 55.89 5.82 7.95
C ASN C 413 55.46 7.28 7.82
N PRO C 414 56.32 8.26 8.09
CA PRO C 414 55.96 9.65 7.78
C PRO C 414 56.06 9.93 6.28
N TRP C 415 55.43 11.03 5.88
CA TRP C 415 55.40 11.48 4.49
C TRP C 415 55.76 12.96 4.42
N GLN C 416 56.40 13.34 3.32
CA GLN C 416 56.82 14.72 3.13
C GLN C 416 55.65 15.55 2.62
N LEU C 417 55.51 16.76 3.18
CA LEU C 417 54.40 17.63 2.80
C LEU C 417 54.51 18.07 1.34
N GLY C 418 55.72 18.38 0.89
CA GLY C 418 55.91 18.83 -0.48
C GLY C 418 55.58 20.30 -0.66
N ASN C 419 54.92 20.63 -1.77
CA ASN C 419 54.60 22.02 -2.10
C ASN C 419 53.26 22.48 -1.53
N VAL C 420 52.57 21.65 -0.75
CA VAL C 420 51.27 22.01 -0.18
C VAL C 420 51.39 22.59 1.22
N ALA C 421 52.55 22.48 1.87
CA ALA C 421 52.68 22.86 3.27
C ALA C 421 52.33 24.32 3.50
N ALA C 422 52.64 25.19 2.53
CA ALA C 422 52.32 26.61 2.68
C ALA C 422 50.83 26.81 2.92
N MET C 423 49.99 26.06 2.20
CA MET C 423 48.55 26.14 2.42
C MET C 423 48.20 25.82 3.86
N LEU C 424 48.86 24.81 4.44
CA LEU C 424 48.56 24.43 5.81
C LEU C 424 48.96 25.50 6.81
N GLU C 425 49.81 26.46 6.41
CA GLU C 425 50.08 27.59 7.29
C GLU C 425 48.80 28.36 7.63
N ARG C 426 47.85 28.41 6.69
CA ARG C 426 46.56 29.01 6.98
C ARG C 426 45.68 28.07 7.80
N ALA C 427 45.87 26.75 7.68
CA ALA C 427 45.00 25.78 8.32
C ALA C 427 45.44 25.40 9.73
N GLY C 428 46.51 26.00 10.24
CA GLY C 428 46.99 25.66 11.57
C GLY C 428 46.10 26.18 12.67
N ASP C 429 46.68 26.34 13.87
CA ASP C 429 45.99 26.89 15.04
C ASP C 429 44.87 25.98 15.55
N ASP C 430 44.86 24.71 15.15
CA ASP C 430 43.91 23.72 15.66
C ASP C 430 42.46 24.11 15.38
N ALA C 431 42.23 24.85 14.30
CA ALA C 431 40.88 25.30 13.98
C ALA C 431 40.04 24.19 13.37
N ALA C 432 40.65 23.29 12.60
CA ALA C 432 39.93 22.29 11.81
C ALA C 432 40.19 20.85 12.25
N ARG C 433 41.00 20.62 13.28
CA ARG C 433 41.28 19.26 13.68
C ARG C 433 40.04 18.65 14.34
N PRO C 434 39.67 17.40 14.01
CA PRO C 434 38.55 16.78 14.72
C PRO C 434 38.84 16.61 16.21
N GLU C 435 37.78 16.68 17.01
CA GLU C 435 37.94 16.58 18.46
C GLU C 435 38.46 15.21 18.87
N TRP C 436 37.93 14.15 18.26
CA TRP C 436 38.32 12.79 18.64
C TRP C 436 39.75 12.46 18.26
N LEU C 437 40.37 13.22 17.35
CA LEU C 437 41.70 12.88 16.88
C LEU C 437 42.74 13.12 17.98
N GLU C 438 43.76 12.26 18.03
CA GLU C 438 44.82 12.32 19.02
C GLU C 438 45.93 13.24 18.54
N PRO C 439 46.80 13.70 19.45
CA PRO C 439 47.94 14.53 19.02
C PRO C 439 49.02 13.75 18.27
N GLU C 440 49.01 12.42 18.33
CA GLU C 440 50.04 11.64 17.67
C GLU C 440 50.01 11.81 16.16
N PHE C 441 48.82 11.82 15.58
CA PHE C 441 48.66 11.90 14.14
C PHE C 441 48.65 13.36 13.69
N GLY C 442 48.45 13.59 12.40
CA GLY C 442 48.45 14.93 11.85
C GLY C 442 49.86 15.47 11.70
N VAL C 443 49.93 16.75 11.34
CA VAL C 443 51.22 17.40 11.12
C VAL C 443 51.90 17.59 12.47
N ARG C 444 53.11 17.05 12.60
CA ARG C 444 53.90 17.13 13.83
C ARG C 444 55.17 17.96 13.65
N ASP C 445 56.04 17.58 12.72
CA ASP C 445 57.32 18.24 12.50
C ASP C 445 57.57 18.41 11.01
N GLY C 446 56.55 18.84 10.27
CA GLY C 446 56.67 18.90 8.83
C GLY C 446 56.65 17.54 8.16
N LEU C 447 56.09 16.54 8.81
CA LEU C 447 55.98 15.18 8.27
C LEU C 447 54.61 14.64 8.66
N TYR C 448 53.73 14.51 7.68
CA TYR C 448 52.37 14.05 7.95
C TYR C 448 52.38 12.59 8.37
N TYR C 449 51.55 12.26 9.35
CA TYR C 449 51.30 10.89 9.80
C TYR C 449 49.87 10.51 9.45
N LEU C 450 49.70 9.40 8.76
CA LEU C 450 48.38 8.98 8.30
C LEU C 450 47.73 8.03 9.31
N THR C 451 46.40 7.98 9.24
CA THR C 451 45.60 7.04 10.01
C THR C 451 45.11 5.93 9.08
N GLU C 452 44.34 4.99 9.65
CA GLU C 452 43.85 3.87 8.85
C GLU C 452 42.81 4.33 7.84
N GLN C 453 41.85 5.13 8.28
CA GLN C 453 40.79 5.57 7.37
C GLN C 453 41.33 6.45 6.25
N GLN C 454 42.35 7.27 6.55
CA GLN C 454 42.98 8.05 5.49
C GLN C 454 43.66 7.14 4.46
N ALA C 455 44.31 6.07 4.93
CA ALA C 455 44.92 5.12 4.02
C ALA C 455 43.87 4.43 3.14
N GLN C 456 42.74 4.06 3.73
CA GLN C 456 41.67 3.45 2.94
C GLN C 456 41.14 4.43 1.91
N ALA C 457 40.94 5.70 2.30
CA ALA C 457 40.47 6.70 1.36
C ALA C 457 41.46 6.91 0.22
N ILE C 458 42.76 6.84 0.52
CA ILE C 458 43.77 6.91 -0.53
C ILE C 458 43.64 5.72 -1.46
N LEU C 459 43.44 4.53 -0.91
CA LEU C 459 43.31 3.34 -1.73
C LEU C 459 42.05 3.34 -2.58
N ASP C 460 41.04 4.12 -2.20
CA ASP C 460 39.78 4.22 -2.96
C ASP C 460 39.77 5.44 -3.89
N LEU C 461 40.92 5.78 -4.47
CA LEU C 461 41.05 6.95 -5.32
C LEU C 461 41.04 6.52 -6.78
N ARG C 462 40.25 7.22 -7.61
CA ARG C 462 40.14 6.91 -9.02
C ARG C 462 41.21 7.63 -9.82
N LEU C 463 41.59 7.03 -10.95
CA LEU C 463 42.59 7.66 -11.81
C LEU C 463 42.08 8.97 -12.40
N GLN C 464 40.76 9.09 -12.57
CA GLN C 464 40.18 10.30 -13.18
C GLN C 464 40.52 11.56 -12.40
N LYS C 465 40.84 11.45 -11.11
CA LYS C 465 41.18 12.58 -10.28
C LYS C 465 42.67 12.93 -10.35
N LEU C 466 43.39 12.47 -11.37
CA LEU C 466 44.77 12.88 -11.59
C LEU C 466 44.88 14.08 -12.54
N THR C 467 43.77 14.59 -13.06
CA THR C 467 43.80 15.74 -13.94
C THR C 467 43.85 17.04 -13.15
N GLY C 468 44.14 18.14 -13.85
CA GLY C 468 44.34 19.41 -13.18
C GLY C 468 43.08 19.95 -12.51
N LEU C 469 41.94 19.89 -13.22
CA LEU C 469 40.70 20.44 -12.68
C LEU C 469 40.29 19.71 -11.41
N GLU C 470 40.35 18.37 -11.44
CA GLU C 470 40.02 17.58 -10.26
C GLU C 470 41.02 17.80 -9.13
N HIS C 471 42.24 18.23 -9.45
CA HIS C 471 43.20 18.56 -8.40
C HIS C 471 42.91 19.92 -7.77
N GLU C 472 42.46 20.89 -8.56
CA GLU C 472 42.21 22.23 -8.03
C GLU C 472 40.89 22.31 -7.27
N LYS C 473 39.90 21.50 -7.65
CA LYS C 473 38.61 21.55 -6.96
C LYS C 473 38.77 21.18 -5.48
N LEU C 474 39.67 20.26 -5.16
CA LEU C 474 39.89 19.88 -3.77
C LEU C 474 40.41 21.07 -2.96
N LEU C 475 41.37 21.81 -3.50
CA LEU C 475 41.90 22.97 -2.80
C LEU C 475 40.84 24.03 -2.60
N ASP C 476 40.01 24.26 -3.63
CA ASP C 476 38.93 25.24 -3.48
C ASP C 476 37.95 24.82 -2.37
N GLU C 477 37.59 23.54 -2.34
CA GLU C 477 36.68 23.05 -1.32
C GLU C 477 37.26 23.21 0.08
N TYR C 478 38.56 22.92 0.23
CA TYR C 478 39.21 23.10 1.52
C TYR C 478 39.21 24.55 1.95
N LYS C 479 39.52 25.46 1.01
CA LYS C 479 39.58 26.88 1.34
C LYS C 479 38.23 27.41 1.80
N GLU C 480 37.14 26.99 1.15
CA GLU C 480 35.82 27.45 1.61
C GLU C 480 35.40 26.77 2.90
N LEU C 481 35.78 25.51 3.10
CA LEU C 481 35.42 24.82 4.34
C LEU C 481 36.03 25.50 5.56
N LEU C 482 37.25 26.02 5.42
CA LEU C 482 37.86 26.72 6.54
C LEU C 482 37.04 27.93 6.96
N ASP C 483 36.56 28.72 6.00
CA ASP C 483 35.73 29.88 6.32
C ASP C 483 34.41 29.46 6.95
N GLN C 484 33.82 28.37 6.46
CA GLN C 484 32.58 27.88 7.06
C GLN C 484 32.80 27.51 8.53
N ILE C 485 33.91 26.82 8.81
CA ILE C 485 34.22 26.44 10.19
C ILE C 485 34.38 27.69 11.06
N ALA C 486 35.07 28.70 10.52
CA ALA C 486 35.26 29.94 11.29
C ALA C 486 33.94 30.60 11.63
N GLU C 487 33.02 30.67 10.66
CA GLU C 487 31.73 31.30 10.92
C GLU C 487 30.92 30.51 11.95
N LEU C 488 30.93 29.18 11.86
CA LEU C 488 30.20 28.37 12.83
C LEU C 488 30.76 28.56 14.24
N LEU C 489 32.08 28.59 14.37
CA LEU C 489 32.68 28.82 15.69
C LEU C 489 32.31 30.19 16.22
N ARG C 490 32.31 31.20 15.36
CA ARG C 490 31.93 32.55 15.82
C ARG C 490 30.49 32.58 16.31
N ILE C 491 29.59 31.88 15.61
CA ILE C 491 28.19 31.82 16.06
C ILE C 491 28.11 31.15 17.42
N LEU C 492 28.84 30.05 17.60
CA LEU C 492 28.81 29.38 18.90
C LEU C 492 29.51 30.16 20.00
N GLY C 493 30.32 31.15 19.65
CA GLY C 493 31.14 31.84 20.65
C GLY C 493 30.46 32.92 21.44
N SER C 494 29.28 33.38 21.05
CA SER C 494 28.62 34.50 21.71
C SER C 494 27.12 34.34 21.64
N ALA C 495 26.42 35.18 22.39
CA ALA C 495 24.96 35.16 22.48
C ALA C 495 24.27 36.14 21.55
N ASP C 496 24.91 37.27 21.23
CA ASP C 496 24.27 38.25 20.35
C ASP C 496 24.07 37.71 18.95
N ARG C 497 25.06 36.95 18.45
CA ARG C 497 24.97 36.43 17.08
C ARG C 497 23.80 35.47 16.94
N LEU C 498 23.53 34.68 17.99
CA LEU C 498 22.39 33.77 17.97
C LEU C 498 21.08 34.54 17.80
N MET C 499 20.92 35.63 18.55
CA MET C 499 19.71 36.44 18.43
C MET C 499 19.62 37.12 17.08
N GLU C 500 20.75 37.55 16.51
CA GLU C 500 20.72 38.11 15.17
C GLU C 500 20.23 37.09 14.15
N VAL C 501 20.71 35.85 14.26
CA VAL C 501 20.27 34.80 13.34
C VAL C 501 18.77 34.55 13.50
N ILE C 502 18.29 34.52 14.73
CA ILE C 502 16.86 34.28 14.96
C ILE C 502 16.02 35.42 14.38
N ARG C 503 16.48 36.66 14.57
CA ARG C 503 15.76 37.80 14.00
C ARG C 503 15.72 37.74 12.48
N GLU C 504 16.84 37.36 11.86
CA GLU C 504 16.85 37.24 10.40
C GLU C 504 15.85 36.19 9.93
N GLU C 505 15.81 35.03 10.60
CA GLU C 505 14.88 33.99 10.19
C GLU C 505 13.43 34.44 10.35
N LEU C 506 13.11 35.11 11.47
CA LEU C 506 11.74 35.57 11.68
C LEU C 506 11.34 36.62 10.65
N GLU C 507 12.24 37.55 10.32
CA GLU C 507 11.93 38.55 9.32
C GLU C 507 11.69 37.91 7.96
N LEU C 508 12.50 36.91 7.60
CA LEU C 508 12.29 36.22 6.33
C LEU C 508 10.94 35.53 6.28
N VAL C 509 10.55 34.88 7.39
CA VAL C 509 9.25 34.21 7.44
C VAL C 509 8.12 35.23 7.28
N ARG C 510 8.25 36.37 7.97
CA ARG C 510 7.22 37.41 7.86
C ARG C 510 7.10 37.91 6.43
N GLU C 511 8.23 38.13 5.75
CA GLU C 511 8.18 38.59 4.38
C GLU C 511 7.52 37.56 3.47
N GLN C 512 7.84 36.28 3.66
CA GLN C 512 7.34 35.26 2.74
C GLN C 512 5.85 35.01 2.93
N PHE C 513 5.39 34.84 4.17
CA PHE C 513 4.06 34.30 4.45
C PHE C 513 3.11 35.31 5.10
N GLY C 514 3.42 36.60 5.03
CA GLY C 514 2.53 37.60 5.61
C GLY C 514 1.27 37.83 4.79
N ASP C 515 0.25 38.37 5.43
CA ASP C 515 -1.00 38.68 4.76
C ASP C 515 -1.74 39.76 5.55
N LYS C 516 -2.94 40.11 5.10
CA LYS C 516 -3.71 41.22 5.64
C LYS C 516 -4.76 40.73 6.63
N ARG C 517 -5.34 41.68 7.36
CA ARG C 517 -6.32 41.39 8.39
C ARG C 517 -7.72 41.31 7.82
N ARG C 518 -8.57 40.52 8.47
CA ARG C 518 -9.94 40.26 8.05
C ARG C 518 -10.98 40.73 9.06
N THR C 519 -10.87 40.32 10.31
CA THR C 519 -11.88 40.66 11.32
C THR C 519 -11.68 42.07 11.84
N GLU C 520 -12.79 42.76 12.08
CA GLU C 520 -12.80 44.12 12.60
C GLU C 520 -13.29 44.13 14.04
N ILE C 521 -12.56 44.83 14.90
CA ILE C 521 -12.87 44.94 16.32
C ILE C 521 -13.50 46.30 16.56
N THR C 522 -14.59 46.34 17.33
CA THR C 522 -15.32 47.57 17.61
C THR C 522 -15.70 47.62 19.09
N ALA C 523 -15.95 48.83 19.57
CA ALA C 523 -16.41 49.03 20.93
C ALA C 523 -17.91 48.72 21.04
N ASN C 524 -18.39 48.63 22.27
CA ASN C 524 -19.79 48.30 22.54
C ASN C 524 -20.73 49.35 21.95
N GLY D 406 -32.72 -9.36 18.14
CA GLY D 406 -31.60 -9.89 17.39
C GLY D 406 -30.27 -9.69 18.11
N LYS D 407 -29.19 -10.10 17.46
CA LYS D 407 -27.84 -9.97 18.03
C LYS D 407 -27.73 -10.72 19.35
N LEU D 408 -28.09 -12.00 19.31
CA LEU D 408 -27.98 -12.86 20.49
C LEU D 408 -27.98 -14.31 19.99
N ALA D 409 -26.84 -14.98 20.12
CA ALA D 409 -26.71 -16.39 19.78
C ALA D 409 -26.90 -17.18 21.08
N ASP D 410 -28.06 -17.80 21.22
CA ASP D 410 -28.42 -18.48 22.47
C ASP D 410 -27.92 -19.92 22.45
N CYS D 411 -27.94 -20.54 23.62
CA CYS D 411 -27.50 -21.91 23.82
C CYS D 411 -28.70 -22.86 23.85
N GLN D 412 -28.40 -24.15 23.88
CA GLN D 412 -29.42 -25.19 23.92
C GLN D 412 -29.76 -25.65 25.33
N GLU D 413 -28.87 -25.42 26.29
CA GLU D 413 -29.16 -25.76 27.67
C GLU D 413 -30.31 -24.90 28.19
N ARG D 414 -31.14 -25.50 29.05
CA ARG D 414 -32.27 -24.82 29.67
C ARG D 414 -32.15 -24.67 31.18
N ASP D 415 -31.38 -25.50 31.85
CA ASP D 415 -31.22 -25.36 33.29
C ASP D 415 -30.36 -24.14 33.59
N PRO D 416 -30.84 -23.15 34.42
CA PRO D 416 -30.03 -21.95 34.70
C PRO D 416 -29.02 -22.15 35.83
N ALA D 417 -28.26 -23.24 35.76
CA ALA D 417 -27.14 -23.46 36.67
C ALA D 417 -25.93 -24.07 35.97
N LEU D 418 -25.97 -24.23 34.64
CA LEU D 418 -24.84 -24.76 33.88
C LEU D 418 -24.61 -23.96 32.59
N SER D 419 -25.13 -22.74 32.51
CA SER D 419 -25.05 -21.91 31.32
C SER D 419 -24.01 -20.80 31.53
N GLU D 420 -23.68 -20.13 30.43
CA GLU D 420 -22.69 -19.05 30.45
C GLU D 420 -23.10 -17.99 29.45
N LEU D 421 -22.53 -16.79 29.61
CA LEU D 421 -22.80 -15.67 28.72
C LEU D 421 -21.53 -14.85 28.58
N TYR D 422 -21.19 -14.49 27.34
CA TYR D 422 -20.04 -13.68 27.01
C TYR D 422 -20.49 -12.37 26.38
N LEU D 423 -19.83 -11.27 26.76
CA LEU D 423 -20.16 -9.93 26.30
C LEU D 423 -18.96 -9.40 25.52
N VAL D 424 -18.89 -9.74 24.25
CA VAL D 424 -17.69 -9.50 23.44
C VAL D 424 -17.73 -8.08 22.88
N GLU D 425 -16.55 -7.49 22.71
CA GLU D 425 -16.40 -6.16 22.13
C GLU D 425 -16.21 -6.28 20.62
N GLY D 426 -16.99 -5.52 19.86
CA GLY D 426 -16.87 -5.48 18.42
C GLY D 426 -17.70 -6.57 17.75
N ASP D 427 -17.98 -6.34 16.47
CA ASP D 427 -18.80 -7.25 15.68
C ASP D 427 -18.00 -8.40 15.08
N SER D 428 -16.80 -8.12 14.57
CA SER D 428 -15.99 -9.19 13.98
C SER D 428 -15.54 -10.18 15.04
N ALA D 429 -15.17 -9.70 16.23
CA ALA D 429 -14.80 -10.58 17.32
C ALA D 429 -15.97 -11.46 17.75
N GLY D 430 -17.16 -10.88 17.80
CA GLY D 430 -18.34 -11.68 18.12
C GLY D 430 -18.62 -12.72 17.06
N GLY D 431 -18.46 -12.36 15.78
CA GLY D 431 -18.66 -13.32 14.72
C GLY D 431 -17.68 -14.48 14.79
N SER D 432 -16.41 -14.17 15.08
CA SER D 432 -15.43 -15.24 15.26
C SER D 432 -15.76 -16.10 16.46
N ALA D 433 -16.20 -15.48 17.57
CA ALA D 433 -16.49 -16.24 18.78
C ALA D 433 -17.70 -17.15 18.60
N LYS D 434 -18.68 -16.75 17.79
CA LYS D 434 -19.84 -17.59 17.57
C LYS D 434 -19.47 -18.91 16.92
N GLN D 435 -18.54 -18.89 15.96
CA GLN D 435 -18.13 -20.13 15.29
C GLN D 435 -17.41 -21.07 16.25
N GLY D 436 -16.40 -20.56 16.96
CA GLY D 436 -15.58 -21.37 17.83
C GLY D 436 -16.03 -21.40 19.28
N ARG D 437 -17.17 -22.05 19.57
CA ARG D 437 -17.69 -22.13 20.92
C ARG D 437 -18.44 -23.44 21.11
N ASN D 438 -18.52 -23.89 22.35
CA ASN D 438 -19.32 -25.06 22.69
C ASN D 438 -20.78 -24.66 22.62
N ARG D 439 -21.44 -25.03 21.51
CA ARG D 439 -22.78 -24.55 21.24
C ARG D 439 -23.83 -25.10 22.21
N LYS D 440 -23.48 -26.11 23.01
CA LYS D 440 -24.45 -26.69 23.93
C LYS D 440 -24.87 -25.70 25.01
N ASN D 441 -23.90 -25.09 25.69
CA ASN D 441 -24.16 -24.31 26.91
C ASN D 441 -23.31 -23.04 26.94
N GLN D 442 -23.27 -22.31 25.82
CA GLN D 442 -22.59 -21.03 25.77
C GLN D 442 -23.32 -20.10 24.81
N ALA D 443 -23.37 -18.81 25.17
CA ALA D 443 -24.08 -17.80 24.39
C ALA D 443 -23.18 -16.58 24.22
N ILE D 444 -23.51 -15.75 23.22
CA ILE D 444 -22.72 -14.59 22.84
C ILE D 444 -23.64 -13.39 22.74
N LEU D 445 -23.07 -12.20 22.95
CA LEU D 445 -23.81 -10.95 22.84
C LEU D 445 -22.83 -9.83 22.48
N PRO D 446 -22.60 -9.60 21.18
CA PRO D 446 -21.62 -8.57 20.79
C PRO D 446 -22.06 -7.17 21.20
N LEU D 447 -21.07 -6.33 21.48
CA LEU D 447 -21.26 -4.91 21.77
C LEU D 447 -20.56 -4.10 20.69
N LYS D 448 -21.30 -3.21 20.05
CA LYS D 448 -20.77 -2.53 18.87
C LYS D 448 -19.73 -1.48 19.23
N GLY D 449 -19.99 -0.69 20.28
CA GLY D 449 -19.09 0.39 20.67
C GLY D 449 -19.20 0.67 22.15
N LYS D 450 -19.20 1.96 22.49
CA LYS D 450 -19.34 2.36 23.88
C LYS D 450 -20.81 2.43 24.27
N ILE D 451 -21.07 2.24 25.57
CA ILE D 451 -22.43 2.13 26.10
C ILE D 451 -22.72 3.32 27.01
N LEU D 452 -23.94 3.38 27.54
CA LEU D 452 -24.40 4.51 28.32
C LEU D 452 -23.85 4.47 29.74
N ASN D 453 -23.64 5.66 30.31
CA ASN D 453 -23.23 5.82 31.71
C ASN D 453 -24.51 6.03 32.53
N VAL D 454 -24.91 5.00 33.28
CA VAL D 454 -26.18 5.06 34.00
C VAL D 454 -26.10 5.97 35.22
N GLU D 455 -24.90 6.25 35.72
CA GLU D 455 -24.78 7.15 36.86
C GLU D 455 -25.22 8.57 36.50
N LYS D 456 -24.84 9.04 35.31
CA LYS D 456 -25.16 10.39 34.86
C LYS D 456 -26.50 10.50 34.14
N ALA D 457 -27.14 9.38 33.80
CA ALA D 457 -28.34 9.38 32.99
C ALA D 457 -29.59 9.24 33.85
N ARG D 458 -30.74 9.45 33.23
CA ARG D 458 -32.05 9.33 33.86
C ARG D 458 -32.65 7.96 33.54
N PHE D 459 -33.64 7.58 34.35
CA PHE D 459 -34.26 6.27 34.19
C PHE D 459 -34.95 6.14 32.84
N ASP D 460 -35.61 7.21 32.39
CA ASP D 460 -36.30 7.17 31.11
C ASP D 460 -35.32 6.94 29.96
N LYS D 461 -34.18 7.62 29.99
CA LYS D 461 -33.19 7.41 28.94
C LYS D 461 -32.52 6.05 29.07
N MET D 462 -32.41 5.52 30.29
CA MET D 462 -31.91 4.16 30.46
C MET D 462 -32.84 3.15 29.79
N LEU D 463 -34.14 3.31 29.97
CA LEU D 463 -35.10 2.41 29.33
C LEU D 463 -35.25 2.68 27.83
N SER D 464 -34.90 3.88 27.37
CA SER D 464 -35.04 4.19 25.94
C SER D 464 -33.93 3.55 25.11
N SER D 465 -32.73 3.42 25.66
CA SER D 465 -31.60 2.93 24.88
C SER D 465 -31.82 1.47 24.47
N GLN D 466 -31.14 1.07 23.40
CA GLN D 466 -31.33 -0.24 22.79
C GLN D 466 -30.37 -1.30 23.33
N GLU D 467 -29.11 -0.93 23.59
CA GLU D 467 -28.14 -1.90 24.07
C GLU D 467 -28.49 -2.39 25.48
N VAL D 468 -28.74 -1.45 26.39
CA VAL D 468 -29.07 -1.84 27.75
C VAL D 468 -30.41 -2.55 27.80
N ALA D 469 -31.35 -2.17 26.92
CA ALA D 469 -32.63 -2.88 26.87
C ALA D 469 -32.42 -4.33 26.45
N THR D 470 -31.57 -4.57 25.45
CA THR D 470 -31.30 -5.94 25.03
C THR D 470 -30.61 -6.73 26.13
N LEU D 471 -29.67 -6.09 26.85
CA LEU D 471 -29.01 -6.78 27.95
C LEU D 471 -30.01 -7.14 29.05
N ILE D 472 -30.90 -6.21 29.39
CA ILE D 472 -31.89 -6.47 30.43
C ILE D 472 -32.81 -7.61 30.02
N THR D 473 -33.25 -7.61 28.76
CA THR D 473 -34.11 -8.69 28.28
C THR D 473 -33.38 -10.02 28.33
N ALA D 474 -32.11 -10.04 27.92
CA ALA D 474 -31.36 -11.29 27.88
C ALA D 474 -31.14 -11.85 29.28
N LEU D 475 -30.85 -10.99 30.26
CA LEU D 475 -30.55 -11.47 31.61
C LEU D 475 -31.77 -12.16 32.23
N GLY D 476 -32.96 -11.64 31.98
CA GLY D 476 -34.20 -12.28 32.37
C GLY D 476 -34.80 -11.79 33.67
N CYS D 477 -34.04 -11.06 34.49
CA CYS D 477 -34.57 -10.52 35.73
C CYS D 477 -35.37 -9.26 35.44
N GLY D 478 -35.90 -8.65 36.50
CA GLY D 478 -36.61 -7.40 36.37
C GLY D 478 -35.67 -6.20 36.36
N ILE D 479 -36.28 -5.02 36.34
CA ILE D 479 -35.54 -3.76 36.38
C ILE D 479 -36.26 -2.81 37.31
N GLY D 480 -35.49 -2.07 38.11
CA GLY D 480 -36.06 -1.13 39.05
C GLY D 480 -36.60 -1.80 40.29
N ARG D 481 -37.04 -0.97 41.23
CA ARG D 481 -37.58 -1.46 42.49
C ARG D 481 -39.01 -1.97 42.28
N ASP D 482 -39.39 -2.94 43.11
CA ASP D 482 -40.70 -3.60 43.12
C ASP D 482 -40.93 -4.50 41.92
N GLU D 483 -39.94 -4.67 41.04
CA GLU D 483 -40.02 -5.62 39.93
C GLU D 483 -38.78 -6.51 39.88
N TYR D 484 -37.64 -5.97 40.31
CA TYR D 484 -36.40 -6.73 40.30
C TYR D 484 -36.49 -7.94 41.22
N ASN D 485 -36.03 -9.09 40.73
CA ASN D 485 -36.12 -10.35 41.46
C ASN D 485 -34.95 -11.24 41.02
N PRO D 486 -33.85 -11.26 41.78
CA PRO D 486 -32.66 -11.98 41.30
C PRO D 486 -32.82 -13.49 41.23
N ASP D 487 -33.90 -14.06 41.77
CA ASP D 487 -34.08 -15.51 41.73
C ASP D 487 -34.34 -15.99 40.31
N LYS D 488 -35.02 -15.18 39.49
CA LYS D 488 -35.34 -15.55 38.11
C LYS D 488 -34.19 -15.17 37.18
N LEU D 489 -33.01 -15.74 37.46
CA LEU D 489 -31.78 -15.40 36.75
C LEU D 489 -31.41 -16.53 35.81
N ARG D 490 -31.25 -16.20 34.53
CA ARG D 490 -30.63 -17.05 33.54
C ARG D 490 -29.13 -16.74 33.49
N TYR D 491 -28.34 -17.71 33.03
CA TYR D 491 -26.90 -17.52 32.82
C TYR D 491 -26.21 -17.15 34.13
N HIS D 492 -26.11 -18.15 35.02
CA HIS D 492 -25.49 -17.93 36.33
C HIS D 492 -24.03 -17.47 36.24
N SER D 493 -23.35 -17.70 35.11
CA SER D 493 -21.99 -17.23 34.89
C SER D 493 -21.99 -16.14 33.84
N ILE D 494 -21.29 -15.04 34.11
CA ILE D 494 -21.19 -13.89 33.21
C ILE D 494 -19.71 -13.53 33.08
N ILE D 495 -19.25 -13.36 31.84
CA ILE D 495 -17.85 -13.08 31.53
C ILE D 495 -17.80 -11.87 30.61
N ILE D 496 -16.79 -11.01 30.80
CA ILE D 496 -16.71 -9.74 30.08
C ILE D 496 -15.92 -9.91 28.78
N MET D 497 -14.62 -10.19 28.90
CA MET D 497 -13.75 -10.41 27.73
C MET D 497 -13.75 -9.19 26.79
N THR D 498 -13.20 -8.10 27.30
CA THR D 498 -12.93 -6.91 26.50
C THR D 498 -11.50 -6.93 25.98
N ASP D 499 -11.18 -5.97 25.12
CA ASP D 499 -9.87 -5.85 24.53
C ASP D 499 -8.83 -5.46 25.59
N ALA D 500 -7.56 -5.41 25.19
CA ALA D 500 -6.44 -5.19 26.08
C ALA D 500 -5.79 -3.82 25.88
N ASP D 501 -6.60 -2.78 25.67
CA ASP D 501 -6.14 -1.41 25.53
C ASP D 501 -6.97 -0.52 26.44
N VAL D 502 -6.71 0.80 26.39
CA VAL D 502 -7.34 1.72 27.33
C VAL D 502 -8.85 1.77 27.13
N ASP D 503 -9.30 1.73 25.87
CA ASP D 503 -10.74 1.76 25.61
C ASP D 503 -11.44 0.52 26.15
N GLY D 504 -10.77 -0.63 26.09
CA GLY D 504 -11.32 -1.83 26.69
C GLY D 504 -11.53 -1.67 28.19
N SER D 505 -10.58 -1.03 28.87
CA SER D 505 -10.73 -0.81 30.31
C SER D 505 -11.85 0.18 30.60
N HIS D 506 -12.01 1.20 29.74
CA HIS D 506 -13.13 2.13 29.91
C HIS D 506 -14.46 1.41 29.79
N ILE D 507 -14.60 0.53 28.78
CA ILE D 507 -15.83 -0.23 28.61
C ILE D 507 -16.04 -1.15 29.80
N ARG D 508 -14.96 -1.74 30.33
CA ARG D 508 -15.06 -2.60 31.50
C ARG D 508 -15.59 -1.81 32.70
N THR D 509 -15.09 -0.60 32.90
CA THR D 509 -15.57 0.23 34.01
C THR D 509 -17.04 0.56 33.85
N LEU D 510 -17.47 0.87 32.62
CA LEU D 510 -18.88 1.18 32.41
C LEU D 510 -19.77 -0.03 32.73
N LEU D 511 -19.36 -1.22 32.28
CA LEU D 511 -20.14 -2.42 32.56
C LEU D 511 -20.20 -2.71 34.06
N LEU D 512 -19.07 -2.57 34.75
CA LEU D 512 -19.06 -2.81 36.19
C LEU D 512 -19.94 -1.81 36.92
N THR D 513 -19.94 -0.55 36.47
CA THR D 513 -20.81 0.46 37.06
C THR D 513 -22.27 0.06 36.91
N PHE D 514 -22.65 -0.38 35.70
CA PHE D 514 -24.03 -0.81 35.47
C PHE D 514 -24.40 -1.96 36.41
N PHE D 515 -23.57 -3.00 36.45
CA PHE D 515 -23.91 -4.18 37.26
C PHE D 515 -24.00 -3.84 38.74
N TYR D 516 -23.08 -3.02 39.24
CA TYR D 516 -23.09 -2.71 40.67
C TYR D 516 -24.23 -1.78 41.05
N ARG D 517 -24.55 -0.80 40.18
CA ARG D 517 -25.59 0.16 40.54
C ARG D 517 -26.98 -0.45 40.42
N GLN D 518 -27.24 -1.28 39.39
CA GLN D 518 -28.59 -1.77 39.13
C GLN D 518 -28.84 -3.18 39.67
N MET D 519 -27.80 -4.00 39.88
CA MET D 519 -27.96 -5.36 40.36
C MET D 519 -26.90 -5.67 41.41
N PRO D 520 -27.03 -5.09 42.62
CA PRO D 520 -26.04 -5.39 43.67
C PRO D 520 -26.00 -6.84 44.08
N GLU D 521 -27.14 -7.54 44.08
CA GLU D 521 -27.18 -8.92 44.55
C GLU D 521 -26.38 -9.82 43.64
N ILE D 522 -26.43 -9.58 42.33
CA ILE D 522 -25.69 -10.41 41.38
C ILE D 522 -24.20 -10.32 41.66
N VAL D 523 -23.69 -9.11 41.88
CA VAL D 523 -22.27 -8.94 42.17
C VAL D 523 -21.91 -9.53 43.52
N GLU D 524 -22.77 -9.35 44.53
CA GLU D 524 -22.45 -9.84 45.87
C GLU D 524 -22.45 -11.36 45.93
N ARG D 525 -23.30 -12.03 45.14
CA ARG D 525 -23.34 -13.49 45.15
C ARG D 525 -22.21 -14.12 44.34
N GLY D 526 -21.51 -13.36 43.50
CA GLY D 526 -20.37 -13.88 42.77
C GLY D 526 -20.73 -14.56 41.47
N HIS D 527 -21.41 -13.84 40.58
CA HIS D 527 -21.82 -14.34 39.27
C HIS D 527 -21.19 -13.54 38.12
N VAL D 528 -20.11 -12.81 38.37
CA VAL D 528 -19.47 -11.96 37.37
C VAL D 528 -17.99 -12.29 37.34
N TYR D 529 -17.44 -12.46 36.13
CA TYR D 529 -16.05 -12.83 35.92
C TYR D 529 -15.42 -11.93 34.88
N ILE D 530 -14.09 -11.93 34.85
CA ILE D 530 -13.29 -11.14 33.92
C ILE D 530 -12.32 -12.09 33.22
N ALA D 531 -12.26 -11.99 31.88
CA ALA D 531 -11.42 -12.85 31.07
C ALA D 531 -10.13 -12.12 30.69
N GLN D 532 -9.07 -12.91 30.49
CA GLN D 532 -7.72 -12.40 30.26
C GLN D 532 -7.11 -13.08 29.05
N PRO D 533 -7.39 -12.60 27.83
CA PRO D 533 -6.76 -13.17 26.65
C PRO D 533 -5.31 -12.77 26.53
N PRO D 534 -4.51 -13.46 25.72
CA PRO D 534 -3.08 -13.13 25.61
C PRO D 534 -2.85 -11.95 24.68
N LEU D 535 -1.58 -11.55 24.56
CA LEU D 535 -1.15 -10.46 23.70
C LEU D 535 -0.22 -10.93 22.58
N TYR D 536 0.83 -11.66 22.92
CA TYR D 536 1.83 -12.11 21.96
C TYR D 536 1.71 -13.61 21.73
N LYS D 537 2.15 -14.05 20.55
CA LYS D 537 2.34 -15.46 20.23
C LYS D 537 3.74 -15.63 19.67
N VAL D 538 4.46 -16.65 20.14
CA VAL D 538 5.84 -16.90 19.73
C VAL D 538 5.97 -18.33 19.25
N LYS D 539 6.71 -18.51 18.16
CA LYS D 539 6.99 -19.82 17.60
C LYS D 539 8.48 -19.91 17.24
N LYS D 540 9.05 -21.10 17.44
CA LYS D 540 10.46 -21.37 17.20
C LYS D 540 10.62 -22.68 16.45
N GLY D 541 9.84 -22.86 15.38
CA GLY D 541 9.89 -24.07 14.59
C GLY D 541 9.02 -25.18 15.15
N LYS D 542 9.33 -25.60 16.38
CA LYS D 542 8.58 -26.62 17.09
C LYS D 542 7.81 -26.04 18.28
N GLN D 543 8.50 -25.34 19.18
CA GLN D 543 7.82 -24.74 20.32
C GLN D 543 6.88 -23.65 19.86
N GLU D 544 5.75 -23.52 20.56
CA GLU D 544 4.77 -22.49 20.29
C GLU D 544 4.08 -22.15 21.60
N GLN D 545 3.89 -20.85 21.85
CA GLN D 545 3.20 -20.48 23.08
C GLN D 545 2.72 -19.04 23.03
N TYR D 546 1.70 -18.77 23.84
CA TYR D 546 1.16 -17.44 24.03
C TYR D 546 1.81 -16.77 25.24
N ILE D 547 1.96 -15.46 25.16
CA ILE D 547 2.58 -14.65 26.20
C ILE D 547 1.66 -13.48 26.50
N LYS D 548 1.41 -13.24 27.79
CA LYS D 548 0.59 -12.12 28.24
C LYS D 548 1.48 -10.94 28.61
N ASP D 549 1.01 -9.73 28.32
CA ASP D 549 1.65 -8.47 28.67
C ASP D 549 3.12 -8.43 28.24
N ASP D 550 3.90 -7.49 28.80
CA ASP D 550 5.28 -7.25 28.37
C ASP D 550 6.32 -7.82 29.31
N GLU D 551 6.01 -7.92 30.61
CA GLU D 551 6.98 -8.46 31.56
C GLU D 551 7.30 -9.92 31.23
N ALA D 552 6.27 -10.72 30.94
CA ALA D 552 6.50 -12.11 30.59
C ALA D 552 7.31 -12.24 29.31
N MET D 553 7.15 -11.29 28.38
CA MET D 553 7.97 -11.31 27.17
C MET D 553 9.44 -11.10 27.50
N ASP D 554 9.73 -10.18 28.43
CA ASP D 554 11.11 -9.98 28.85
C ASP D 554 11.67 -11.23 29.52
N GLN D 555 10.88 -11.86 30.39
CA GLN D 555 11.34 -13.09 31.03
C GLN D 555 11.63 -14.18 30.01
N TYR D 556 10.73 -14.34 29.04
CA TYR D 556 10.92 -15.36 28.00
C TYR D 556 12.15 -15.07 27.16
N GLN D 557 12.37 -13.80 26.80
CA GLN D 557 13.54 -13.43 26.01
C GLN D 557 14.82 -13.71 26.78
N ILE D 558 14.85 -13.36 28.07
CA ILE D 558 16.05 -13.60 28.88
C ILE D 558 16.31 -15.10 29.01
N SER D 559 15.26 -15.88 29.25
CA SER D 559 15.43 -17.33 29.38
C SER D 559 15.93 -17.95 28.08
N ILE D 560 15.40 -17.50 26.94
CA ILE D 560 15.87 -18.03 25.67
C ILE D 560 17.30 -17.62 25.41
N ALA D 561 17.70 -16.42 25.84
CA ALA D 561 19.07 -15.96 25.60
C ALA D 561 20.08 -16.85 26.31
N LEU D 562 19.79 -17.25 27.55
CA LEU D 562 20.67 -18.10 28.34
C LEU D 562 20.26 -19.58 28.26
N ASP D 563 19.64 -19.98 27.14
CA ASP D 563 19.18 -21.36 26.97
C ASP D 563 20.34 -22.19 26.45
N GLY D 564 21.03 -22.87 27.36
CA GLY D 564 22.14 -23.73 26.99
C GLY D 564 23.38 -22.96 26.57
N ALA D 565 24.55 -23.55 26.79
CA ALA D 565 25.84 -22.94 26.44
C ALA D 565 25.97 -21.63 27.24
N THR D 566 26.47 -20.56 26.64
CA THR D 566 26.66 -19.28 27.34
C THR D 566 27.58 -19.45 28.54
N LEU D 567 28.62 -20.27 28.39
CA LEU D 567 29.61 -20.48 29.44
C LEU D 567 30.62 -19.34 29.38
N HIS D 568 30.44 -18.34 30.22
CA HIS D 568 31.30 -17.16 30.18
C HIS D 568 32.72 -17.53 30.61
N THR D 569 33.69 -17.19 29.78
CA THR D 569 35.10 -17.47 30.03
C THR D 569 35.80 -16.17 30.39
N ASN D 570 36.44 -16.15 31.57
CA ASN D 570 37.07 -14.93 32.04
C ASN D 570 38.45 -14.73 31.40
N ALA D 571 39.39 -15.64 31.68
CA ALA D 571 40.77 -15.51 31.21
C ALA D 571 41.15 -16.60 30.22
N SER D 572 41.12 -17.88 30.64
CA SER D 572 41.48 -18.99 29.76
C SER D 572 40.30 -19.94 29.54
N ALA D 573 39.76 -20.54 30.59
CA ALA D 573 38.53 -21.31 30.47
C ALA D 573 37.89 -21.62 31.83
N PRO D 574 37.44 -20.62 32.61
CA PRO D 574 36.47 -20.91 33.67
C PRO D 574 35.10 -21.19 33.11
N ALA D 575 34.10 -21.37 33.98
CA ALA D 575 32.74 -21.63 33.53
C ALA D 575 31.78 -21.12 34.61
N LEU D 576 31.22 -19.93 34.37
CA LEU D 576 30.15 -19.45 35.25
C LEU D 576 28.95 -20.40 35.21
N ALA D 577 28.58 -20.84 34.02
CA ALA D 577 27.66 -21.96 33.81
C ALA D 577 26.29 -21.71 34.46
N GLY D 578 25.61 -20.69 33.95
CA GLY D 578 24.20 -20.54 34.26
C GLY D 578 23.87 -19.71 35.49
N GLU D 579 23.68 -20.40 36.62
CA GLU D 579 22.98 -19.82 37.77
C GLU D 579 23.68 -18.57 38.29
N ALA D 580 25.01 -18.61 38.42
CA ALA D 580 25.73 -17.40 38.83
C ALA D 580 25.56 -16.29 37.81
N LEU D 581 25.69 -16.63 36.52
CA LEU D 581 25.48 -15.65 35.47
C LEU D 581 24.03 -15.15 35.48
N GLU D 582 23.09 -16.04 35.76
CA GLU D 582 21.69 -15.63 35.84
C GLU D 582 21.48 -14.63 36.97
N LYS D 583 22.08 -14.87 38.13
CA LYS D 583 21.97 -13.94 39.24
C LYS D 583 22.58 -12.59 38.88
N LEU D 584 23.74 -12.61 38.23
CA LEU D 584 24.37 -11.35 37.82
C LEU D 584 23.48 -10.60 36.84
N VAL D 585 22.87 -11.31 35.89
CA VAL D 585 22.00 -10.67 34.90
C VAL D 585 20.78 -10.05 35.58
N SER D 586 20.18 -10.79 36.51
CA SER D 586 18.99 -10.27 37.19
C SER D 586 19.33 -9.04 38.03
N GLU D 587 20.47 -9.07 38.72
CA GLU D 587 20.89 -7.91 39.49
C GLU D 587 21.13 -6.70 38.58
N TYR D 588 21.78 -6.93 37.44
CA TYR D 588 22.03 -5.84 36.50
C TYR D 588 20.73 -5.25 35.98
N ASN D 589 19.77 -6.12 35.64
CA ASN D 589 18.48 -5.63 35.13
C ASN D 589 17.75 -4.83 36.20
N ALA D 590 17.76 -5.31 37.44
CA ALA D 590 17.09 -4.57 38.51
C ALA D 590 17.72 -3.21 38.73
N THR D 591 19.06 -3.16 38.74
CA THR D 591 19.73 -1.87 38.93
C THR D 591 19.46 -0.92 37.77
N GLN D 592 19.43 -1.44 36.54
CA GLN D 592 19.10 -0.58 35.40
C GLN D 592 17.68 -0.05 35.50
N LYS D 593 16.74 -0.89 35.93
CA LYS D 593 15.37 -0.44 36.10
C LYS D 593 15.28 0.65 37.16
N MET D 594 16.04 0.50 38.25
CA MET D 594 16.08 1.56 39.26
C MET D 594 16.68 2.85 38.68
N ILE D 595 17.73 2.72 37.87
CA ILE D 595 18.41 3.90 37.35
C ILE D 595 17.51 4.67 36.40
N ASN D 596 16.70 3.95 35.61
CA ASN D 596 15.90 4.63 34.59
C ASN D 596 14.86 5.56 35.21
N ARG D 597 14.41 5.29 36.43
CA ARG D 597 13.33 6.06 37.06
C ARG D 597 13.83 7.25 37.88
N MET D 598 15.06 7.73 37.61
CA MET D 598 15.57 8.93 38.27
C MET D 598 16.34 9.81 37.31
N GLU D 599 16.01 9.76 36.01
CA GLU D 599 16.66 10.64 35.04
C GLU D 599 16.32 12.10 35.29
N ARG D 600 15.16 12.37 35.88
CA ARG D 600 14.75 13.77 36.11
C ARG D 600 15.71 14.48 37.06
N ARG D 601 16.17 13.79 38.10
CA ARG D 601 16.95 14.42 39.15
C ARG D 601 18.45 14.45 38.87
N TYR D 602 18.97 13.53 38.05
CA TYR D 602 20.39 13.51 37.71
C TYR D 602 20.54 13.04 36.27
N PRO D 603 21.64 13.38 35.60
CA PRO D 603 21.85 12.86 34.24
C PRO D 603 22.09 11.36 34.23
N LYS D 604 21.71 10.74 33.11
CA LYS D 604 21.91 9.31 32.95
C LYS D 604 23.40 8.95 32.88
N ALA D 605 24.20 9.78 32.21
CA ALA D 605 25.61 9.48 32.03
C ALA D 605 26.34 9.41 33.37
N MET D 606 26.03 10.34 34.27
CA MET D 606 26.67 10.33 35.58
C MET D 606 26.35 9.06 36.33
N LEU D 607 25.07 8.67 36.36
CA LEU D 607 24.68 7.47 37.10
C LEU D 607 25.30 6.22 36.49
N LYS D 608 25.36 6.16 35.15
CA LYS D 608 25.99 5.01 34.51
C LYS D 608 27.49 4.95 34.80
N GLU D 609 28.15 6.10 34.87
CA GLU D 609 29.59 6.12 35.07
C GLU D 609 29.99 5.83 36.51
N LEU D 610 29.15 6.21 37.48
CA LEU D 610 29.54 6.06 38.89
C LEU D 610 29.71 4.61 39.30
N ILE D 611 29.11 3.66 38.56
CA ILE D 611 29.20 2.27 38.97
C ILE D 611 30.61 1.73 38.78
N TYR D 612 31.34 2.21 37.78
CA TYR D 612 32.66 1.66 37.47
C TYR D 612 33.77 2.26 38.34
N GLN D 613 33.58 3.47 38.83
CA GLN D 613 34.58 4.08 39.69
C GLN D 613 34.49 3.52 41.11
N PRO D 614 35.57 3.59 41.89
CA PRO D 614 35.55 2.96 43.22
C PRO D 614 34.61 3.67 44.18
N THR D 615 34.28 2.96 45.26
CA THR D 615 33.37 3.51 46.26
C THR D 615 33.99 4.72 46.95
N LEU D 616 33.15 5.69 47.28
CA LEU D 616 33.65 6.91 47.90
C LEU D 616 34.20 6.66 49.29
N THR D 617 33.56 5.77 50.06
CA THR D 617 33.96 5.45 51.43
C THR D 617 33.91 6.71 52.31
N GLU D 618 32.68 7.20 52.50
CA GLU D 618 32.45 8.41 53.26
C GLU D 618 32.93 8.31 54.70
N ALA D 619 33.04 7.09 55.24
CA ALA D 619 33.48 6.94 56.62
C ALA D 619 34.89 7.48 56.81
N ASP D 620 35.79 7.21 55.87
CA ASP D 620 37.18 7.65 55.94
C ASP D 620 37.46 8.88 55.08
N LEU D 621 36.43 9.52 54.53
CA LEU D 621 36.66 10.66 53.65
C LEU D 621 37.05 11.90 54.45
N SER D 622 36.15 12.39 55.29
CA SER D 622 36.38 13.54 56.16
C SER D 622 36.87 14.76 55.37
N ASP D 623 38.15 15.13 55.50
CA ASP D 623 38.71 16.30 54.81
C ASP D 623 40.10 15.99 54.28
N GLU D 624 40.26 14.81 53.68
CA GLU D 624 41.57 14.41 53.15
C GLU D 624 41.94 15.15 51.87
N GLN D 625 41.03 15.92 51.29
CA GLN D 625 41.24 16.64 50.03
C GLN D 625 41.52 15.68 48.86
N THR D 626 41.14 14.40 49.00
CA THR D 626 41.13 13.48 47.87
C THR D 626 39.86 13.59 47.05
N VAL D 627 38.84 14.29 47.56
CA VAL D 627 37.60 14.48 46.81
C VAL D 627 37.86 15.28 45.55
N THR D 628 38.81 16.21 45.59
CA THR D 628 39.15 16.98 44.39
C THR D 628 39.69 16.06 43.29
N ARG D 629 40.60 15.16 43.65
CA ARG D 629 41.12 14.22 42.66
C ARG D 629 40.02 13.29 42.17
N TRP D 630 39.11 12.89 43.07
CA TRP D 630 37.99 12.03 42.70
C TRP D 630 37.11 12.70 41.64
N VAL D 631 36.68 13.94 41.90
CA VAL D 631 35.79 14.61 40.96
C VAL D 631 36.54 14.95 39.68
N ASN D 632 37.83 15.26 39.77
CA ASN D 632 38.62 15.48 38.55
C ASN D 632 38.65 14.22 37.69
N ALA D 633 38.87 13.06 38.30
CA ALA D 633 38.86 11.82 37.54
C ALA D 633 37.50 11.56 36.91
N LEU D 634 36.42 11.79 37.67
CA LEU D 634 35.09 11.56 37.12
C LEU D 634 34.80 12.50 35.94
N VAL D 635 35.18 13.78 36.07
CA VAL D 635 34.92 14.73 35.00
C VAL D 635 35.75 14.40 33.77
N SER D 636 37.00 13.98 33.97
CA SER D 636 37.84 13.59 32.83
C SER D 636 37.24 12.38 32.13
N GLU D 637 36.74 11.41 32.89
CA GLU D 637 36.10 10.24 32.28
C GLU D 637 34.86 10.64 31.50
N LEU D 638 34.05 11.56 32.05
CA LEU D 638 32.86 12.01 31.32
C LEU D 638 33.24 12.74 30.04
N ASN D 639 34.25 13.60 30.09
CA ASN D 639 34.68 14.33 28.90
C ASN D 639 35.43 13.45 27.91
N ASP D 640 35.88 12.26 28.32
CA ASP D 640 36.60 11.38 27.41
C ASP D 640 35.72 10.96 26.23
N LYS D 641 34.63 10.25 26.51
CA LYS D 641 33.77 9.67 25.48
C LYS D 641 32.53 10.52 25.20
N GLU D 642 32.61 11.82 25.43
CA GLU D 642 31.50 12.70 25.10
C GLU D 642 31.35 12.79 23.58
N GLN D 643 30.09 12.73 23.11
CA GLN D 643 29.80 12.70 21.69
C GLN D 643 28.59 13.56 21.33
N HIS D 644 28.32 14.61 22.10
CA HIS D 644 27.20 15.51 21.81
C HIS D 644 27.53 16.98 22.08
N GLY D 645 28.79 17.33 22.30
CA GLY D 645 29.20 18.70 22.41
C GLY D 645 29.05 19.33 23.78
N SER D 646 28.47 18.62 24.74
CA SER D 646 28.36 19.17 26.08
C SER D 646 29.73 19.15 26.77
N GLN D 647 29.88 20.03 27.77
CA GLN D 647 31.11 20.14 28.53
C GLN D 647 30.80 20.08 30.02
N TRP D 648 31.81 19.68 30.80
CA TRP D 648 31.68 19.42 32.22
C TRP D 648 32.79 20.13 32.99
N LYS D 649 32.47 20.54 34.21
CA LYS D 649 33.43 21.14 35.14
C LYS D 649 33.06 20.71 36.55
N PHE D 650 33.91 21.06 37.51
CA PHE D 650 33.76 20.65 38.90
C PHE D 650 33.94 21.85 39.82
N ASP D 651 33.41 21.73 41.04
CA ASP D 651 33.65 22.75 42.05
C ASP D 651 33.54 22.11 43.43
N VAL D 652 34.30 22.65 44.38
CA VAL D 652 34.38 22.11 45.73
C VAL D 652 34.34 23.26 46.74
N HIS D 653 33.97 22.93 47.97
CA HIS D 653 34.06 23.88 49.07
C HIS D 653 33.96 23.09 50.38
N THR D 654 34.24 23.77 51.48
CA THR D 654 34.44 23.16 52.80
C THR D 654 33.52 23.80 53.84
N ASN D 655 32.22 23.85 53.52
CA ASN D 655 31.27 24.51 54.40
C ASN D 655 31.21 23.87 55.78
N ALA D 656 31.51 22.58 55.89
CA ALA D 656 31.44 21.85 57.15
C ALA D 656 32.70 21.00 57.29
N GLU D 657 32.69 20.10 58.27
CA GLU D 657 33.85 19.24 58.50
C GLU D 657 34.10 18.33 57.30
N GLN D 658 33.05 17.77 56.73
CA GLN D 658 33.14 16.96 55.52
C GLN D 658 32.98 17.88 54.32
N ASN D 659 33.98 17.88 53.44
CA ASN D 659 33.96 18.75 52.28
C ASN D 659 32.84 18.34 51.32
N LEU D 660 32.31 19.33 50.61
CA LEU D 660 31.24 19.15 49.64
C LEU D 660 31.73 19.53 48.25
N PHE D 661 31.14 18.90 47.24
CA PHE D 661 31.54 19.12 45.85
C PHE D 661 30.34 18.91 44.95
N GLU D 662 30.43 19.47 43.74
CA GLU D 662 29.35 19.31 42.77
C GLU D 662 29.93 19.48 41.36
N PRO D 663 29.37 18.79 40.36
CA PRO D 663 29.72 19.09 38.98
C PRO D 663 28.77 20.10 38.34
N ILE D 664 29.25 20.70 37.26
CA ILE D 664 28.48 21.62 36.44
C ILE D 664 28.57 21.12 35.00
N VAL D 665 27.45 21.17 34.28
CA VAL D 665 27.38 20.69 32.90
C VAL D 665 26.72 21.76 32.04
N ARG D 666 27.31 22.02 30.88
CA ARG D 666 26.71 22.85 29.84
C ARG D 666 26.36 21.92 28.69
N VAL D 667 25.08 21.89 28.32
CA VAL D 667 24.51 20.79 27.55
C VAL D 667 24.07 21.30 26.17
N ARG D 668 23.56 20.38 25.35
CA ARG D 668 23.22 20.70 23.95
C ARG D 668 22.27 21.88 23.83
N THR D 669 21.36 22.05 24.79
CA THR D 669 20.31 23.06 24.67
C THR D 669 20.79 24.48 24.96
N HIS D 670 22.09 24.70 25.15
CA HIS D 670 22.71 26.00 25.43
C HIS D 670 22.49 26.46 26.87
N GLY D 671 21.71 25.74 27.67
CA GLY D 671 21.51 26.06 29.07
C GLY D 671 22.48 25.29 29.93
N VAL D 672 22.79 25.85 31.10
CA VAL D 672 23.72 25.26 32.06
C VAL D 672 22.95 24.99 33.34
N ASP D 673 22.97 23.73 33.79
CA ASP D 673 22.37 23.38 35.07
C ASP D 673 23.33 23.78 36.18
N THR D 674 22.79 24.40 37.22
CA THR D 674 23.65 25.07 38.21
C THR D 674 24.54 24.07 38.95
N ASP D 675 24.04 22.88 39.28
CA ASP D 675 24.87 21.86 39.90
C ASP D 675 24.07 20.56 40.00
N TYR D 676 24.80 19.48 40.28
CA TYR D 676 24.21 18.20 40.66
C TYR D 676 24.96 17.68 41.89
N PRO D 677 24.79 18.33 43.04
CA PRO D 677 25.68 18.06 44.17
C PRO D 677 25.52 16.66 44.72
N LEU D 678 26.65 15.98 44.91
CA LEU D 678 26.69 14.65 45.54
C LEU D 678 26.83 14.84 47.05
N ASP D 679 25.78 15.40 47.64
CA ASP D 679 25.80 15.85 49.02
C ASP D 679 25.48 14.69 49.96
N HIS D 680 25.19 15.02 51.22
CA HIS D 680 25.01 14.01 52.26
C HIS D 680 23.85 13.07 51.92
N GLU D 681 22.75 13.62 51.41
CA GLU D 681 21.57 12.82 51.13
C GLU D 681 21.88 11.74 50.08
N PHE D 682 22.59 12.11 49.02
CA PHE D 682 22.87 11.16 47.95
C PHE D 682 23.84 10.09 48.41
N ILE D 683 24.92 10.49 49.11
CA ILE D 683 25.94 9.52 49.48
C ILE D 683 25.42 8.56 50.55
N THR D 684 24.63 9.06 51.50
CA THR D 684 24.14 8.20 52.56
C THR D 684 22.98 7.29 52.13
N GLY D 685 22.32 7.62 51.02
CA GLY D 685 21.16 6.85 50.61
C GLY D 685 21.52 5.43 50.20
N GLY D 686 20.52 4.55 50.29
CA GLY D 686 20.72 3.16 49.94
C GLY D 686 20.86 2.91 48.46
N GLU D 687 20.34 3.80 47.61
CA GLU D 687 20.47 3.63 46.17
C GLU D 687 21.94 3.61 45.77
N TYR D 688 22.71 4.58 46.27
CA TYR D 688 24.15 4.59 45.99
C TYR D 688 24.84 3.38 46.60
N ARG D 689 24.35 2.90 47.75
CA ARG D 689 24.94 1.72 48.37
C ARG D 689 24.78 0.49 47.50
N ARG D 690 23.59 0.29 46.94
CA ARG D 690 23.40 -0.87 46.06
C ARG D 690 24.07 -0.68 44.71
N ILE D 691 24.20 0.57 44.25
CA ILE D 691 24.98 0.84 43.05
C ILE D 691 26.42 0.40 43.26
N CYS D 692 27.00 0.76 44.41
CA CYS D 692 28.35 0.33 44.73
C CYS D 692 28.41 -1.18 44.93
N THR D 693 27.35 -1.79 45.47
CA THR D 693 27.34 -3.24 45.66
C THR D 693 27.43 -3.95 44.32
N LEU D 694 26.64 -3.50 43.33
CA LEU D 694 26.77 -4.07 41.99
C LEU D 694 28.13 -3.76 41.39
N GLY D 695 28.63 -2.53 41.59
CA GLY D 695 29.91 -2.17 41.01
C GLY D 695 31.04 -3.02 41.53
N GLU D 696 30.98 -3.43 42.80
CA GLU D 696 32.05 -4.23 43.39
C GLU D 696 32.20 -5.57 42.67
N LYS D 697 31.08 -6.22 42.37
CA LYS D 697 31.11 -7.42 41.56
C LYS D 697 31.31 -7.13 40.08
N LEU D 698 31.12 -5.88 39.65
CA LEU D 698 31.26 -5.48 38.25
C LEU D 698 32.45 -4.54 38.03
N ARG D 699 33.53 -4.76 38.77
CA ARG D 699 34.79 -4.07 38.50
C ARG D 699 35.47 -4.75 37.32
N GLY D 700 36.75 -4.49 37.11
CA GLY D 700 37.44 -5.04 35.96
C GLY D 700 37.68 -6.53 36.06
N LEU D 701 36.58 -7.29 36.01
CA LEU D 701 36.67 -8.75 36.05
C LEU D 701 37.23 -9.29 34.74
N LEU D 702 36.85 -8.69 33.62
CA LEU D 702 37.36 -9.13 32.33
C LEU D 702 38.84 -8.83 32.21
N GLU D 703 39.61 -9.81 31.77
CA GLU D 703 41.06 -9.68 31.65
C GLU D 703 41.40 -9.17 30.24
N GLU D 704 42.69 -9.24 29.89
CA GLU D 704 43.11 -8.78 28.56
C GLU D 704 42.47 -9.61 27.46
N ASP D 705 42.41 -10.93 27.64
CA ASP D 705 41.79 -11.84 26.69
C ASP D 705 40.52 -12.41 27.31
N ALA D 706 39.42 -12.30 26.59
CA ALA D 706 38.14 -12.80 27.07
C ALA D 706 37.21 -13.01 25.87
N PHE D 707 36.16 -13.80 26.10
CA PHE D 707 35.19 -14.08 25.05
C PHE D 707 33.92 -14.62 25.68
N ILE D 708 32.85 -14.59 24.89
CA ILE D 708 31.55 -15.13 25.29
C ILE D 708 31.29 -16.39 24.47
N GLU D 709 31.00 -17.49 25.17
CA GLU D 709 30.88 -18.81 24.53
C GLU D 709 29.41 -19.15 24.35
N ARG D 710 28.81 -18.54 23.33
CA ARG D 710 27.50 -18.99 22.88
C ARG D 710 27.62 -20.37 22.24
N GLY D 711 26.51 -21.10 22.21
CA GLY D 711 26.50 -22.45 21.67
C GLY D 711 27.02 -22.54 20.26
N GLU D 712 28.02 -23.41 20.06
CA GLU D 712 28.79 -23.57 18.83
C GLU D 712 29.11 -22.24 18.14
N ARG D 713 29.48 -21.24 18.93
CA ARG D 713 29.87 -19.93 18.42
C ARG D 713 30.83 -19.29 19.40
N ARG D 714 31.52 -18.25 18.95
CA ARG D 714 32.50 -17.57 19.77
C ARG D 714 32.68 -16.14 19.27
N GLN D 715 33.02 -15.25 20.19
CA GLN D 715 33.26 -13.85 19.89
C GLN D 715 34.08 -13.22 21.02
N PRO D 716 35.23 -12.58 20.76
CA PRO D 716 35.92 -11.89 21.85
C PRO D 716 35.27 -10.56 22.17
N VAL D 717 35.12 -10.29 23.48
CA VAL D 717 34.51 -9.08 23.98
C VAL D 717 35.31 -8.56 25.17
N ALA D 718 35.03 -7.31 25.55
CA ALA D 718 35.71 -6.68 26.67
C ALA D 718 34.75 -5.87 27.55
N SER D 719 33.46 -6.17 27.53
CA SER D 719 32.50 -5.49 28.37
C SER D 719 31.29 -6.39 28.56
N PHE D 720 30.54 -6.14 29.63
CA PHE D 720 29.37 -6.94 29.93
C PHE D 720 28.20 -6.59 29.01
N GLU D 721 28.02 -5.29 28.72
CA GLU D 721 26.92 -4.87 27.85
C GLU D 721 27.09 -5.45 26.44
N GLN D 722 28.31 -5.48 25.93
CA GLN D 722 28.55 -6.06 24.62
C GLN D 722 28.19 -7.54 24.59
N ALA D 723 28.57 -8.28 25.64
CA ALA D 723 28.24 -9.69 25.70
C ALA D 723 26.73 -9.91 25.76
N LEU D 724 26.03 -9.11 26.58
CA LEU D 724 24.58 -9.27 26.69
C LEU D 724 23.89 -8.95 25.36
N ASP D 725 24.31 -7.87 24.71
CA ASP D 725 23.69 -7.51 23.44
C ASP D 725 23.96 -8.56 22.38
N TRP D 726 25.17 -9.11 22.33
CA TRP D 726 25.47 -10.15 21.35
C TRP D 726 24.64 -11.41 21.63
N LEU D 727 24.51 -11.79 22.90
CA LEU D 727 23.68 -12.95 23.24
C LEU D 727 22.23 -12.74 22.82
N VAL D 728 21.68 -11.55 23.12
CA VAL D 728 20.29 -11.27 22.76
C VAL D 728 20.10 -11.30 21.25
N LYS D 729 21.04 -10.71 20.50
CA LYS D 729 20.90 -10.67 19.06
C LYS D 729 21.06 -12.06 18.44
N GLU D 730 21.89 -12.92 19.05
CA GLU D 730 22.03 -14.28 18.55
C GLU D 730 20.84 -15.15 18.90
N SER D 731 20.16 -14.89 20.00
CA SER D 731 19.04 -15.73 20.41
C SER D 731 17.80 -15.52 19.55
N ARG D 732 17.73 -14.44 18.78
CA ARG D 732 16.55 -14.10 17.97
C ARG D 732 16.72 -14.49 16.51
N ARG D 733 17.41 -15.59 16.23
CA ARG D 733 17.73 -15.94 14.85
C ARG D 733 16.53 -16.58 14.15
N GLY D 734 16.04 -17.71 14.67
CA GLY D 734 14.96 -18.45 14.05
C GLY D 734 13.64 -18.34 14.79
N LEU D 735 13.31 -17.14 15.25
CA LEU D 735 12.12 -16.89 16.07
C LEU D 735 11.10 -16.07 15.30
N SER D 736 9.82 -16.38 15.50
CA SER D 736 8.71 -15.68 14.87
C SER D 736 7.72 -15.22 15.93
N ILE D 737 7.25 -13.99 15.79
CA ILE D 737 6.40 -13.33 16.78
C ILE D 737 5.17 -12.76 16.08
N GLN D 738 4.02 -12.84 16.75
CA GLN D 738 2.79 -12.21 16.32
C GLN D 738 2.21 -11.41 17.48
N ARG D 739 1.71 -10.21 17.17
CA ARG D 739 1.12 -9.32 18.15
C ARG D 739 -0.32 -9.04 17.75
N TYR D 740 -1.25 -9.22 18.69
CA TYR D 740 -2.67 -9.04 18.44
C TYR D 740 -3.05 -7.59 18.73
N LYS D 741 -3.46 -6.86 17.69
CA LYS D 741 -3.94 -5.50 17.87
C LYS D 741 -5.35 -5.45 18.43
N GLY D 742 -6.11 -6.53 18.34
CA GLY D 742 -7.45 -6.58 18.90
C GLY D 742 -7.95 -8.00 18.92
N LEU D 743 -9.14 -8.18 19.49
CA LEU D 743 -9.77 -9.50 19.51
C LEU D 743 -10.17 -9.97 18.11
N GLY D 744 -10.33 -9.06 17.15
CA GLY D 744 -10.72 -9.44 15.81
C GLY D 744 -9.63 -10.05 14.96
N GLU D 745 -8.39 -10.05 15.45
CA GLU D 745 -7.27 -10.63 14.71
C GLU D 745 -7.11 -12.13 14.93
N MET D 746 -7.88 -12.73 15.83
CA MET D 746 -7.72 -14.13 16.21
C MET D 746 -8.75 -14.98 15.48
N ASN D 747 -8.30 -16.11 14.94
CA ASN D 747 -9.22 -17.07 14.34
C ASN D 747 -9.94 -17.85 15.45
N PRO D 748 -11.05 -18.52 15.12
CA PRO D 748 -11.87 -19.12 16.19
C PRO D 748 -11.16 -20.14 17.06
N GLU D 749 -10.22 -20.92 16.51
CA GLU D 749 -9.56 -21.95 17.30
C GLU D 749 -8.70 -21.34 18.41
N GLN D 750 -8.01 -20.25 18.12
CA GLN D 750 -7.21 -19.58 19.15
C GLN D 750 -8.10 -19.05 20.27
N LEU D 751 -9.23 -18.43 19.91
CA LEU D 751 -10.16 -17.94 20.91
C LEU D 751 -10.69 -19.08 21.77
N TRP D 752 -11.03 -20.20 21.14
CA TRP D 752 -11.53 -21.35 21.89
C TRP D 752 -10.49 -21.85 22.87
N GLU D 753 -9.26 -22.08 22.41
CA GLU D 753 -8.27 -22.70 23.28
C GLU D 753 -7.67 -21.73 24.30
N THR D 754 -7.87 -20.42 24.15
CA THR D 754 -7.30 -19.45 25.08
C THR D 754 -8.30 -18.79 26.02
N THR D 755 -9.59 -18.73 25.68
CA THR D 755 -10.56 -17.98 26.48
C THR D 755 -11.84 -18.73 26.80
N MET D 756 -12.23 -19.70 25.96
CA MET D 756 -13.53 -20.36 26.09
C MET D 756 -13.44 -21.83 26.48
N ASP D 757 -12.26 -22.42 26.49
CA ASP D 757 -12.12 -23.83 26.87
C ASP D 757 -12.18 -23.94 28.40
N PRO D 758 -13.08 -24.74 28.97
CA PRO D 758 -13.12 -24.83 30.45
C PRO D 758 -11.84 -25.35 31.07
N GLU D 759 -11.10 -26.22 30.40
CA GLU D 759 -9.95 -26.90 30.98
C GLU D 759 -8.62 -26.23 30.68
N SER D 760 -8.61 -25.08 29.99
CA SER D 760 -7.38 -24.35 29.76
C SER D 760 -7.52 -22.83 29.83
N ARG D 761 -8.69 -22.31 30.17
CA ARG D 761 -8.89 -20.86 30.25
C ARG D 761 -8.40 -20.33 31.60
N ARG D 762 -8.48 -19.02 31.75
CA ARG D 762 -8.10 -18.35 33.00
C ARG D 762 -8.96 -17.11 33.16
N MET D 763 -9.46 -16.90 34.38
CA MET D 763 -10.40 -15.81 34.65
C MET D 763 -10.17 -15.29 36.06
N LEU D 764 -10.85 -14.17 36.37
CA LEU D 764 -10.87 -13.58 37.69
C LEU D 764 -12.31 -13.41 38.14
N ARG D 765 -12.52 -13.54 39.45
CA ARG D 765 -13.83 -13.40 40.07
C ARG D 765 -13.91 -12.07 40.78
N VAL D 766 -15.01 -11.35 40.57
CA VAL D 766 -15.22 -10.02 41.14
C VAL D 766 -15.98 -10.17 42.46
N THR D 767 -15.49 -9.50 43.50
CA THR D 767 -16.12 -9.53 44.82
C THR D 767 -16.05 -8.14 45.44
N VAL D 768 -16.85 -7.95 46.49
CA VAL D 768 -16.96 -6.68 47.20
C VAL D 768 -16.37 -6.85 48.58
N LYS D 769 -15.48 -5.93 48.97
CA LYS D 769 -14.84 -5.96 50.29
C LYS D 769 -15.60 -5.12 51.30
N ASP D 770 -15.83 -3.84 50.98
CA ASP D 770 -16.58 -2.93 51.83
C ASP D 770 -17.58 -2.18 50.98
N ALA D 771 -18.73 -1.86 51.57
CA ALA D 771 -19.85 -1.28 50.83
C ALA D 771 -19.79 0.25 50.78
N ILE D 772 -19.58 0.90 51.93
CA ILE D 772 -19.59 2.36 51.96
C ILE D 772 -18.43 2.92 51.16
N ALA D 773 -17.24 2.29 51.26
CA ALA D 773 -16.09 2.76 50.49
C ALA D 773 -16.35 2.61 49.00
N ALA D 774 -16.92 1.48 48.58
CA ALA D 774 -17.23 1.28 47.17
C ALA D 774 -18.23 2.31 46.67
N ASP D 775 -19.27 2.59 47.46
CA ASP D 775 -20.25 3.58 47.05
C ASP D 775 -19.62 4.96 46.92
N GLN D 776 -18.76 5.33 47.88
CA GLN D 776 -18.09 6.63 47.79
C GLN D 776 -17.20 6.72 46.56
N LEU D 777 -16.45 5.66 46.27
CA LEU D 777 -15.57 5.69 45.10
C LEU D 777 -16.37 5.79 43.81
N PHE D 778 -17.46 5.03 43.70
CA PHE D 778 -18.28 5.09 42.51
C PHE D 778 -18.88 6.47 42.33
N THR D 779 -19.40 7.06 43.41
CA THR D 779 -19.98 8.40 43.30
C THR D 779 -18.93 9.42 42.92
N THR D 780 -17.72 9.31 43.48
CA THR D 780 -16.68 10.29 43.19
C THR D 780 -16.24 10.21 41.73
N LEU D 781 -16.01 9.00 41.22
CA LEU D 781 -15.45 8.87 39.88
C LEU D 781 -16.51 9.02 38.80
N MET D 782 -17.65 8.37 38.95
CA MET D 782 -18.66 8.30 37.90
C MET D 782 -19.77 9.35 38.06
N GLY D 783 -19.69 10.23 39.05
CA GLY D 783 -20.69 11.26 39.22
C GLY D 783 -20.54 12.38 38.22
N ASP D 784 -21.48 13.32 38.27
CA ASP D 784 -21.54 14.44 37.34
C ASP D 784 -21.11 15.75 38.02
N ALA D 785 -20.11 15.68 38.89
CA ALA D 785 -19.47 16.84 39.49
C ALA D 785 -18.00 16.80 39.11
N VAL D 786 -17.55 17.78 38.32
CA VAL D 786 -16.23 17.70 37.70
C VAL D 786 -15.12 17.88 38.74
N GLU D 787 -15.29 18.84 39.65
CA GLU D 787 -14.17 19.25 40.50
C GLU D 787 -13.67 18.14 41.43
N PRO D 788 -14.52 17.36 42.12
CA PRO D 788 -13.96 16.24 42.90
C PRO D 788 -13.18 15.24 42.07
N ARG D 789 -13.65 14.94 40.85
CA ARG D 789 -12.93 14.03 39.97
C ARG D 789 -11.58 14.61 39.57
N ARG D 790 -11.54 15.90 39.24
CA ARG D 790 -10.27 16.53 38.88
C ARG D 790 -9.30 16.51 40.04
N ALA D 791 -9.79 16.80 41.26
CA ALA D 791 -8.91 16.76 42.43
C ALA D 791 -8.40 15.36 42.69
N PHE D 792 -9.25 14.34 42.53
CA PHE D 792 -8.83 12.97 42.73
C PHE D 792 -7.75 12.57 41.72
N ILE D 793 -7.94 12.95 40.45
CA ILE D 793 -6.95 12.62 39.44
C ILE D 793 -5.63 13.34 39.72
N GLU D 794 -5.70 14.59 40.17
CA GLU D 794 -4.47 15.32 40.48
C GLU D 794 -3.75 14.73 41.68
N GLU D 795 -4.48 14.21 42.67
CA GLU D 795 -3.86 13.62 43.84
C GLU D 795 -2.98 12.43 43.47
N ASN D 796 -3.50 11.53 42.64
CA ASN D 796 -2.77 10.37 42.17
C ASN D 796 -2.03 10.62 40.85
N ALA D 797 -1.75 11.87 40.54
CA ALA D 797 -0.99 12.22 39.34
C ALA D 797 0.49 12.00 39.63
N LEU D 798 1.35 12.53 38.76
CA LEU D 798 2.79 12.31 38.89
C LEU D 798 3.37 12.88 40.18
N LYS D 799 2.66 13.79 40.86
CA LYS D 799 3.17 14.34 42.11
C LYS D 799 3.29 13.25 43.17
N ALA D 800 2.33 12.33 43.22
CA ALA D 800 2.39 11.19 44.13
C ALA D 800 3.10 9.98 43.53
N ALA D 801 3.48 10.04 42.25
CA ALA D 801 4.17 8.92 41.62
C ALA D 801 5.63 8.80 42.05
N ASN D 802 6.19 9.83 42.66
CA ASN D 802 7.59 9.79 43.12
C ASN D 802 7.66 8.97 44.40
N ILE D 803 7.66 7.66 44.22
CA ILE D 803 7.77 6.73 45.35
C ILE D 803 9.24 6.58 45.70
N ASP D 804 9.59 6.95 46.93
CA ASP D 804 10.97 6.90 47.39
C ASP D 804 11.47 5.50 47.65
N ILE D 805 10.59 4.49 47.63
CA ILE D 805 11.03 3.12 47.89
C ILE D 805 11.92 2.63 46.75
N GLU D 806 11.37 2.59 45.53
CA GLU D 806 12.11 2.17 44.34
C GLU D 806 12.70 0.77 44.51
N ASN D 807 11.89 -0.14 45.07
CA ASN D 807 12.32 -1.51 45.32
C ASN D 807 11.17 -2.48 45.07
#